data_1IVH
#
_entry.id   1IVH
#
_cell.length_a   94.000
_cell.length_b   97.700
_cell.length_c   181.700
_cell.angle_alpha   90.00
_cell.angle_beta   90.00
_cell.angle_gamma   90.00
#
_symmetry.space_group_name_H-M   'P 21 21 21'
#
loop_
_entity.id
_entity.type
_entity.pdbx_description
1 polymer 'ISOVALERYL-COA DEHYDROGENASE'
2 non-polymer 'FLAVIN-ADENINE DINUCLEOTIDE'
3 non-polymer 'COENZYME A PERSULFIDE'
4 water water
#
_entity_poly.entity_id   1
_entity_poly.type   'polypeptide(L)'
_entity_poly.pdbx_seq_one_letter_code
;HSLLPVDDAINGLSEEQRQLRQTMAKFLQEHLAPKAQEIDRSNEFKNLREFWKQLGNLGVLGITAPVQYGGSGLGYLEHV
LVMEEISRASGAVGLSYGAHSNLCINQLVRNGNEAQKEKYLPKLISGEYIGALAMSEPNAGSDVVSMKLKAEKKGNHYIL
NGNKFWITNGPDADVLIVYAKTDLAAVPASRGITAFIVEKGMPGFSTSKKLDKLGMRGSNTCELIFEDCKIPAANILGHE
NKGVYVLMSGLDLERLVLAGGPLGLMQAVLDHTIPYLHVREAFGQKIGHFQLMQGKMADMYTRLMACRQYVYNVAKACDE
GHCTAKDCAGVILYSAECATQVALDGIQCFGGNGYINDFPMGRFLRDAKLYEIGAGTSEVRRLVIGRAFNADFH
;
_entity_poly.pdbx_strand_id   A,B,C,D
#
loop_
_chem_comp.id
_chem_comp.type
_chem_comp.name
_chem_comp.formula
COS non-polymer 'COENZYME A PERSULFIDE' 'C21 H36 N7 O16 P3 S2'
FAD non-polymer 'FLAVIN-ADENINE DINUCLEOTIDE' 'C27 H33 N9 O15 P2'
#
# COMPACT_ATOMS: atom_id res chain seq x y z
N VAL A 6 0.92 4.26 -27.78
CA VAL A 6 0.22 5.52 -28.04
C VAL A 6 0.40 6.45 -26.85
N ASP A 7 0.68 7.72 -27.13
CA ASP A 7 0.85 8.66 -26.05
C ASP A 7 -0.09 9.85 -26.18
N ASP A 8 -1.23 9.73 -25.50
CA ASP A 8 -2.28 10.74 -25.52
C ASP A 8 -1.76 12.09 -25.02
N ALA A 9 -1.50 13.03 -25.93
CA ALA A 9 -1.01 14.33 -25.52
C ALA A 9 -2.08 15.25 -24.91
N ILE A 10 -2.84 14.60 -24.01
CA ILE A 10 -3.91 15.13 -23.15
C ILE A 10 -3.08 15.83 -22.05
N ASN A 11 -1.78 15.59 -22.16
CA ASN A 11 -0.72 16.12 -21.32
C ASN A 11 -0.69 17.63 -21.51
N GLY A 12 -1.28 18.10 -22.61
CA GLY A 12 -1.34 19.51 -22.90
C GLY A 12 -0.09 20.01 -23.60
N LEU A 13 0.44 19.18 -24.48
CA LEU A 13 1.65 19.54 -25.21
C LEU A 13 1.31 20.26 -26.51
N SER A 14 2.09 21.27 -26.87
CA SER A 14 1.85 22.02 -28.10
C SER A 14 2.24 21.14 -29.28
N GLU A 15 1.89 21.56 -30.50
CA GLU A 15 2.22 20.78 -31.70
C GLU A 15 3.74 20.52 -31.79
N GLU A 16 4.52 21.58 -31.58
CA GLU A 16 5.97 21.46 -31.65
C GLU A 16 6.52 20.44 -30.65
N GLN A 17 5.96 20.40 -29.45
CA GLN A 17 6.41 19.45 -28.44
C GLN A 17 5.96 18.04 -28.81
N ARG A 18 4.83 17.95 -29.51
CA ARG A 18 4.31 16.65 -29.95
C ARG A 18 5.27 16.16 -31.03
N GLN A 19 5.77 17.09 -31.82
CA GLN A 19 6.71 16.78 -32.90
C GLN A 19 8.03 16.33 -32.29
N LEU A 20 8.45 17.01 -31.22
CA LEU A 20 9.68 16.69 -30.55
C LEU A 20 9.63 15.24 -30.08
N ARG A 21 8.55 14.88 -29.39
CA ARG A 21 8.37 13.52 -28.90
C ARG A 21 8.34 12.50 -30.04
N GLN A 22 7.73 12.89 -31.14
CA GLN A 22 7.61 12.07 -32.32
C GLN A 22 9.00 11.76 -32.88
N THR A 23 9.75 12.83 -33.14
CA THR A 23 11.10 12.71 -33.67
C THR A 23 11.95 11.81 -32.80
N MET A 24 11.96 12.07 -31.50
CA MET A 24 12.72 11.27 -30.55
C MET A 24 12.31 9.81 -30.62
N ALA A 25 11.03 9.54 -30.37
CA ALA A 25 10.54 8.16 -30.38
C ALA A 25 10.95 7.37 -31.62
N LYS A 26 10.76 7.94 -32.80
CA LYS A 26 11.11 7.28 -34.04
C LYS A 26 12.62 7.02 -34.16
N PHE A 27 13.43 8.00 -33.76
CA PHE A 27 14.88 7.90 -33.79
C PHE A 27 15.35 6.82 -32.83
N LEU A 28 14.95 6.95 -31.58
CA LEU A 28 15.33 5.99 -30.54
C LEU A 28 14.83 4.58 -30.84
N GLN A 29 13.68 4.51 -31.51
CA GLN A 29 13.07 3.24 -31.90
C GLN A 29 14.04 2.39 -32.72
N GLU A 30 14.78 3.02 -33.63
CA GLU A 30 15.72 2.30 -34.48
C GLU A 30 17.21 2.39 -34.05
N HIS A 31 17.59 3.46 -33.35
CA HIS A 31 18.97 3.62 -32.93
C HIS A 31 19.36 3.21 -31.52
N LEU A 32 18.41 3.18 -30.60
CA LEU A 32 18.72 2.83 -29.23
C LEU A 32 17.97 1.61 -28.69
N ALA A 33 16.67 1.60 -28.90
CA ALA A 33 15.80 0.52 -28.42
C ALA A 33 16.26 -0.92 -28.67
N PRO A 34 16.77 -1.23 -29.88
CA PRO A 34 17.22 -2.60 -30.15
C PRO A 34 18.53 -2.98 -29.45
N LYS A 35 19.30 -1.97 -29.05
CA LYS A 35 20.58 -2.20 -28.36
C LYS A 35 20.42 -2.29 -26.85
N ALA A 36 19.36 -1.70 -26.32
CA ALA A 36 19.07 -1.65 -24.88
C ALA A 36 19.38 -2.92 -24.07
N GLN A 37 18.93 -4.08 -24.56
CA GLN A 37 19.18 -5.33 -23.84
C GLN A 37 20.69 -5.61 -23.76
N GLU A 38 21.40 -5.43 -24.88
CA GLU A 38 22.84 -5.68 -24.92
C GLU A 38 23.58 -4.71 -24.01
N ILE A 39 23.19 -3.45 -24.02
CA ILE A 39 23.82 -2.44 -23.19
C ILE A 39 23.78 -2.88 -21.74
N ASP A 40 22.58 -3.25 -21.28
CA ASP A 40 22.37 -3.69 -19.91
C ASP A 40 23.16 -4.93 -19.58
N ARG A 41 23.07 -5.93 -20.45
CA ARG A 41 23.75 -7.21 -20.28
C ARG A 41 25.27 -7.09 -20.23
N SER A 42 25.84 -6.28 -21.11
CA SER A 42 27.29 -6.07 -21.16
C SER A 42 27.74 -5.05 -20.12
N ASN A 43 26.80 -4.23 -19.65
CA ASN A 43 27.06 -3.17 -18.69
C ASN A 43 27.91 -2.14 -19.41
N GLU A 44 27.67 -2.00 -20.71
CA GLU A 44 28.47 -1.09 -21.49
C GLU A 44 27.79 -0.63 -22.77
N PHE A 45 27.87 0.67 -23.06
CA PHE A 45 27.29 1.24 -24.27
C PHE A 45 28.45 1.49 -25.24
N LYS A 46 28.66 0.53 -26.13
CA LYS A 46 29.75 0.58 -27.11
C LYS A 46 29.75 1.77 -28.08
N ASN A 47 28.56 2.24 -28.45
CA ASN A 47 28.45 3.35 -29.40
C ASN A 47 28.26 4.70 -28.71
N LEU A 48 28.50 4.76 -27.40
CA LEU A 48 28.30 5.99 -26.60
C LEU A 48 28.76 7.32 -27.20
N ARG A 49 30.00 7.40 -27.68
CA ARG A 49 30.51 8.66 -28.26
C ARG A 49 29.79 8.99 -29.57
N GLU A 50 29.50 7.94 -30.33
CA GLU A 50 28.80 8.05 -31.61
C GLU A 50 27.38 8.58 -31.39
N PHE A 51 26.68 7.94 -30.46
CA PHE A 51 25.32 8.27 -30.12
C PHE A 51 25.19 9.72 -29.68
N TRP A 52 26.09 10.16 -28.81
CA TRP A 52 26.05 11.53 -28.32
C TRP A 52 26.15 12.55 -29.41
N LYS A 53 26.86 12.19 -30.47
CA LYS A 53 27.01 13.09 -31.58
C LYS A 53 25.68 13.21 -32.30
N GLN A 54 24.98 12.10 -32.44
CA GLN A 54 23.68 12.07 -33.11
C GLN A 54 22.71 12.90 -32.27
N LEU A 55 22.74 12.66 -30.96
CA LEU A 55 21.90 13.38 -30.01
C LEU A 55 22.14 14.88 -30.15
N GLY A 56 23.40 15.26 -30.32
CA GLY A 56 23.74 16.65 -30.46
C GLY A 56 23.22 17.21 -31.78
N ASN A 57 23.25 16.37 -32.80
CA ASN A 57 22.77 16.75 -34.12
C ASN A 57 21.25 16.97 -34.08
N LEU A 58 20.55 16.20 -33.26
CA LEU A 58 19.12 16.35 -33.10
C LEU A 58 18.86 17.62 -32.29
N GLY A 59 19.86 18.03 -31.51
CA GLY A 59 19.76 19.22 -30.70
C GLY A 59 19.20 18.98 -29.30
N VAL A 60 19.14 17.72 -28.89
CA VAL A 60 18.59 17.38 -27.57
C VAL A 60 19.57 17.46 -26.40
N LEU A 61 20.86 17.54 -26.68
CA LEU A 61 21.88 17.62 -25.62
C LEU A 61 21.90 18.97 -24.90
N GLY A 62 21.85 20.05 -25.69
CA GLY A 62 21.82 21.39 -25.11
C GLY A 62 20.41 21.93 -25.28
N ILE A 63 19.44 21.07 -25.03
CA ILE A 63 18.03 21.41 -25.17
C ILE A 63 17.59 22.66 -24.39
N THR A 64 18.12 22.86 -23.20
CA THR A 64 17.79 24.04 -22.38
C THR A 64 18.92 25.08 -22.45
N ALA A 65 19.87 24.88 -23.36
CA ALA A 65 21.00 25.80 -23.50
C ALA A 65 20.78 26.86 -24.56
N PRO A 66 21.21 28.11 -24.28
CA PRO A 66 21.05 29.22 -25.21
C PRO A 66 21.48 28.92 -26.64
N VAL A 67 20.67 29.39 -27.57
CA VAL A 67 20.90 29.19 -29.00
C VAL A 67 22.23 29.80 -29.42
N GLN A 68 22.75 30.69 -28.57
CA GLN A 68 24.02 31.36 -28.82
C GLN A 68 25.17 30.35 -28.90
N TYR A 69 25.13 29.33 -28.05
CA TYR A 69 26.17 28.31 -28.01
C TYR A 69 25.75 27.08 -28.81
N GLY A 70 24.77 27.26 -29.69
CA GLY A 70 24.27 26.16 -30.49
C GLY A 70 23.24 25.34 -29.75
N GLY A 71 22.66 25.91 -28.69
CA GLY A 71 21.65 25.19 -27.94
C GLY A 71 20.30 25.35 -28.61
N SER A 72 19.30 24.64 -28.10
CA SER A 72 17.98 24.75 -28.68
C SER A 72 17.16 25.86 -28.02
N GLY A 73 17.61 26.30 -26.85
CA GLY A 73 16.92 27.37 -26.12
C GLY A 73 15.49 27.05 -25.74
N LEU A 74 15.24 25.81 -25.34
CA LEU A 74 13.90 25.38 -24.94
C LEU A 74 13.82 25.33 -23.41
N GLY A 75 12.74 24.74 -22.87
CA GLY A 75 12.59 24.66 -21.44
C GLY A 75 12.60 23.26 -20.84
N TYR A 76 12.44 23.18 -19.53
CA TYR A 76 12.45 21.90 -18.82
C TYR A 76 11.35 20.93 -19.21
N LEU A 77 10.20 21.43 -19.69
CA LEU A 77 9.11 20.56 -20.10
C LEU A 77 9.55 19.76 -21.32
N GLU A 78 10.26 20.41 -22.23
CA GLU A 78 10.75 19.68 -23.40
C GLU A 78 11.89 18.74 -22.97
N HIS A 79 12.68 19.19 -21.99
CA HIS A 79 13.80 18.42 -21.47
C HIS A 79 13.31 17.11 -20.86
N VAL A 80 12.21 17.17 -20.10
CA VAL A 80 11.64 15.97 -19.49
C VAL A 80 11.09 15.04 -20.56
N LEU A 81 10.56 15.62 -21.63
CA LEU A 81 10.02 14.86 -22.76
C LEU A 81 11.12 13.99 -23.38
N VAL A 82 12.26 14.61 -23.69
CA VAL A 82 13.40 13.89 -24.27
C VAL A 82 13.93 12.86 -23.28
N MET A 83 14.07 13.27 -22.03
CA MET A 83 14.54 12.40 -20.96
C MET A 83 13.67 11.15 -20.90
N GLU A 84 12.36 11.37 -20.85
CA GLU A 84 11.36 10.30 -20.79
C GLU A 84 11.42 9.35 -21.98
N GLU A 85 11.63 9.89 -23.17
CA GLU A 85 11.71 9.07 -24.39
C GLU A 85 13.01 8.27 -24.46
N ILE A 86 14.12 8.84 -24.00
CA ILE A 86 15.38 8.11 -24.00
C ILE A 86 15.30 7.02 -22.94
N SER A 87 14.69 7.34 -21.79
CA SER A 87 14.52 6.38 -20.70
C SER A 87 13.56 5.26 -21.09
N ARG A 88 12.70 5.56 -22.03
CA ARG A 88 11.73 4.60 -22.51
C ARG A 88 12.49 3.56 -23.33
N ALA A 89 13.43 4.01 -24.16
CA ALA A 89 14.24 3.12 -24.99
C ALA A 89 15.34 2.39 -24.18
N SER A 90 15.96 3.09 -23.23
CA SER A 90 17.00 2.52 -22.38
C SER A 90 17.19 3.35 -21.12
N GLY A 91 16.93 2.73 -19.98
CA GLY A 91 17.08 3.42 -18.71
C GLY A 91 18.48 3.94 -18.49
N ALA A 92 19.49 3.09 -18.75
CA ALA A 92 20.90 3.45 -18.57
C ALA A 92 21.28 4.70 -19.35
N VAL A 93 20.97 4.72 -20.65
CA VAL A 93 21.28 5.87 -21.51
C VAL A 93 20.50 7.11 -21.10
N GLY A 94 19.29 6.91 -20.58
CA GLY A 94 18.48 8.02 -20.13
C GLY A 94 19.19 8.71 -18.98
N LEU A 95 19.70 7.90 -18.05
CA LEU A 95 20.43 8.42 -16.89
C LEU A 95 21.70 9.16 -17.34
N SER A 96 22.44 8.56 -18.26
CA SER A 96 23.66 9.17 -18.78
C SER A 96 23.31 10.51 -19.41
N TYR A 97 22.24 10.51 -20.19
CA TYR A 97 21.76 11.72 -20.87
C TYR A 97 21.40 12.76 -19.83
N GLY A 98 20.76 12.31 -18.76
CA GLY A 98 20.35 13.19 -17.69
C GLY A 98 21.50 13.87 -16.99
N ALA A 99 22.61 13.17 -16.78
CA ALA A 99 23.79 13.73 -16.13
C ALA A 99 24.44 14.76 -17.06
N HIS A 100 24.57 14.38 -18.31
CA HIS A 100 25.17 15.24 -19.31
C HIS A 100 24.38 16.54 -19.52
N SER A 101 23.17 16.41 -20.04
CA SER A 101 22.34 17.56 -20.36
C SER A 101 21.91 18.47 -19.21
N ASN A 102 21.52 17.89 -18.08
CA ASN A 102 21.08 18.72 -16.97
C ASN A 102 22.12 18.97 -15.89
N LEU A 103 22.58 17.92 -15.23
CA LEU A 103 23.56 18.06 -14.16
C LEU A 103 24.75 18.89 -14.60
N CYS A 104 25.27 18.57 -15.78
CA CYS A 104 26.43 19.28 -16.31
C CYS A 104 26.06 20.52 -17.11
N ILE A 105 25.58 20.32 -18.33
CA ILE A 105 25.25 21.45 -19.19
C ILE A 105 24.39 22.54 -18.55
N ASN A 106 23.24 22.18 -18.02
CA ASN A 106 22.36 23.19 -17.42
C ASN A 106 23.03 23.95 -16.26
N GLN A 107 23.95 23.29 -15.56
CA GLN A 107 24.66 23.94 -14.45
C GLN A 107 25.61 24.99 -15.00
N LEU A 108 26.19 24.68 -16.16
CA LEU A 108 27.11 25.57 -16.82
C LEU A 108 26.42 26.81 -17.36
N VAL A 109 25.25 26.64 -17.97
CA VAL A 109 24.54 27.78 -18.53
C VAL A 109 24.08 28.72 -17.43
N ARG A 110 23.81 28.15 -16.25
CA ARG A 110 23.33 28.94 -15.13
C ARG A 110 24.37 29.70 -14.33
N ASN A 111 25.49 29.06 -14.03
CA ASN A 111 26.52 29.72 -13.21
C ASN A 111 27.84 30.04 -13.90
N GLY A 112 28.04 29.50 -15.10
CA GLY A 112 29.27 29.79 -15.83
C GLY A 112 29.29 31.20 -16.37
N ASN A 113 30.47 31.77 -16.55
CA ASN A 113 30.56 33.12 -17.11
C ASN A 113 30.69 32.99 -18.62
N GLU A 114 30.73 34.11 -19.34
CA GLU A 114 30.83 34.06 -20.79
C GLU A 114 31.96 33.18 -21.30
N ALA A 115 33.12 33.29 -20.65
CA ALA A 115 34.31 32.53 -21.01
C ALA A 115 34.08 31.02 -20.88
N GLN A 116 33.69 30.59 -19.69
CA GLN A 116 33.43 29.19 -19.38
C GLN A 116 32.40 28.59 -20.33
N LYS A 117 31.34 29.33 -20.60
CA LYS A 117 30.29 28.87 -21.48
C LYS A 117 30.83 28.66 -22.88
N GLU A 118 31.48 29.69 -23.40
CA GLU A 118 32.05 29.64 -24.74
C GLU A 118 33.03 28.50 -24.89
N LYS A 119 33.87 28.34 -23.89
CA LYS A 119 34.89 27.31 -23.90
C LYS A 119 34.35 25.89 -23.83
N TYR A 120 33.37 25.68 -22.96
CA TYR A 120 32.81 24.35 -22.73
C TYR A 120 31.51 23.97 -23.42
N LEU A 121 30.50 24.84 -23.31
CA LEU A 121 29.19 24.58 -23.89
C LEU A 121 29.11 23.97 -25.29
N PRO A 122 29.69 24.66 -26.30
CA PRO A 122 29.67 24.17 -27.69
C PRO A 122 29.98 22.68 -27.89
N LYS A 123 31.05 22.19 -27.26
CA LYS A 123 31.39 20.79 -27.42
C LYS A 123 30.50 19.88 -26.59
N LEU A 124 29.95 20.41 -25.49
CA LEU A 124 29.06 19.64 -24.65
C LEU A 124 27.74 19.48 -25.42
N ILE A 125 27.31 20.58 -26.03
CA ILE A 125 26.07 20.65 -26.79
C ILE A 125 26.11 19.81 -28.06
N SER A 126 27.29 19.67 -28.65
CA SER A 126 27.43 18.90 -29.88
C SER A 126 27.61 17.41 -29.66
N GLY A 127 27.97 17.01 -28.44
CA GLY A 127 28.18 15.61 -28.15
C GLY A 127 29.65 15.19 -28.22
N GLU A 128 30.51 16.13 -28.62
CA GLU A 128 31.95 15.88 -28.73
C GLU A 128 32.56 15.68 -27.36
N TYR A 129 31.98 16.34 -26.36
CA TYR A 129 32.42 16.22 -24.98
C TYR A 129 31.27 15.58 -24.24
N ILE A 130 31.60 14.81 -23.21
CA ILE A 130 30.58 14.22 -22.38
C ILE A 130 30.74 14.96 -21.06
N GLY A 131 29.65 15.13 -20.32
CA GLY A 131 29.73 15.84 -19.06
C GLY A 131 29.29 15.00 -17.88
N ALA A 132 29.66 15.45 -16.69
CA ALA A 132 29.29 14.75 -15.47
C ALA A 132 29.35 15.73 -14.32
N LEU A 133 28.70 15.38 -13.22
CA LEU A 133 28.68 16.23 -12.04
C LEU A 133 29.02 15.38 -10.82
N ALA A 134 30.00 15.83 -10.05
CA ALA A 134 30.44 15.11 -8.88
C ALA A 134 30.30 15.91 -7.59
N MET A 135 29.55 15.34 -6.66
CA MET A 135 29.32 15.97 -5.36
C MET A 135 29.29 14.88 -4.30
N SER A 136 28.86 13.69 -4.69
CA SER A 136 28.76 12.57 -3.78
C SER A 136 30.11 11.92 -3.53
N GLU A 137 30.30 11.46 -2.30
CA GLU A 137 31.53 10.82 -1.87
C GLU A 137 31.18 9.56 -1.10
N PRO A 138 32.18 8.70 -0.84
CA PRO A 138 31.93 7.45 -0.10
C PRO A 138 31.33 7.69 1.28
N ASN A 139 31.45 8.92 1.78
CA ASN A 139 30.89 9.23 3.09
C ASN A 139 30.10 10.52 3.09
N ALA A 140 29.50 10.80 1.93
CA ALA A 140 28.69 12.00 1.76
C ALA A 140 27.76 11.77 0.56
N GLY A 141 26.62 11.14 0.84
CA GLY A 141 25.63 10.88 -0.20
C GLY A 141 24.42 11.76 0.09
N SER A 142 23.64 11.36 1.09
CA SER A 142 22.48 12.13 1.50
C SER A 142 23.00 13.38 2.21
N ASP A 143 24.04 13.19 3.02
CA ASP A 143 24.66 14.29 3.75
C ASP A 143 25.79 14.80 2.87
N VAL A 144 25.42 15.48 1.78
CA VAL A 144 26.36 16.00 0.82
C VAL A 144 27.26 17.11 1.35
N VAL A 145 26.75 17.91 2.28
CA VAL A 145 27.53 19.01 2.83
C VAL A 145 28.72 18.55 3.68
N SER A 146 28.77 17.27 4.02
CA SER A 146 29.89 16.76 4.81
C SER A 146 30.99 16.19 3.89
N MET A 147 31.03 16.68 2.66
CA MET A 147 32.03 16.28 1.68
C MET A 147 33.43 16.67 2.21
N LYS A 148 34.42 15.82 1.96
CA LYS A 148 35.78 16.04 2.43
C LYS A 148 36.83 16.30 1.35
N LEU A 149 36.43 16.53 0.11
CA LEU A 149 37.42 16.77 -0.93
C LEU A 149 38.02 18.14 -0.72
N LYS A 150 39.29 18.16 -0.31
CA LYS A 150 40.06 19.37 -0.02
C LYS A 150 40.52 20.10 -1.30
N ALA A 151 40.47 21.43 -1.26
CA ALA A 151 40.89 22.28 -2.36
C ALA A 151 41.77 23.40 -1.76
N GLU A 152 43.08 23.19 -1.78
CA GLU A 152 44.02 24.18 -1.24
C GLU A 152 44.35 25.27 -2.26
N LYS A 153 44.19 26.52 -1.88
CA LYS A 153 44.49 27.61 -2.81
C LYS A 153 45.96 27.99 -2.79
N LYS A 154 46.67 27.61 -3.85
CA LYS A 154 48.09 27.92 -3.97
C LYS A 154 48.27 28.95 -5.07
N GLY A 155 48.22 30.22 -4.69
CA GLY A 155 48.37 31.29 -5.67
C GLY A 155 47.14 31.46 -6.54
N ASN A 156 47.28 31.19 -7.82
CA ASN A 156 46.18 31.32 -8.77
C ASN A 156 45.76 29.89 -9.17
N HIS A 157 45.88 28.98 -8.21
CA HIS A 157 45.56 27.59 -8.42
C HIS A 157 44.99 27.01 -7.14
N TYR A 158 44.34 25.87 -7.29
CA TYR A 158 43.75 25.14 -6.19
C TYR A 158 44.24 23.72 -6.37
N ILE A 159 44.67 23.12 -5.27
CA ILE A 159 45.18 21.76 -5.31
C ILE A 159 44.15 20.88 -4.66
N LEU A 160 43.50 20.07 -5.45
CA LEU A 160 42.48 19.18 -4.93
C LEU A 160 43.07 17.82 -4.56
N ASN A 161 42.64 17.33 -3.40
CA ASN A 161 43.09 16.04 -2.89
C ASN A 161 41.90 15.34 -2.27
N GLY A 162 41.69 14.08 -2.63
CA GLY A 162 40.54 13.35 -2.12
C GLY A 162 39.84 12.64 -3.25
N ASN A 163 38.64 12.11 -3.00
CA ASN A 163 37.91 11.38 -4.02
C ASN A 163 36.39 11.56 -4.00
N LYS A 164 35.77 11.31 -5.15
CA LYS A 164 34.33 11.41 -5.32
C LYS A 164 33.85 10.01 -5.64
N PHE A 165 32.59 9.74 -5.33
CA PHE A 165 32.06 8.42 -5.60
C PHE A 165 30.67 8.46 -6.25
N TRP A 166 30.32 7.37 -6.95
CA TRP A 166 29.03 7.23 -7.62
C TRP A 166 28.84 8.18 -8.80
N ILE A 167 29.91 8.62 -9.46
CA ILE A 167 29.75 9.55 -10.57
C ILE A 167 29.35 8.96 -11.93
N THR A 168 28.14 9.29 -12.36
CA THR A 168 27.59 8.86 -13.64
C THR A 168 28.39 9.53 -14.74
N ASN A 169 28.77 8.77 -15.76
CA ASN A 169 29.57 9.28 -16.88
C ASN A 169 30.95 9.66 -16.39
N GLY A 170 31.33 9.13 -15.23
CA GLY A 170 32.62 9.43 -14.66
C GLY A 170 33.78 9.16 -15.60
N PRO A 171 33.98 7.91 -16.00
CA PRO A 171 35.07 7.54 -16.89
C PRO A 171 34.94 7.98 -18.35
N ASP A 172 33.97 8.83 -18.66
CA ASP A 172 33.79 9.28 -20.03
C ASP A 172 33.75 10.79 -20.11
N ALA A 173 33.51 11.44 -18.98
CA ALA A 173 33.42 12.88 -18.97
C ALA A 173 34.72 13.56 -19.34
N ASP A 174 34.64 14.51 -20.27
CA ASP A 174 35.78 15.28 -20.71
C ASP A 174 35.79 16.54 -19.86
N VAL A 175 34.62 16.91 -19.37
CA VAL A 175 34.48 18.08 -18.52
C VAL A 175 33.64 17.62 -17.33
N LEU A 176 33.99 18.06 -16.12
CA LEU A 176 33.27 17.65 -14.93
C LEU A 176 33.11 18.80 -13.96
N ILE A 177 31.95 18.85 -13.29
CA ILE A 177 31.68 19.88 -12.30
C ILE A 177 31.84 19.22 -10.93
N VAL A 178 32.93 19.55 -10.25
CA VAL A 178 33.21 18.96 -8.94
C VAL A 178 33.09 19.96 -7.80
N TYR A 179 32.50 19.51 -6.70
CA TYR A 179 32.34 20.36 -5.53
C TYR A 179 33.41 19.95 -4.54
N ALA A 180 34.12 20.94 -3.99
CA ALA A 180 35.17 20.66 -3.04
C ALA A 180 35.14 21.66 -1.89
N LYS A 181 35.64 21.23 -0.74
CA LYS A 181 35.70 22.07 0.44
C LYS A 181 36.92 23.00 0.40
N THR A 182 36.71 24.27 0.08
CA THR A 182 37.80 25.23 0.04
C THR A 182 38.04 25.76 1.45
N ASP A 183 37.00 25.76 2.28
CA ASP A 183 37.14 26.24 3.65
C ASP A 183 36.63 25.19 4.62
N LEU A 184 37.48 24.21 4.92
CA LEU A 184 37.12 23.14 5.84
C LEU A 184 36.85 23.57 7.27
N ALA A 185 37.08 24.84 7.58
CA ALA A 185 36.83 25.33 8.93
C ALA A 185 35.72 26.39 8.94
N ALA A 186 34.91 26.40 7.89
CA ALA A 186 33.80 27.35 7.78
C ALA A 186 32.86 27.12 8.97
N VAL A 187 32.42 28.21 9.61
CA VAL A 187 31.52 28.09 10.77
C VAL A 187 30.40 27.17 10.33
N PRO A 188 29.59 27.58 9.35
CA PRO A 188 28.55 26.63 8.94
C PRO A 188 29.27 25.92 7.78
N ALA A 189 29.47 24.61 7.88
CA ALA A 189 30.18 23.85 6.85
C ALA A 189 29.81 24.21 5.41
N SER A 190 28.53 24.56 5.19
CA SER A 190 28.06 24.93 3.85
C SER A 190 28.80 26.12 3.24
N ARG A 191 29.40 26.93 4.09
CA ARG A 191 30.13 28.10 3.61
C ARG A 191 31.59 27.80 3.28
N GLY A 192 31.92 26.52 3.11
CA GLY A 192 33.29 26.17 2.79
C GLY A 192 33.38 25.34 1.53
N ILE A 193 32.39 25.42 0.66
CA ILE A 193 32.39 24.64 -0.58
C ILE A 193 32.48 25.48 -1.83
N THR A 194 33.20 24.97 -2.83
CA THR A 194 33.38 25.64 -4.11
C THR A 194 33.22 24.61 -5.21
N ALA A 195 32.68 25.04 -6.33
CA ALA A 195 32.47 24.17 -7.48
C ALA A 195 33.58 24.47 -8.48
N PHE A 196 34.14 23.42 -9.07
CA PHE A 196 35.23 23.58 -10.02
C PHE A 196 34.92 22.81 -11.29
N ILE A 197 35.45 23.28 -12.40
CA ILE A 197 35.28 22.64 -13.70
C ILE A 197 36.59 21.89 -13.99
N VAL A 198 36.59 20.57 -13.78
CA VAL A 198 37.79 19.79 -14.03
C VAL A 198 37.66 19.25 -15.44
N GLU A 199 38.79 18.89 -16.05
CA GLU A 199 38.80 18.37 -17.40
C GLU A 199 39.56 17.05 -17.43
N LYS A 200 39.26 16.23 -18.42
CA LYS A 200 39.91 14.95 -18.62
C LYS A 200 41.38 15.24 -18.96
N GLY A 201 42.30 14.53 -18.32
CA GLY A 201 43.71 14.76 -18.61
C GLY A 201 44.46 15.65 -17.63
N MET A 202 43.76 16.35 -16.75
CA MET A 202 44.41 17.20 -15.75
C MET A 202 45.26 16.29 -14.87
N PRO A 203 46.54 16.66 -14.65
CA PRO A 203 47.44 15.87 -13.82
C PRO A 203 46.92 15.74 -12.40
N GLY A 204 46.87 14.52 -11.91
CA GLY A 204 46.38 14.28 -10.56
C GLY A 204 44.97 13.68 -10.55
N PHE A 205 44.17 14.07 -11.54
CA PHE A 205 42.79 13.60 -11.70
C PHE A 205 42.81 12.24 -12.41
N SER A 206 42.23 11.25 -11.75
CA SER A 206 42.18 9.87 -12.24
C SER A 206 40.79 9.28 -11.93
N THR A 207 40.41 8.20 -12.60
CA THR A 207 39.12 7.56 -12.38
C THR A 207 39.28 6.07 -12.14
N SER A 208 38.40 5.49 -11.35
CA SER A 208 38.44 4.07 -11.06
C SER A 208 37.62 3.27 -12.08
N LYS A 209 37.53 1.97 -11.86
CA LYS A 209 36.78 1.09 -12.76
C LYS A 209 35.27 1.27 -12.54
N LYS A 210 34.49 1.03 -13.60
CA LYS A 210 33.04 1.17 -13.54
C LYS A 210 32.43 0.20 -12.52
N LEU A 211 31.28 0.58 -11.98
CA LEU A 211 30.58 -0.22 -10.98
C LEU A 211 29.70 -1.29 -11.60
N ASP A 212 29.50 -2.37 -10.84
CA ASP A 212 28.68 -3.49 -11.25
C ASP A 212 27.37 -3.27 -10.51
N LYS A 213 26.47 -2.51 -11.13
CA LYS A 213 25.17 -2.18 -10.53
C LYS A 213 24.06 -3.18 -10.83
N LEU A 214 22.99 -3.05 -10.03
CA LEU A 214 21.79 -3.89 -10.15
C LEU A 214 21.05 -3.49 -11.44
N GLY A 215 21.01 -2.19 -11.71
CA GLY A 215 20.35 -1.68 -12.89
C GLY A 215 21.14 -0.50 -13.39
N MET A 216 20.69 0.11 -14.48
CA MET A 216 21.36 1.26 -15.09
C MET A 216 22.73 0.83 -15.63
N ARG A 217 22.82 -0.46 -15.91
CA ARG A 217 24.03 -1.08 -16.44
C ARG A 217 24.22 -0.56 -17.86
N GLY A 218 25.28 0.19 -18.07
CA GLY A 218 25.53 0.77 -19.38
C GLY A 218 25.73 2.25 -19.17
N SER A 219 25.35 2.72 -17.98
CA SER A 219 25.53 4.10 -17.58
C SER A 219 26.74 3.99 -16.65
N ASN A 220 27.90 4.40 -17.14
CA ASN A 220 29.14 4.30 -16.41
C ASN A 220 29.26 5.13 -15.14
N THR A 221 29.40 4.44 -14.02
CA THR A 221 29.53 5.07 -12.73
C THR A 221 30.86 4.64 -12.14
N CYS A 222 31.67 5.58 -11.68
CA CYS A 222 32.98 5.26 -11.09
C CYS A 222 33.42 6.28 -10.05
N GLU A 223 34.55 6.00 -9.41
CA GLU A 223 35.11 6.87 -8.39
C GLU A 223 36.04 7.84 -9.08
N LEU A 224 36.15 9.04 -8.53
CA LEU A 224 37.03 10.06 -9.07
C LEU A 224 38.14 10.26 -8.04
N ILE A 225 39.38 10.23 -8.49
CA ILE A 225 40.51 10.39 -7.59
C ILE A 225 41.32 11.63 -7.95
N PHE A 226 41.55 12.46 -6.93
CA PHE A 226 42.29 13.69 -7.09
C PHE A 226 43.55 13.69 -6.20
N GLU A 227 44.71 13.71 -6.83
CA GLU A 227 45.98 13.74 -6.10
C GLU A 227 46.74 14.95 -6.58
N ASP A 228 46.76 15.98 -5.73
CA ASP A 228 47.43 17.24 -6.02
C ASP A 228 46.97 17.86 -7.33
N CYS A 229 45.77 17.51 -7.78
CA CYS A 229 45.24 18.03 -9.02
C CYS A 229 45.22 19.55 -8.97
N LYS A 230 46.01 20.16 -9.84
CA LYS A 230 46.10 21.62 -9.86
C LYS A 230 45.06 22.24 -10.80
N ILE A 231 44.10 22.95 -10.20
CA ILE A 231 43.06 23.61 -10.97
C ILE A 231 43.25 25.12 -10.91
N PRO A 232 43.28 25.79 -12.07
CA PRO A 232 43.44 27.25 -12.04
C PRO A 232 42.19 27.91 -11.47
N ALA A 233 42.38 29.00 -10.72
CA ALA A 233 41.28 29.72 -10.10
C ALA A 233 40.18 30.11 -11.08
N ALA A 234 40.55 30.20 -12.37
CA ALA A 234 39.61 30.56 -13.43
C ALA A 234 38.58 29.46 -13.72
N ASN A 235 38.76 28.27 -13.17
CA ASN A 235 37.83 27.18 -13.41
C ASN A 235 36.75 27.01 -12.34
N ILE A 236 36.66 27.96 -11.42
CA ILE A 236 35.67 27.94 -10.36
C ILE A 236 34.30 28.29 -10.95
N LEU A 237 33.30 27.45 -10.72
CA LEU A 237 31.95 27.71 -11.21
C LEU A 237 31.28 28.67 -10.24
N GLY A 238 30.88 29.84 -10.72
CA GLY A 238 30.25 30.80 -9.85
C GLY A 238 31.24 31.55 -9.00
N HIS A 239 31.24 31.30 -7.69
CA HIS A 239 32.16 31.99 -6.77
C HIS A 239 32.69 31.06 -5.69
N GLU A 240 33.89 31.37 -5.19
CA GLU A 240 34.52 30.57 -4.14
C GLU A 240 33.67 30.58 -2.87
N ASN A 241 33.56 29.41 -2.25
CA ASN A 241 32.78 29.24 -1.00
C ASN A 241 31.28 29.49 -1.11
N LYS A 242 30.82 29.88 -2.30
CA LYS A 242 29.40 30.09 -2.56
C LYS A 242 28.99 29.01 -3.56
N GLY A 243 29.47 27.80 -3.30
CA GLY A 243 29.18 26.66 -4.14
C GLY A 243 28.07 25.78 -3.60
N VAL A 244 27.78 25.89 -2.30
CA VAL A 244 26.70 25.10 -1.71
C VAL A 244 25.42 25.49 -2.47
N TYR A 245 25.40 26.74 -2.91
CA TYR A 245 24.29 27.30 -3.66
C TYR A 245 24.07 26.74 -5.03
N VAL A 246 25.11 26.73 -5.86
CA VAL A 246 24.97 26.18 -7.20
C VAL A 246 24.61 24.72 -7.05
N LEU A 247 25.06 24.12 -5.96
CA LEU A 247 24.80 22.72 -5.67
C LEU A 247 23.32 22.51 -5.41
N MET A 248 22.82 23.24 -4.41
CA MET A 248 21.42 23.15 -4.01
C MET A 248 20.44 23.55 -5.11
N SER A 249 20.68 24.68 -5.76
CA SER A 249 19.80 25.16 -6.82
C SER A 249 19.74 24.16 -7.99
N GLY A 250 20.88 23.54 -8.30
CA GLY A 250 20.93 22.58 -9.39
C GLY A 250 20.27 21.26 -9.02
N LEU A 251 20.07 21.05 -7.72
CA LEU A 251 19.46 19.83 -7.22
C LEU A 251 17.96 19.79 -7.52
N ASP A 252 17.32 20.94 -7.45
CA ASP A 252 15.89 21.03 -7.72
C ASP A 252 15.63 20.74 -9.18
N LEU A 253 16.40 21.37 -10.06
CA LEU A 253 16.25 21.17 -11.49
C LEU A 253 16.57 19.73 -11.87
N GLU A 254 17.49 19.14 -11.11
CA GLU A 254 17.90 17.75 -11.32
C GLU A 254 16.71 16.83 -11.06
N ARG A 255 16.06 17.02 -9.92
CA ARG A 255 14.91 16.21 -9.54
C ARG A 255 13.74 16.40 -10.50
N LEU A 256 13.59 17.62 -11.01
CA LEU A 256 12.53 17.95 -11.94
C LEU A 256 12.72 17.20 -13.25
N VAL A 257 13.89 17.39 -13.85
CA VAL A 257 14.22 16.78 -15.12
C VAL A 257 14.35 15.28 -15.05
N LEU A 258 14.97 14.77 -13.98
CA LEU A 258 15.15 13.33 -13.83
C LEU A 258 13.85 12.57 -13.59
N ALA A 259 12.77 13.28 -13.29
CA ALA A 259 11.49 12.64 -13.08
C ALA A 259 11.03 12.00 -14.39
N GLY A 260 11.65 12.41 -15.50
CA GLY A 260 11.32 11.84 -16.80
C GLY A 260 11.80 10.41 -16.91
N GLY A 261 12.73 10.03 -16.06
CA GLY A 261 13.24 8.68 -16.07
C GLY A 261 12.10 7.74 -15.74
N PRO A 262 11.53 7.84 -14.53
CA PRO A 262 10.41 7.00 -14.09
C PRO A 262 9.26 7.02 -15.10
N LEU A 263 9.01 8.17 -15.70
CA LEU A 263 7.96 8.32 -16.69
C LEU A 263 8.22 7.44 -17.91
N GLY A 264 9.46 7.44 -18.39
CA GLY A 264 9.83 6.64 -19.54
C GLY A 264 9.77 5.16 -19.23
N LEU A 265 10.21 4.80 -18.02
CA LEU A 265 10.21 3.42 -17.59
C LEU A 265 8.77 2.89 -17.46
N MET A 266 7.90 3.64 -16.79
CA MET A 266 6.50 3.21 -16.64
C MET A 266 5.89 3.06 -18.02
N GLN A 267 6.23 3.97 -18.92
CA GLN A 267 5.73 3.92 -20.28
C GLN A 267 6.18 2.60 -20.92
N ALA A 268 7.47 2.29 -20.79
CA ALA A 268 8.04 1.09 -21.38
C ALA A 268 7.36 -0.17 -20.90
N VAL A 269 7.08 -0.24 -19.61
CA VAL A 269 6.42 -1.44 -19.09
C VAL A 269 5.05 -1.60 -19.72
N LEU A 270 4.33 -0.50 -19.91
CA LEU A 270 3.02 -0.57 -20.53
C LEU A 270 3.16 -1.02 -21.98
N ASP A 271 4.19 -0.51 -22.66
CA ASP A 271 4.44 -0.87 -24.06
C ASP A 271 4.58 -2.36 -24.25
N HIS A 272 4.85 -3.08 -23.17
CA HIS A 272 5.03 -4.52 -23.24
C HIS A 272 3.91 -5.30 -22.62
N THR A 273 3.43 -4.85 -21.46
CA THR A 273 2.37 -5.55 -20.77
C THR A 273 1.04 -5.53 -21.52
N ILE A 274 0.60 -4.34 -21.91
CA ILE A 274 -0.68 -4.23 -22.60
C ILE A 274 -0.82 -5.15 -23.82
N PRO A 275 0.16 -5.18 -24.73
CA PRO A 275 0.04 -6.07 -25.88
C PRO A 275 0.09 -7.55 -25.50
N TYR A 276 0.92 -7.87 -24.51
CA TYR A 276 1.10 -9.25 -24.07
C TYR A 276 -0.17 -9.82 -23.46
N LEU A 277 -0.83 -9.00 -22.63
CA LEU A 277 -2.07 -9.39 -21.98
C LEU A 277 -3.17 -9.75 -22.98
N HIS A 278 -3.04 -9.25 -24.20
CA HIS A 278 -4.02 -9.52 -25.23
C HIS A 278 -3.47 -10.46 -26.28
N VAL A 279 -2.54 -11.30 -25.87
CA VAL A 279 -1.94 -12.28 -26.78
C VAL A 279 -1.89 -13.60 -26.03
N ARG A 280 -1.36 -13.56 -24.82
CA ARG A 280 -1.25 -14.73 -23.98
C ARG A 280 -2.62 -15.14 -23.55
N GLU A 281 -2.93 -16.42 -23.72
CA GLU A 281 -4.25 -16.94 -23.35
C GLU A 281 -4.17 -18.05 -22.33
N ALA A 282 -5.09 -18.00 -21.38
CA ALA A 282 -5.17 -18.99 -20.33
C ALA A 282 -6.65 -19.22 -20.06
N PHE A 283 -6.99 -20.49 -19.82
CA PHE A 283 -8.36 -20.88 -19.54
C PHE A 283 -9.33 -20.51 -20.68
N GLY A 284 -8.82 -20.50 -21.90
CA GLY A 284 -9.66 -20.20 -23.04
C GLY A 284 -9.83 -18.74 -23.46
N GLN A 285 -9.09 -17.82 -22.84
CA GLN A 285 -9.21 -16.43 -23.22
C GLN A 285 -7.96 -15.62 -22.86
N LYS A 286 -7.80 -14.49 -23.53
CA LYS A 286 -6.67 -13.61 -23.30
C LYS A 286 -6.66 -13.28 -21.82
N ILE A 287 -5.51 -13.45 -21.18
CA ILE A 287 -5.36 -13.17 -19.75
C ILE A 287 -5.82 -11.75 -19.41
N GLY A 288 -5.75 -10.85 -20.38
CA GLY A 288 -6.17 -9.48 -20.18
C GLY A 288 -7.67 -9.29 -20.01
N HIS A 289 -8.44 -10.37 -20.15
CA HIS A 289 -9.89 -10.33 -20.02
C HIS A 289 -10.36 -10.77 -18.63
N PHE A 290 -9.42 -11.13 -17.78
CA PHE A 290 -9.76 -11.52 -16.41
C PHE A 290 -9.77 -10.24 -15.60
N GLN A 291 -10.67 -10.15 -14.62
CA GLN A 291 -10.79 -8.94 -13.80
C GLN A 291 -9.46 -8.54 -13.17
N LEU A 292 -8.81 -9.48 -12.50
CA LEU A 292 -7.54 -9.24 -11.84
C LEU A 292 -6.53 -8.57 -12.77
N MET A 293 -6.48 -9.01 -14.02
CA MET A 293 -5.57 -8.43 -15.00
C MET A 293 -6.05 -7.08 -15.51
N GLN A 294 -7.37 -6.90 -15.59
CA GLN A 294 -7.96 -5.63 -16.02
C GLN A 294 -7.66 -4.60 -14.94
N GLY A 295 -7.67 -5.05 -13.69
CA GLY A 295 -7.35 -4.16 -12.58
C GLY A 295 -5.89 -3.73 -12.63
N LYS A 296 -5.02 -4.67 -13.00
CA LYS A 296 -3.58 -4.39 -13.13
C LYS A 296 -3.38 -3.26 -14.13
N MET A 297 -3.96 -3.40 -15.31
CA MET A 297 -3.84 -2.40 -16.37
C MET A 297 -4.26 -1.05 -15.84
N ALA A 298 -5.45 -1.01 -15.22
CA ALA A 298 -6.02 0.20 -14.66
C ALA A 298 -5.07 0.91 -13.70
N ASP A 299 -4.47 0.15 -12.80
CA ASP A 299 -3.52 0.70 -11.82
C ASP A 299 -2.23 1.22 -12.44
N MET A 300 -1.62 0.42 -13.32
CA MET A 300 -0.39 0.83 -13.97
C MET A 300 -0.67 2.08 -14.79
N TYR A 301 -1.78 2.07 -15.51
CA TYR A 301 -2.21 3.16 -16.37
C TYR A 301 -2.48 4.47 -15.64
N THR A 302 -3.19 4.40 -14.52
CA THR A 302 -3.50 5.61 -13.76
C THR A 302 -2.28 6.22 -13.09
N ARG A 303 -1.39 5.38 -12.60
CA ARG A 303 -0.17 5.86 -11.94
C ARG A 303 0.73 6.57 -12.95
N LEU A 304 0.81 6.01 -14.15
CA LEU A 304 1.62 6.60 -15.22
C LEU A 304 1.02 7.93 -15.68
N MET A 305 -0.30 7.96 -15.76
CA MET A 305 -1.04 9.14 -16.20
C MET A 305 -1.02 10.27 -15.17
N ALA A 306 -1.15 9.91 -13.90
CA ALA A 306 -1.13 10.89 -12.82
C ALA A 306 0.25 11.53 -12.68
N CYS A 307 1.29 10.70 -12.71
CA CYS A 307 2.67 11.17 -12.59
C CYS A 307 3.06 12.04 -13.77
N ARG A 308 2.61 11.64 -14.96
CA ARG A 308 2.90 12.40 -16.16
C ARG A 308 2.37 13.83 -16.04
N GLN A 309 1.12 13.97 -15.62
CA GLN A 309 0.50 15.29 -15.48
C GLN A 309 1.17 16.06 -14.35
N TYR A 310 1.50 15.36 -13.27
CA TYR A 310 2.14 15.97 -12.13
C TYR A 310 3.46 16.63 -12.53
N VAL A 311 4.32 15.85 -13.20
CA VAL A 311 5.63 16.32 -13.64
C VAL A 311 5.50 17.39 -14.72
N TYR A 312 4.69 17.13 -15.74
CA TYR A 312 4.52 18.08 -16.85
C TYR A 312 4.10 19.48 -16.42
N ASN A 313 3.14 19.56 -15.52
CA ASN A 313 2.65 20.85 -15.03
C ASN A 313 3.71 21.57 -14.22
N VAL A 314 4.37 20.86 -13.33
CA VAL A 314 5.42 21.46 -12.49
C VAL A 314 6.53 22.01 -13.38
N ALA A 315 6.84 21.28 -14.46
CA ALA A 315 7.86 21.71 -15.41
C ALA A 315 7.40 22.95 -16.16
N LYS A 316 6.15 22.95 -16.63
CA LYS A 316 5.59 24.11 -17.33
C LYS A 316 5.71 25.35 -16.44
N ALA A 317 5.34 25.19 -15.17
CA ALA A 317 5.41 26.25 -14.18
C ALA A 317 6.83 26.75 -14.01
N CYS A 318 7.78 25.82 -13.99
CA CYS A 318 9.18 26.16 -13.87
C CYS A 318 9.61 27.02 -15.04
N ASP A 319 9.20 26.65 -16.24
CA ASP A 319 9.53 27.40 -17.44
C ASP A 319 8.94 28.81 -17.38
N GLU A 320 7.92 28.96 -16.53
CA GLU A 320 7.26 30.25 -16.37
C GLU A 320 7.97 31.08 -15.33
N GLY A 321 8.92 30.46 -14.64
CA GLY A 321 9.67 31.15 -13.61
C GLY A 321 9.29 30.71 -12.22
N HIS A 322 8.40 29.73 -12.12
CA HIS A 322 7.99 29.25 -10.82
C HIS A 322 8.48 27.86 -10.48
N CYS A 323 9.53 27.80 -9.67
CA CYS A 323 10.09 26.52 -9.23
C CYS A 323 10.24 26.56 -7.72
N THR A 324 10.09 25.42 -7.08
CA THR A 324 10.23 25.32 -5.64
C THR A 324 10.90 23.99 -5.32
N ALA A 325 11.68 23.97 -4.24
CA ALA A 325 12.37 22.76 -3.85
C ALA A 325 11.39 21.64 -3.51
N LYS A 326 10.34 21.96 -2.74
CA LYS A 326 9.37 20.94 -2.36
C LYS A 326 8.60 20.37 -3.55
N ASP A 327 8.35 21.20 -4.56
CA ASP A 327 7.63 20.73 -5.73
C ASP A 327 8.48 19.94 -6.70
N CYS A 328 9.77 20.27 -6.78
CA CYS A 328 10.70 19.52 -7.63
C CYS A 328 10.95 18.17 -6.96
N ALA A 329 11.12 18.19 -5.64
CA ALA A 329 11.34 16.95 -4.90
C ALA A 329 10.05 16.13 -4.91
N GLY A 330 8.90 16.82 -4.86
CA GLY A 330 7.61 16.16 -4.86
C GLY A 330 7.32 15.33 -6.10
N VAL A 331 7.59 15.89 -7.28
CA VAL A 331 7.34 15.16 -8.53
C VAL A 331 8.17 13.90 -8.66
N ILE A 332 9.45 13.96 -8.34
CA ILE A 332 10.29 12.77 -8.45
C ILE A 332 10.03 11.76 -7.34
N LEU A 333 9.73 12.25 -6.13
CA LEU A 333 9.43 11.37 -5.01
C LEU A 333 8.27 10.46 -5.39
N TYR A 334 7.18 11.06 -5.88
CA TYR A 334 5.98 10.36 -6.30
C TYR A 334 6.25 9.46 -7.50
N SER A 335 6.79 10.04 -8.57
CA SER A 335 7.07 9.28 -9.79
C SER A 335 7.97 8.07 -9.55
N ALA A 336 9.06 8.29 -8.81
CA ALA A 336 10.03 7.24 -8.51
C ALA A 336 9.37 6.03 -7.91
N GLU A 337 8.60 6.25 -6.85
CA GLU A 337 7.93 5.15 -6.18
C GLU A 337 6.87 4.45 -7.04
N CYS A 338 6.17 5.19 -7.91
CA CYS A 338 5.17 4.58 -8.79
C CYS A 338 5.88 3.69 -9.81
N ALA A 339 6.95 4.22 -10.39
CA ALA A 339 7.75 3.51 -11.40
C ALA A 339 8.15 2.10 -10.95
N THR A 340 8.62 2.00 -9.72
CA THR A 340 9.05 0.74 -9.16
C THR A 340 7.88 -0.26 -9.03
N GLN A 341 6.77 0.19 -8.46
CA GLN A 341 5.60 -0.67 -8.30
C GLN A 341 5.01 -1.11 -9.62
N VAL A 342 5.01 -0.22 -10.60
CA VAL A 342 4.49 -0.53 -11.92
C VAL A 342 5.38 -1.59 -12.57
N ALA A 343 6.68 -1.37 -12.50
CA ALA A 343 7.65 -2.29 -13.08
C ALA A 343 7.52 -3.67 -12.46
N LEU A 344 7.14 -3.67 -11.18
CA LEU A 344 6.95 -4.89 -10.42
C LEU A 344 5.72 -5.64 -10.93
N ASP A 345 4.72 -4.89 -11.39
CA ASP A 345 3.49 -5.46 -11.95
C ASP A 345 3.74 -5.99 -13.36
N GLY A 346 4.58 -5.29 -14.11
CA GLY A 346 4.90 -5.73 -15.46
C GLY A 346 5.41 -7.15 -15.43
N ILE A 347 6.34 -7.43 -14.55
CA ILE A 347 6.92 -8.75 -14.40
C ILE A 347 5.81 -9.74 -14.08
N GLN A 348 4.92 -9.38 -13.15
CA GLN A 348 3.81 -10.24 -12.74
C GLN A 348 2.92 -10.65 -13.93
N CYS A 349 2.57 -9.67 -14.77
CA CYS A 349 1.72 -9.91 -15.93
C CYS A 349 2.28 -10.89 -16.94
N PHE A 350 3.61 -10.98 -16.97
CA PHE A 350 4.28 -11.88 -17.89
C PHE A 350 4.45 -13.29 -17.31
N GLY A 351 4.24 -13.44 -16.01
CA GLY A 351 4.41 -14.74 -15.40
C GLY A 351 5.86 -15.15 -15.49
N GLY A 352 6.12 -16.43 -15.76
CA GLY A 352 7.49 -16.91 -15.87
C GLY A 352 8.29 -16.06 -16.83
N ASN A 353 7.69 -15.74 -17.96
CA ASN A 353 8.34 -14.92 -18.98
C ASN A 353 8.84 -13.57 -18.49
N GLY A 354 8.25 -13.04 -17.44
CA GLY A 354 8.69 -11.75 -16.94
C GLY A 354 9.90 -11.93 -16.05
N TYR A 355 10.09 -13.16 -15.60
CA TYR A 355 11.17 -13.54 -14.72
C TYR A 355 12.46 -13.99 -15.43
N ILE A 356 12.50 -13.93 -16.75
CA ILE A 356 13.70 -14.33 -17.46
C ILE A 356 14.32 -13.11 -18.16
N ASN A 357 15.64 -13.08 -18.25
CA ASN A 357 16.37 -11.97 -18.83
C ASN A 357 16.20 -11.78 -20.34
N ASP A 358 15.50 -12.72 -20.97
CA ASP A 358 15.22 -12.63 -22.40
C ASP A 358 14.19 -11.53 -22.62
N PHE A 359 13.39 -11.24 -21.59
CA PHE A 359 12.40 -10.18 -21.66
C PHE A 359 12.92 -9.00 -20.81
N PRO A 360 12.61 -7.76 -21.22
CA PRO A 360 13.08 -6.59 -20.47
C PRO A 360 12.27 -6.22 -19.22
N MET A 361 11.32 -7.07 -18.85
CA MET A 361 10.49 -6.78 -17.70
C MET A 361 11.31 -6.60 -16.44
N GLY A 362 12.28 -7.50 -16.25
CA GLY A 362 13.15 -7.45 -15.09
C GLY A 362 14.06 -6.24 -15.11
N ARG A 363 14.45 -5.82 -16.32
CA ARG A 363 15.33 -4.66 -16.48
C ARG A 363 14.64 -3.38 -16.05
N PHE A 364 13.36 -3.27 -16.35
CA PHE A 364 12.61 -2.07 -15.97
C PHE A 364 12.60 -1.94 -14.45
N LEU A 365 12.44 -3.06 -13.76
CA LEU A 365 12.42 -3.06 -12.30
C LEU A 365 13.77 -2.63 -11.75
N ARG A 366 14.82 -3.30 -12.22
CA ARG A 366 16.16 -2.99 -11.77
C ARG A 366 16.52 -1.54 -12.05
N ASP A 367 16.11 -1.02 -13.19
CA ASP A 367 16.40 0.37 -13.53
C ASP A 367 15.61 1.32 -12.63
N ALA A 368 14.30 1.11 -12.57
CA ALA A 368 13.36 1.93 -11.80
C ALA A 368 13.80 2.26 -10.39
N LYS A 369 14.23 1.23 -9.66
CA LYS A 369 14.67 1.34 -8.28
C LYS A 369 15.74 2.42 -8.05
N LEU A 370 16.59 2.66 -9.03
CA LEU A 370 17.63 3.67 -8.87
C LEU A 370 17.05 5.02 -8.48
N TYR A 371 15.99 5.43 -9.16
CA TYR A 371 15.36 6.72 -8.91
C TYR A 371 14.85 7.00 -7.50
N GLU A 372 14.78 5.98 -6.67
CA GLU A 372 14.34 6.17 -5.29
C GLU A 372 15.57 6.43 -4.42
N ILE A 373 16.73 6.39 -5.08
CA ILE A 373 18.02 6.56 -4.44
C ILE A 373 18.79 7.73 -5.05
N GLY A 374 18.93 7.73 -6.37
CA GLY A 374 19.64 8.79 -7.05
C GLY A 374 18.88 10.09 -6.98
N ALA A 375 19.59 11.22 -7.05
CA ALA A 375 18.96 12.53 -6.99
C ALA A 375 18.36 12.76 -5.62
N GLY A 376 18.80 11.97 -4.64
CA GLY A 376 18.29 12.10 -3.30
C GLY A 376 17.33 10.97 -3.01
N THR A 377 17.57 10.22 -1.94
CA THR A 377 16.70 9.11 -1.57
C THR A 377 15.30 9.61 -1.18
N SER A 378 14.31 8.74 -1.34
CA SER A 378 12.93 9.04 -1.00
C SER A 378 12.80 9.70 0.38
N GLU A 379 13.64 9.27 1.31
CA GLU A 379 13.63 9.81 2.66
C GLU A 379 14.07 11.28 2.67
N VAL A 380 15.18 11.59 1.99
CA VAL A 380 15.68 12.95 1.94
C VAL A 380 14.68 13.89 1.27
N ARG A 381 13.92 13.35 0.30
CA ARG A 381 12.90 14.13 -0.42
C ARG A 381 11.72 14.46 0.49
N ARG A 382 11.31 13.50 1.30
CA ARG A 382 10.21 13.72 2.22
C ARG A 382 10.61 14.81 3.21
N LEU A 383 11.89 14.82 3.58
CA LEU A 383 12.43 15.82 4.50
C LEU A 383 12.37 17.20 3.85
N VAL A 384 12.77 17.28 2.59
CA VAL A 384 12.75 18.54 1.84
C VAL A 384 11.35 19.16 1.79
N ILE A 385 10.33 18.33 1.57
CA ILE A 385 8.94 18.78 1.50
C ILE A 385 8.42 19.16 2.90
N GLY A 386 8.58 18.27 3.86
CA GLY A 386 8.16 18.52 5.23
C GLY A 386 8.80 19.77 5.81
N ARG A 387 10.08 19.99 5.50
CA ARG A 387 10.81 21.17 5.97
C ARG A 387 10.26 22.44 5.34
N ALA A 388 9.85 22.34 4.07
CA ALA A 388 9.29 23.48 3.35
C ALA A 388 8.09 23.98 4.14
N PHE A 389 7.24 23.05 4.55
CA PHE A 389 6.06 23.38 5.34
C PHE A 389 6.49 23.89 6.69
N ASN A 390 7.58 23.33 7.22
CA ASN A 390 8.13 23.72 8.52
C ASN A 390 8.50 25.19 8.54
N ALA A 391 8.99 25.69 7.42
CA ALA A 391 9.42 27.08 7.31
C ALA A 391 8.27 28.05 7.01
N ASP A 392 7.06 27.51 6.81
CA ASP A 392 5.90 28.34 6.52
C ASP A 392 5.15 28.71 7.80
N VAL B 6 19.86 -13.06 15.78
CA VAL B 6 19.25 -14.14 16.54
C VAL B 6 17.76 -14.34 16.25
N ASP B 7 17.37 -15.60 16.14
CA ASP B 7 15.97 -15.92 15.85
C ASP B 7 15.18 -16.16 17.12
N ASP B 8 14.29 -15.22 17.45
CA ASP B 8 13.48 -15.37 18.66
C ASP B 8 12.49 -16.50 18.46
N ALA B 9 12.77 -17.66 19.05
CA ALA B 9 11.86 -18.77 18.91
C ALA B 9 10.69 -18.69 19.87
N ILE B 10 9.97 -17.58 19.64
CA ILE B 10 8.72 -17.13 20.27
C ILE B 10 7.72 -17.82 19.32
N ASN B 11 8.27 -18.34 18.22
CA ASN B 11 7.58 -19.06 17.17
C ASN B 11 7.05 -20.39 17.72
N GLY B 12 7.27 -20.64 19.01
CA GLY B 12 6.78 -21.86 19.63
C GLY B 12 7.46 -23.14 19.20
N LEU B 13 8.75 -23.08 18.92
CA LEU B 13 9.49 -24.27 18.51
C LEU B 13 9.95 -25.08 19.72
N SER B 14 9.96 -26.40 19.59
CA SER B 14 10.43 -27.28 20.67
C SER B 14 11.94 -27.22 20.67
N GLU B 15 12.56 -27.70 21.75
CA GLU B 15 14.02 -27.70 21.84
C GLU B 15 14.65 -28.35 20.62
N GLU B 16 14.12 -29.52 20.26
CA GLU B 16 14.59 -30.29 19.13
C GLU B 16 14.55 -29.49 17.83
N GLN B 17 13.49 -28.72 17.63
CA GLN B 17 13.38 -27.92 16.42
C GLN B 17 14.36 -26.75 16.47
N ARG B 18 14.58 -26.20 17.66
CA ARG B 18 15.51 -25.10 17.80
C ARG B 18 16.88 -25.64 17.42
N GLN B 19 17.14 -26.87 17.83
CA GLN B 19 18.39 -27.54 17.53
C GLN B 19 18.54 -27.69 16.03
N LEU B 20 17.49 -28.19 15.37
CA LEU B 20 17.52 -28.36 13.93
C LEU B 20 17.89 -27.05 13.24
N ARG B 21 17.28 -25.95 13.67
CA ARG B 21 17.56 -24.64 13.08
C ARG B 21 19.05 -24.33 13.29
N GLN B 22 19.49 -24.51 14.53
CA GLN B 22 20.88 -24.26 14.94
C GLN B 22 21.85 -25.01 14.04
N THR B 23 21.62 -26.31 13.94
CA THR B 23 22.43 -27.18 13.13
C THR B 23 22.51 -26.66 11.70
N MET B 24 21.36 -26.33 11.14
CA MET B 24 21.25 -25.83 9.79
C MET B 24 21.97 -24.50 9.61
N ALA B 25 21.72 -23.57 10.51
CA ALA B 25 22.34 -22.24 10.43
C ALA B 25 23.87 -22.31 10.42
N LYS B 26 24.43 -23.03 11.38
CA LYS B 26 25.88 -23.18 11.47
C LYS B 26 26.49 -23.82 10.23
N PHE B 27 25.90 -24.94 9.81
CA PHE B 27 26.36 -25.67 8.64
C PHE B 27 26.32 -24.76 7.41
N LEU B 28 25.14 -24.25 7.12
CA LEU B 28 24.92 -23.39 5.97
C LEU B 28 25.81 -22.14 5.98
N GLN B 29 26.07 -21.60 7.17
CA GLN B 29 26.89 -20.39 7.31
C GLN B 29 28.30 -20.60 6.76
N GLU B 30 28.80 -21.83 6.87
CA GLU B 30 30.13 -22.15 6.39
C GLU B 30 30.12 -22.73 4.98
N HIS B 31 29.20 -23.65 4.74
CA HIS B 31 29.14 -24.33 3.47
C HIS B 31 28.36 -23.74 2.31
N LEU B 32 27.38 -22.88 2.57
CA LEU B 32 26.62 -22.32 1.47
C LEU B 32 26.64 -20.80 1.37
N ALA B 33 26.45 -20.14 2.50
CA ALA B 33 26.42 -18.68 2.53
C ALA B 33 27.55 -17.99 1.79
N PRO B 34 28.82 -18.37 2.04
CA PRO B 34 29.92 -17.71 1.34
C PRO B 34 29.95 -17.90 -0.17
N LYS B 35 29.35 -18.99 -0.66
CA LYS B 35 29.33 -19.24 -2.09
C LYS B 35 28.08 -18.71 -2.81
N ALA B 36 27.10 -18.23 -2.04
CA ALA B 36 25.85 -17.71 -2.58
C ALA B 36 26.01 -16.64 -3.67
N GLN B 37 26.81 -15.60 -3.41
CA GLN B 37 27.01 -14.55 -4.39
C GLN B 37 27.55 -15.08 -5.72
N GLU B 38 28.46 -16.04 -5.64
CA GLU B 38 29.06 -16.65 -6.81
C GLU B 38 28.02 -17.45 -7.57
N ILE B 39 27.27 -18.29 -6.83
CA ILE B 39 26.23 -19.13 -7.41
C ILE B 39 25.32 -18.29 -8.30
N ASP B 40 24.85 -17.18 -7.75
CA ASP B 40 23.96 -16.28 -8.46
C ASP B 40 24.66 -15.70 -9.68
N ARG B 41 25.80 -15.04 -9.46
CA ARG B 41 26.56 -14.43 -10.54
C ARG B 41 26.93 -15.34 -11.70
N SER B 42 27.27 -16.60 -11.39
CA SER B 42 27.64 -17.54 -12.45
C SER B 42 26.41 -18.28 -12.98
N ASN B 43 25.30 -18.17 -12.26
CA ASN B 43 24.06 -18.84 -12.61
C ASN B 43 24.32 -20.34 -12.59
N GLU B 44 25.02 -20.77 -11.55
CA GLU B 44 25.36 -22.18 -11.43
C GLU B 44 25.98 -22.57 -10.10
N PHE B 45 25.55 -23.71 -9.58
CA PHE B 45 26.05 -24.24 -8.31
C PHE B 45 27.01 -25.37 -8.64
N LYS B 46 28.31 -25.06 -8.61
CA LYS B 46 29.38 -26.01 -8.91
C LYS B 46 29.45 -27.23 -8.00
N ASN B 47 29.06 -27.05 -6.74
CA ASN B 47 29.10 -28.13 -5.76
C ASN B 47 27.79 -28.86 -5.58
N LEU B 48 26.80 -28.57 -6.43
CA LEU B 48 25.47 -29.17 -6.33
C LEU B 48 25.43 -30.60 -5.76
N ARG B 49 25.92 -31.55 -6.56
CA ARG B 49 25.94 -32.97 -6.19
C ARG B 49 26.58 -33.26 -4.82
N GLU B 50 27.70 -32.60 -4.56
CA GLU B 50 28.43 -32.74 -3.30
C GLU B 50 27.57 -32.21 -2.15
N PHE B 51 26.99 -31.03 -2.35
CA PHE B 51 26.15 -30.38 -1.36
C PHE B 51 24.96 -31.27 -1.00
N TRP B 52 24.34 -31.85 -2.02
CA TRP B 52 23.19 -32.72 -1.80
C TRP B 52 23.51 -33.90 -0.92
N LYS B 53 24.72 -34.44 -1.06
CA LYS B 53 25.14 -35.57 -0.25
C LYS B 53 25.35 -35.15 1.21
N GLN B 54 25.77 -33.90 1.42
CA GLN B 54 25.97 -33.36 2.76
C GLN B 54 24.59 -33.18 3.39
N LEU B 55 23.67 -32.61 2.60
CA LEU B 55 22.29 -32.37 3.02
C LEU B 55 21.62 -33.69 3.42
N GLY B 56 21.90 -34.73 2.63
CA GLY B 56 21.36 -36.05 2.90
C GLY B 56 21.95 -36.64 4.17
N ASN B 57 23.23 -36.33 4.41
CA ASN B 57 23.94 -36.79 5.59
C ASN B 57 23.30 -36.16 6.83
N LEU B 58 22.95 -34.88 6.71
CA LEU B 58 22.30 -34.18 7.82
C LEU B 58 20.87 -34.70 7.98
N GLY B 59 20.34 -35.34 6.94
CA GLY B 59 19.01 -35.90 7.00
C GLY B 59 17.87 -34.94 6.63
N VAL B 60 18.23 -33.81 6.04
CA VAL B 60 17.22 -32.82 5.67
C VAL B 60 16.59 -33.02 4.28
N LEU B 61 17.10 -33.95 3.49
CA LEU B 61 16.52 -34.18 2.17
C LEU B 61 15.21 -34.98 2.25
N GLY B 62 15.20 -36.02 3.07
CA GLY B 62 14.00 -36.83 3.24
C GLY B 62 13.50 -36.51 4.63
N ILE B 63 13.43 -35.22 4.93
CA ILE B 63 13.00 -34.74 6.24
C ILE B 63 11.58 -35.20 6.63
N THR B 64 10.67 -35.26 5.66
CA THR B 64 9.29 -35.69 5.93
C THR B 64 9.06 -37.11 5.41
N ALA B 65 10.13 -37.80 5.05
CA ALA B 65 10.05 -39.17 4.53
C ALA B 65 10.15 -40.16 5.68
N PRO B 66 9.55 -41.34 5.50
CA PRO B 66 9.56 -42.43 6.49
C PRO B 66 10.96 -42.90 6.85
N VAL B 67 11.23 -43.07 8.14
CA VAL B 67 12.54 -43.54 8.61
C VAL B 67 12.91 -44.87 7.93
N GLN B 68 11.88 -45.59 7.48
CA GLN B 68 12.01 -46.87 6.80
C GLN B 68 12.85 -46.80 5.51
N TYR B 69 12.91 -45.63 4.89
CA TYR B 69 13.70 -45.44 3.69
C TYR B 69 14.87 -44.51 4.00
N GLY B 70 15.21 -44.41 5.28
CA GLY B 70 16.29 -43.55 5.72
C GLY B 70 15.88 -42.09 5.87
N GLY B 71 14.56 -41.85 5.94
CA GLY B 71 14.05 -40.50 6.09
C GLY B 71 13.95 -40.15 7.56
N SER B 72 13.91 -38.87 7.87
CA SER B 72 13.83 -38.43 9.27
C SER B 72 12.48 -38.69 9.93
N GLY B 73 11.43 -38.78 9.12
CA GLY B 73 10.10 -39.02 9.67
C GLY B 73 9.57 -37.83 10.46
N LEU B 74 9.90 -36.62 10.03
CA LEU B 74 9.41 -35.44 10.73
C LEU B 74 8.20 -34.85 9.98
N GLY B 75 7.83 -33.61 10.32
CA GLY B 75 6.70 -32.99 9.68
C GLY B 75 7.05 -31.73 8.92
N TYR B 76 6.03 -31.12 8.33
CA TYR B 76 6.15 -29.90 7.55
C TYR B 76 6.72 -28.71 8.30
N LEU B 77 6.43 -28.58 9.60
CA LEU B 77 6.98 -27.46 10.37
C LEU B 77 8.51 -27.51 10.39
N GLU B 78 9.05 -28.73 10.40
CA GLU B 78 10.48 -28.91 10.38
C GLU B 78 10.96 -28.61 8.98
N HIS B 79 10.23 -29.11 7.99
CA HIS B 79 10.61 -28.90 6.60
C HIS B 79 10.67 -27.41 6.28
N VAL B 80 9.72 -26.65 6.81
CA VAL B 80 9.67 -25.20 6.59
C VAL B 80 10.92 -24.57 7.20
N LEU B 81 11.28 -25.01 8.39
CA LEU B 81 12.47 -24.51 9.07
C LEU B 81 13.70 -24.65 8.19
N VAL B 82 13.91 -25.87 7.69
CA VAL B 82 15.06 -26.16 6.83
C VAL B 82 15.01 -25.37 5.54
N MET B 83 13.83 -25.30 4.92
CA MET B 83 13.67 -24.56 3.66
C MET B 83 14.00 -23.08 3.88
N GLU B 84 13.60 -22.57 5.03
CA GLU B 84 13.84 -21.19 5.39
C GLU B 84 15.31 -20.90 5.58
N GLU B 85 15.98 -21.77 6.34
CA GLU B 85 17.40 -21.62 6.61
C GLU B 85 18.25 -21.72 5.35
N ILE B 86 17.91 -22.64 4.45
CA ILE B 86 18.66 -22.77 3.21
C ILE B 86 18.43 -21.54 2.34
N SER B 87 17.19 -21.05 2.31
CA SER B 87 16.83 -19.86 1.52
C SER B 87 17.54 -18.61 2.07
N ARG B 88 17.75 -18.60 3.39
CA ARG B 88 18.43 -17.51 4.08
C ARG B 88 19.87 -17.45 3.58
N ALA B 89 20.48 -18.62 3.40
CA ALA B 89 21.85 -18.72 2.93
C ALA B 89 21.91 -18.43 1.43
N SER B 90 21.01 -19.06 0.67
CA SER B 90 20.98 -18.88 -0.79
C SER B 90 19.58 -19.18 -1.32
N GLY B 91 18.95 -18.18 -1.93
CA GLY B 91 17.63 -18.35 -2.49
C GLY B 91 17.55 -19.46 -3.54
N ALA B 92 18.47 -19.43 -4.51
CA ALA B 92 18.50 -20.45 -5.56
C ALA B 92 18.56 -21.87 -5.03
N VAL B 93 19.46 -22.13 -4.09
CA VAL B 93 19.59 -23.47 -3.53
C VAL B 93 18.37 -23.84 -2.68
N GLY B 94 17.72 -22.82 -2.11
CA GLY B 94 16.53 -23.07 -1.31
C GLY B 94 15.43 -23.60 -2.20
N LEU B 95 15.32 -22.99 -3.38
CA LEU B 95 14.33 -23.39 -4.36
C LEU B 95 14.65 -24.81 -4.84
N SER B 96 15.91 -25.05 -5.19
CA SER B 96 16.36 -26.37 -5.64
C SER B 96 16.08 -27.41 -4.57
N TYR B 97 16.29 -27.05 -3.31
CA TYR B 97 16.04 -27.95 -2.20
C TYR B 97 14.56 -28.23 -2.09
N GLY B 98 13.76 -27.19 -2.28
CA GLY B 98 12.31 -27.32 -2.22
C GLY B 98 11.77 -28.28 -3.26
N ALA B 99 12.26 -28.14 -4.50
CA ALA B 99 11.84 -29.00 -5.60
C ALA B 99 12.12 -30.46 -5.27
N HIS B 100 13.33 -30.71 -4.80
CA HIS B 100 13.81 -32.04 -4.44
C HIS B 100 13.07 -32.69 -3.27
N SER B 101 13.17 -32.06 -2.10
CA SER B 101 12.57 -32.59 -0.89
C SER B 101 11.05 -32.60 -0.80
N ASN B 102 10.41 -31.61 -1.41
CA ASN B 102 8.95 -31.56 -1.37
C ASN B 102 8.26 -32.00 -2.65
N LEU B 103 8.43 -31.23 -3.72
CA LEU B 103 7.79 -31.53 -4.99
C LEU B 103 8.00 -32.95 -5.44
N CYS B 104 9.22 -33.47 -5.30
CA CYS B 104 9.50 -34.83 -5.72
C CYS B 104 9.40 -35.87 -4.62
N ILE B 105 10.25 -35.78 -3.62
CA ILE B 105 10.26 -36.73 -2.52
C ILE B 105 8.92 -36.88 -1.82
N ASN B 106 8.37 -35.79 -1.31
CA ASN B 106 7.10 -35.87 -0.58
C ASN B 106 5.98 -36.47 -1.42
N GLN B 107 5.98 -36.17 -2.70
CA GLN B 107 4.97 -36.70 -3.61
C GLN B 107 5.13 -38.21 -3.78
N LEU B 108 6.37 -38.69 -3.69
CA LEU B 108 6.69 -40.10 -3.80
C LEU B 108 6.31 -40.89 -2.55
N VAL B 109 6.45 -40.26 -1.38
CA VAL B 109 6.11 -40.94 -0.13
C VAL B 109 4.61 -41.04 0.01
N ARG B 110 3.91 -40.09 -0.61
CA ARG B 110 2.45 -40.04 -0.56
C ARG B 110 1.71 -40.93 -1.54
N ASN B 111 2.12 -40.90 -2.80
CA ASN B 111 1.43 -41.69 -3.83
C ASN B 111 2.15 -42.92 -4.38
N GLY B 112 3.43 -43.08 -4.03
CA GLY B 112 4.18 -44.21 -4.53
C GLY B 112 3.84 -45.48 -3.79
N ASN B 113 3.95 -46.60 -4.46
CA ASN B 113 3.68 -47.89 -3.81
C ASN B 113 4.99 -48.35 -3.16
N GLU B 114 4.93 -49.44 -2.40
CA GLU B 114 6.12 -49.93 -1.72
C GLU B 114 7.34 -50.15 -2.64
N ALA B 115 7.08 -50.57 -3.87
CA ALA B 115 8.13 -50.82 -4.85
C ALA B 115 8.83 -49.52 -5.26
N GLN B 116 8.03 -48.57 -5.74
CA GLN B 116 8.53 -47.27 -6.18
C GLN B 116 9.29 -46.55 -5.07
N LYS B 117 8.74 -46.58 -3.87
CA LYS B 117 9.37 -45.93 -2.74
C LYS B 117 10.74 -46.56 -2.42
N GLU B 118 10.80 -47.88 -2.42
CA GLU B 118 12.05 -48.56 -2.14
C GLU B 118 13.08 -48.37 -3.23
N LYS B 119 12.62 -48.33 -4.48
CA LYS B 119 13.49 -48.18 -5.63
C LYS B 119 14.02 -46.77 -5.84
N TYR B 120 13.26 -45.78 -5.40
CA TYR B 120 13.67 -44.40 -5.59
C TYR B 120 13.97 -43.60 -4.34
N LEU B 121 13.13 -43.71 -3.32
CA LEU B 121 13.35 -42.93 -2.10
C LEU B 121 14.76 -42.92 -1.48
N PRO B 122 15.36 -44.11 -1.26
CA PRO B 122 16.70 -44.17 -0.67
C PRO B 122 17.72 -43.19 -1.28
N LYS B 123 17.91 -43.27 -2.60
CA LYS B 123 18.87 -42.39 -3.28
C LYS B 123 18.46 -40.92 -3.35
N LEU B 124 17.17 -40.64 -3.24
CA LEU B 124 16.67 -39.26 -3.25
C LEU B 124 16.95 -38.70 -1.86
N ILE B 125 16.75 -39.54 -0.86
CA ILE B 125 16.95 -39.19 0.54
C ILE B 125 18.41 -38.98 0.90
N SER B 126 19.29 -39.73 0.25
CA SER B 126 20.72 -39.66 0.49
C SER B 126 21.41 -38.49 -0.24
N GLY B 127 20.85 -38.08 -1.37
CA GLY B 127 21.41 -36.99 -2.15
C GLY B 127 22.06 -37.50 -3.42
N GLU B 128 22.14 -38.82 -3.55
CA GLU B 128 22.74 -39.45 -4.72
C GLU B 128 21.97 -39.02 -5.95
N TYR B 129 20.64 -39.04 -5.83
CA TYR B 129 19.77 -38.63 -6.93
C TYR B 129 19.24 -37.24 -6.64
N ILE B 130 18.87 -36.55 -7.69
CA ILE B 130 18.28 -35.23 -7.60
C ILE B 130 16.87 -35.39 -8.16
N GLY B 131 15.88 -34.85 -7.46
CA GLY B 131 14.51 -34.97 -7.92
C GLY B 131 13.91 -33.67 -8.41
N ALA B 132 12.94 -33.81 -9.31
CA ALA B 132 12.23 -32.68 -9.90
C ALA B 132 10.76 -33.05 -10.19
N LEU B 133 9.92 -32.04 -10.40
CA LEU B 133 8.50 -32.25 -10.67
C LEU B 133 8.11 -31.43 -11.90
N ALA B 134 7.57 -32.08 -12.90
CA ALA B 134 7.18 -31.39 -14.13
C ALA B 134 5.69 -31.43 -14.37
N MET B 135 5.08 -30.26 -14.45
CA MET B 135 3.64 -30.17 -14.71
C MET B 135 3.40 -28.99 -15.64
N SER B 136 4.18 -27.92 -15.46
CA SER B 136 4.04 -26.73 -16.29
C SER B 136 4.56 -26.95 -17.71
N GLU B 137 3.94 -26.24 -18.65
CA GLU B 137 4.28 -26.31 -20.07
C GLU B 137 4.30 -24.90 -20.60
N PRO B 138 4.82 -24.69 -21.82
CA PRO B 138 4.87 -23.35 -22.41
C PRO B 138 3.48 -22.71 -22.55
N ASN B 139 2.44 -23.54 -22.61
CA ASN B 139 1.08 -23.04 -22.72
C ASN B 139 0.17 -23.63 -21.64
N ALA B 140 0.72 -23.84 -20.45
CA ALA B 140 -0.02 -24.39 -19.33
C ALA B 140 0.73 -24.12 -18.03
N GLY B 141 0.65 -22.89 -17.54
CA GLY B 141 1.30 -22.53 -16.29
C GLY B 141 0.24 -22.51 -15.22
N SER B 142 -0.50 -21.41 -15.16
CA SER B 142 -1.59 -21.25 -14.20
C SER B 142 -2.71 -22.21 -14.60
N ASP B 143 -2.93 -22.35 -15.91
CA ASP B 143 -3.92 -23.26 -16.46
C ASP B 143 -3.18 -24.58 -16.62
N VAL B 144 -2.85 -25.23 -15.50
CA VAL B 144 -2.11 -26.48 -15.57
C VAL B 144 -2.90 -27.64 -16.18
N VAL B 145 -4.21 -27.60 -16.04
CA VAL B 145 -5.07 -28.64 -16.58
C VAL B 145 -5.05 -28.71 -18.12
N SER B 146 -4.63 -27.63 -18.76
CA SER B 146 -4.58 -27.60 -20.22
C SER B 146 -3.26 -28.13 -20.77
N MET B 147 -2.58 -28.97 -20.00
CA MET B 147 -1.31 -29.54 -20.44
C MET B 147 -1.56 -30.48 -21.61
N LYS B 148 -0.67 -30.46 -22.59
CA LYS B 148 -0.84 -31.29 -23.76
C LYS B 148 0.24 -32.35 -24.03
N LEU B 149 0.95 -32.76 -22.98
CA LEU B 149 1.97 -33.80 -23.16
C LEU B 149 1.19 -35.11 -23.29
N LYS B 150 1.19 -35.67 -24.50
CA LYS B 150 0.48 -36.90 -24.80
C LYS B 150 1.19 -38.14 -24.23
N ALA B 151 0.40 -39.10 -23.76
CA ALA B 151 0.91 -40.34 -23.18
C ALA B 151 0.19 -41.55 -23.77
N GLU B 152 0.63 -42.00 -24.94
CA GLU B 152 0.01 -43.13 -25.65
C GLU B 152 0.30 -44.51 -25.07
N LYS B 153 -0.72 -45.18 -24.54
CA LYS B 153 -0.50 -46.51 -23.99
C LYS B 153 -0.35 -47.56 -25.08
N LYS B 154 0.85 -48.15 -25.18
CA LYS B 154 1.11 -49.21 -26.15
C LYS B 154 1.50 -50.45 -25.38
N GLY B 155 0.52 -51.28 -25.06
CA GLY B 155 0.77 -52.49 -24.30
C GLY B 155 0.99 -52.14 -22.84
N ASN B 156 2.12 -52.53 -22.28
CA ASN B 156 2.42 -52.22 -20.88
C ASN B 156 3.39 -51.08 -20.79
N HIS B 157 3.33 -50.18 -21.77
CA HIS B 157 4.18 -49.01 -21.81
C HIS B 157 3.35 -47.84 -22.27
N TYR B 158 3.89 -46.64 -22.12
CA TYR B 158 3.23 -45.43 -22.53
C TYR B 158 4.27 -44.68 -23.33
N ILE B 159 3.83 -44.07 -24.41
CA ILE B 159 4.73 -43.34 -25.27
C ILE B 159 4.47 -41.86 -25.03
N LEU B 160 5.41 -41.19 -24.37
CA LEU B 160 5.24 -39.77 -24.12
C LEU B 160 5.80 -38.95 -25.27
N ASN B 161 5.07 -37.91 -25.64
CA ASN B 161 5.48 -37.00 -26.72
C ASN B 161 5.09 -35.59 -26.30
N GLY B 162 5.99 -34.64 -26.51
CA GLY B 162 5.70 -33.27 -26.12
C GLY B 162 6.78 -32.74 -25.20
N ASN B 163 6.54 -31.58 -24.61
CA ASN B 163 7.54 -31.00 -23.71
C ASN B 163 6.95 -30.37 -22.46
N LYS B 164 7.84 -30.12 -21.50
CA LYS B 164 7.48 -29.48 -20.24
C LYS B 164 8.36 -28.23 -20.17
N PHE B 165 7.97 -27.27 -19.35
CA PHE B 165 8.73 -26.05 -19.27
C PHE B 165 8.83 -25.55 -17.85
N TRP B 166 9.85 -24.73 -17.61
CA TRP B 166 10.11 -24.12 -16.31
C TRP B 166 10.42 -25.14 -15.22
N ILE B 167 11.08 -26.25 -15.57
CA ILE B 167 11.35 -27.29 -14.56
C ILE B 167 12.62 -27.11 -13.73
N THR B 168 12.46 -26.78 -12.45
CA THR B 168 13.58 -26.60 -11.54
C THR B 168 14.27 -27.93 -11.31
N ASN B 169 15.60 -27.90 -11.33
CA ASN B 169 16.45 -29.09 -11.18
C ASN B 169 16.23 -30.00 -12.39
N GLY B 170 15.70 -29.41 -13.46
CA GLY B 170 15.42 -30.13 -14.68
C GLY B 170 16.60 -30.87 -15.27
N PRO B 171 17.74 -30.19 -15.55
CA PRO B 171 18.88 -30.89 -16.12
C PRO B 171 19.74 -31.70 -15.15
N ASP B 172 19.34 -31.74 -13.88
CA ASP B 172 20.10 -32.46 -12.86
C ASP B 172 19.33 -33.65 -12.29
N ALA B 173 18.01 -33.61 -12.44
CA ALA B 173 17.16 -34.66 -11.90
C ALA B 173 17.41 -36.02 -12.54
N ASP B 174 17.58 -37.02 -11.68
CA ASP B 174 17.81 -38.40 -12.10
C ASP B 174 16.49 -39.14 -12.07
N VAL B 175 15.54 -38.56 -11.33
CA VAL B 175 14.18 -39.08 -11.18
C VAL B 175 13.29 -37.87 -11.31
N LEU B 176 12.23 -37.98 -12.12
CA LEU B 176 11.32 -36.86 -12.31
C LEU B 176 9.86 -37.33 -12.28
N ILE B 177 8.99 -36.49 -11.74
CA ILE B 177 7.56 -36.80 -11.69
C ILE B 177 6.88 -35.92 -12.74
N VAL B 178 6.49 -36.54 -13.86
CA VAL B 178 5.87 -35.83 -14.97
C VAL B 178 4.37 -36.13 -15.13
N TYR B 179 3.57 -35.09 -15.30
CA TYR B 179 2.14 -35.25 -15.50
C TYR B 179 1.85 -35.16 -16.98
N ALA B 180 1.19 -36.19 -17.53
CA ALA B 180 0.87 -36.21 -18.95
C ALA B 180 -0.60 -36.53 -19.17
N LYS B 181 -1.11 -36.15 -20.34
CA LYS B 181 -2.50 -36.39 -20.71
C LYS B 181 -2.69 -37.78 -21.34
N THR B 182 -3.15 -38.74 -20.55
CA THR B 182 -3.38 -40.10 -21.04
C THR B 182 -4.69 -40.17 -21.83
N ASP B 183 -5.65 -39.36 -21.41
CA ASP B 183 -6.96 -39.30 -22.06
C ASP B 183 -7.22 -37.86 -22.49
N LEU B 184 -6.77 -37.53 -23.69
CA LEU B 184 -6.96 -36.19 -24.24
C LEU B 184 -8.41 -35.89 -24.67
N ALA B 185 -9.29 -36.87 -24.52
CA ALA B 185 -10.70 -36.66 -24.87
C ALA B 185 -11.57 -36.84 -23.63
N ALA B 186 -10.96 -36.73 -22.46
CA ALA B 186 -11.69 -36.88 -21.21
C ALA B 186 -12.74 -35.76 -21.12
N VAL B 187 -13.98 -36.13 -20.74
CA VAL B 187 -15.07 -35.15 -20.64
C VAL B 187 -14.49 -33.99 -19.84
N PRO B 188 -14.28 -34.16 -18.52
CA PRO B 188 -13.68 -32.99 -17.86
C PRO B 188 -12.19 -33.28 -18.12
N ALA B 189 -11.49 -32.35 -18.77
CA ALA B 189 -10.08 -32.55 -19.10
C ALA B 189 -9.23 -33.07 -17.93
N SER B 190 -9.61 -32.71 -16.71
CA SER B 190 -8.90 -33.16 -15.51
C SER B 190 -8.95 -34.68 -15.31
N ARG B 191 -9.78 -35.36 -16.09
CA ARG B 191 -9.93 -36.81 -16.00
C ARG B 191 -9.02 -37.52 -16.99
N GLY B 192 -8.15 -36.77 -17.65
CA GLY B 192 -7.25 -37.39 -18.62
C GLY B 192 -5.78 -37.24 -18.30
N ILE B 193 -5.45 -37.02 -17.03
CA ILE B 193 -4.06 -36.83 -16.65
C ILE B 193 -3.51 -37.92 -15.74
N THR B 194 -2.29 -38.36 -16.03
CA THR B 194 -1.61 -39.40 -15.26
C THR B 194 -0.20 -38.91 -14.92
N ALA B 195 0.30 -39.26 -13.73
CA ALA B 195 1.64 -38.87 -13.30
C ALA B 195 2.57 -40.08 -13.50
N PHE B 196 3.72 -39.83 -14.12
CA PHE B 196 4.70 -40.88 -14.40
C PHE B 196 6.04 -40.51 -13.81
N ILE B 197 6.81 -41.52 -13.40
CA ILE B 197 8.15 -41.30 -12.87
C ILE B 197 9.09 -41.57 -14.04
N VAL B 198 9.75 -40.53 -14.53
CA VAL B 198 10.69 -40.71 -15.61
C VAL B 198 12.08 -40.64 -14.98
N GLU B 199 13.05 -41.26 -15.62
CA GLU B 199 14.39 -41.28 -15.09
C GLU B 199 15.35 -40.73 -16.13
N LYS B 200 16.48 -40.22 -15.67
CA LYS B 200 17.50 -39.68 -16.56
C LYS B 200 18.01 -40.83 -17.40
N GLY B 201 18.19 -40.59 -18.69
CA GLY B 201 18.69 -41.65 -19.54
C GLY B 201 17.65 -42.44 -20.33
N MET B 202 16.37 -42.31 -19.98
CA MET B 202 15.33 -43.02 -20.71
C MET B 202 15.37 -42.47 -22.13
N PRO B 203 15.41 -43.36 -23.12
CA PRO B 203 15.46 -42.97 -24.54
C PRO B 203 14.27 -42.09 -24.90
N GLY B 204 14.52 -41.00 -25.63
CA GLY B 204 13.47 -40.09 -26.01
C GLY B 204 13.50 -38.84 -25.17
N PHE B 205 13.65 -39.03 -23.86
CA PHE B 205 13.67 -37.92 -22.90
C PHE B 205 15.01 -37.16 -22.83
N SER B 206 14.95 -35.88 -23.19
CA SER B 206 16.12 -35.02 -23.16
C SER B 206 15.74 -33.71 -22.49
N THR B 207 16.71 -32.83 -22.29
CA THR B 207 16.45 -31.55 -21.65
C THR B 207 17.03 -30.44 -22.53
N SER B 208 16.76 -29.20 -22.18
CA SER B 208 17.29 -28.08 -22.93
C SER B 208 18.30 -27.33 -22.07
N LYS B 209 18.75 -26.20 -22.58
CA LYS B 209 19.72 -25.35 -21.89
C LYS B 209 19.01 -24.64 -20.74
N LYS B 210 19.73 -24.41 -19.64
CA LYS B 210 19.17 -23.73 -18.48
C LYS B 210 18.75 -22.31 -18.87
N LEU B 211 17.87 -21.73 -18.06
CA LEU B 211 17.38 -20.39 -18.36
C LEU B 211 18.17 -19.30 -17.70
N ASP B 212 18.14 -18.13 -18.32
CA ASP B 212 18.84 -16.97 -17.80
C ASP B 212 17.72 -16.19 -17.12
N LYS B 213 17.58 -16.38 -15.82
CA LYS B 213 16.53 -15.73 -15.06
C LYS B 213 16.98 -14.49 -14.32
N LEU B 214 16.01 -13.74 -13.82
CA LEU B 214 16.24 -12.51 -13.07
C LEU B 214 16.84 -12.85 -11.71
N GLY B 215 16.30 -13.88 -11.07
CA GLY B 215 16.79 -14.28 -9.77
C GLY B 215 16.79 -15.78 -9.75
N MET B 216 17.07 -16.35 -8.58
CA MET B 216 17.11 -17.80 -8.41
C MET B 216 18.14 -18.43 -9.35
N ARG B 217 19.12 -17.61 -9.74
CA ARG B 217 20.20 -18.05 -10.63
C ARG B 217 20.98 -19.05 -9.83
N GLY B 218 21.24 -20.21 -10.41
CA GLY B 218 21.96 -21.24 -9.68
C GLY B 218 21.03 -22.43 -9.53
N SER B 219 19.74 -22.13 -9.56
CA SER B 219 18.70 -23.17 -9.50
C SER B 219 18.43 -23.40 -10.99
N ASN B 220 18.78 -24.60 -11.44
CA ASN B 220 18.64 -24.93 -12.85
C ASN B 220 17.24 -25.20 -13.34
N THR B 221 16.80 -24.34 -14.25
CA THR B 221 15.48 -24.43 -14.85
C THR B 221 15.62 -24.67 -16.35
N CYS B 222 14.99 -25.73 -16.86
CA CYS B 222 15.07 -26.01 -18.28
C CYS B 222 13.80 -26.60 -18.82
N GLU B 223 13.82 -26.93 -20.11
CA GLU B 223 12.69 -27.52 -20.81
C GLU B 223 12.89 -29.01 -20.91
N LEU B 224 11.82 -29.76 -20.70
CA LEU B 224 11.85 -31.22 -20.80
C LEU B 224 11.34 -31.57 -22.19
N ILE B 225 11.97 -32.51 -22.86
CA ILE B 225 11.55 -32.91 -24.20
C ILE B 225 11.35 -34.42 -24.26
N PHE B 226 10.17 -34.84 -24.70
CA PHE B 226 9.84 -36.24 -24.81
C PHE B 226 9.53 -36.55 -26.25
N GLU B 227 10.26 -37.52 -26.80
CA GLU B 227 10.09 -37.93 -28.18
C GLU B 227 9.98 -39.44 -28.17
N ASP B 228 8.73 -39.92 -28.16
CA ASP B 228 8.42 -41.34 -28.12
C ASP B 228 9.11 -42.03 -26.94
N CYS B 229 9.21 -41.30 -25.84
CA CYS B 229 9.83 -41.80 -24.62
C CYS B 229 8.95 -42.91 -24.08
N LYS B 230 9.44 -44.14 -24.14
CA LYS B 230 8.69 -45.30 -23.67
C LYS B 230 8.77 -45.54 -22.15
N ILE B 231 7.69 -45.23 -21.45
CA ILE B 231 7.61 -45.41 -20.00
C ILE B 231 6.78 -46.64 -19.64
N PRO B 232 7.36 -47.58 -18.86
CA PRO B 232 6.60 -48.77 -18.47
C PRO B 232 5.43 -48.41 -17.57
N ALA B 233 4.33 -49.13 -17.75
CA ALA B 233 3.10 -48.92 -16.98
C ALA B 233 3.35 -48.94 -15.48
N ALA B 234 4.42 -49.61 -15.06
CA ALA B 234 4.76 -49.71 -13.65
C ALA B 234 5.28 -48.39 -13.05
N ASN B 235 5.64 -47.45 -13.91
CA ASN B 235 6.15 -46.17 -13.45
C ASN B 235 5.12 -45.08 -13.20
N ILE B 236 3.82 -45.40 -13.30
CA ILE B 236 2.84 -44.35 -13.07
C ILE B 236 2.57 -44.15 -11.58
N LEU B 237 2.68 -42.90 -11.17
CA LEU B 237 2.45 -42.51 -9.80
C LEU B 237 0.96 -42.57 -9.48
N GLY B 238 0.59 -43.35 -8.47
CA GLY B 238 -0.81 -43.45 -8.11
C GLY B 238 -1.60 -44.28 -9.10
N HIS B 239 -2.53 -43.65 -9.82
CA HIS B 239 -3.36 -44.35 -10.79
C HIS B 239 -3.49 -43.62 -12.12
N GLU B 240 -3.80 -44.37 -13.17
CA GLU B 240 -3.98 -43.78 -14.49
C GLU B 240 -5.21 -42.86 -14.45
N ASN B 241 -5.10 -41.70 -15.08
CA ASN B 241 -6.17 -40.70 -15.17
C ASN B 241 -6.54 -40.04 -13.85
N LYS B 242 -6.08 -40.61 -12.75
CA LYS B 242 -6.36 -40.04 -11.44
C LYS B 242 -5.14 -39.21 -10.99
N GLY B 243 -4.46 -38.63 -11.98
CA GLY B 243 -3.28 -37.83 -11.70
C GLY B 243 -3.59 -36.41 -11.28
N VAL B 244 -4.64 -35.82 -11.84
CA VAL B 244 -5.03 -34.44 -11.49
C VAL B 244 -5.06 -34.31 -9.98
N TYR B 245 -5.38 -35.42 -9.34
CA TYR B 245 -5.47 -35.50 -7.91
C TYR B 245 -4.18 -35.40 -7.14
N VAL B 246 -3.16 -36.15 -7.57
CA VAL B 246 -1.86 -36.12 -6.91
C VAL B 246 -1.29 -34.73 -7.15
N LEU B 247 -1.55 -34.22 -8.34
CA LEU B 247 -1.11 -32.88 -8.76
C LEU B 247 -1.65 -31.84 -7.78
N MET B 248 -2.97 -31.80 -7.65
CA MET B 248 -3.66 -30.85 -6.79
C MET B 248 -3.27 -30.98 -5.32
N SER B 249 -3.33 -32.20 -4.77
CA SER B 249 -2.96 -32.40 -3.38
C SER B 249 -1.52 -31.98 -3.09
N GLY B 250 -0.62 -32.28 -4.02
CA GLY B 250 0.77 -31.93 -3.86
C GLY B 250 1.01 -30.44 -3.94
N LEU B 251 0.09 -29.71 -4.57
CA LEU B 251 0.18 -28.27 -4.74
C LEU B 251 -0.04 -27.51 -3.44
N ASP B 252 -0.84 -28.08 -2.54
CA ASP B 252 -1.10 -27.41 -1.27
C ASP B 252 0.17 -27.48 -0.42
N LEU B 253 0.69 -28.70 -0.27
CA LEU B 253 1.89 -28.93 0.51
C LEU B 253 3.07 -28.15 -0.10
N GLU B 254 3.06 -27.99 -1.42
CA GLU B 254 4.09 -27.23 -2.10
C GLU B 254 4.08 -25.80 -1.61
N ARG B 255 2.91 -25.18 -1.64
CA ARG B 255 2.73 -23.80 -1.21
C ARG B 255 3.03 -23.62 0.29
N LEU B 256 2.74 -24.65 1.08
CA LEU B 256 2.98 -24.60 2.53
C LEU B 256 4.46 -24.55 2.80
N VAL B 257 5.17 -25.55 2.28
CA VAL B 257 6.60 -25.67 2.48
C VAL B 257 7.38 -24.55 1.81
N LEU B 258 7.06 -24.21 0.57
CA LEU B 258 7.76 -23.15 -0.14
C LEU B 258 7.61 -21.79 0.52
N ALA B 259 6.73 -21.72 1.51
CA ALA B 259 6.50 -20.49 2.24
C ALA B 259 7.78 -20.12 2.97
N GLY B 260 8.60 -21.14 3.23
CA GLY B 260 9.88 -20.96 3.90
C GLY B 260 10.81 -20.06 3.13
N GLY B 261 10.76 -20.13 1.80
CA GLY B 261 11.60 -19.29 0.97
C GLY B 261 11.46 -17.81 1.33
N PRO B 262 10.25 -17.24 1.20
CA PRO B 262 10.06 -15.83 1.54
C PRO B 262 10.50 -15.52 2.99
N LEU B 263 10.33 -16.48 3.88
CA LEU B 263 10.72 -16.31 5.27
C LEU B 263 12.23 -16.16 5.42
N GLY B 264 12.97 -17.04 4.76
CA GLY B 264 14.42 -17.00 4.80
C GLY B 264 14.96 -15.76 4.12
N LEU B 265 14.31 -15.34 3.03
CA LEU B 265 14.72 -14.16 2.30
C LEU B 265 14.51 -12.89 3.12
N MET B 266 13.38 -12.82 3.84
CA MET B 266 13.10 -11.65 4.66
C MET B 266 14.06 -11.62 5.83
N GLN B 267 14.46 -12.80 6.30
CA GLN B 267 15.40 -12.89 7.40
C GLN B 267 16.75 -12.38 6.92
N ALA B 268 17.19 -12.88 5.77
CA ALA B 268 18.46 -12.48 5.18
C ALA B 268 18.59 -10.97 5.01
N VAL B 269 17.49 -10.34 4.60
CA VAL B 269 17.46 -8.89 4.42
C VAL B 269 17.73 -8.24 5.77
N LEU B 270 17.02 -8.72 6.80
CA LEU B 270 17.18 -8.17 8.15
C LEU B 270 18.59 -8.35 8.66
N ASP B 271 19.17 -9.52 8.38
CA ASP B 271 20.52 -9.84 8.81
C ASP B 271 21.52 -8.79 8.37
N HIS B 272 21.28 -8.19 7.20
CA HIS B 272 22.18 -7.18 6.66
C HIS B 272 21.76 -5.74 6.96
N THR B 273 20.48 -5.45 6.82
CA THR B 273 19.97 -4.11 7.06
C THR B 273 20.15 -3.63 8.50
N ILE B 274 19.77 -4.47 9.46
CA ILE B 274 19.86 -4.11 10.88
C ILE B 274 21.25 -3.62 11.29
N PRO B 275 22.29 -4.46 11.14
CA PRO B 275 23.61 -3.98 11.53
C PRO B 275 24.13 -2.79 10.70
N TYR B 276 23.81 -2.77 9.40
CA TYR B 276 24.26 -1.68 8.52
C TYR B 276 23.74 -0.33 9.00
N LEU B 277 22.46 -0.30 9.36
CA LEU B 277 21.81 0.90 9.86
C LEU B 277 22.48 1.41 11.13
N HIS B 278 23.20 0.54 11.82
CA HIS B 278 23.88 0.94 13.03
C HIS B 278 25.39 1.10 12.84
N VAL B 279 25.81 1.20 11.59
CA VAL B 279 27.23 1.38 11.29
C VAL B 279 27.39 2.59 10.39
N ARG B 280 26.51 2.71 9.40
CA ARG B 280 26.55 3.84 8.49
C ARG B 280 26.09 5.04 9.26
N GLU B 281 26.78 6.16 9.05
CA GLU B 281 26.45 7.37 9.76
C GLU B 281 26.29 8.53 8.79
N ALA B 282 25.26 9.33 9.02
CA ALA B 282 25.00 10.49 8.19
C ALA B 282 24.50 11.55 9.14
N PHE B 283 24.86 12.79 8.86
CA PHE B 283 24.45 13.92 9.67
C PHE B 283 24.89 13.80 11.12
N GLY B 284 26.00 13.10 11.34
CA GLY B 284 26.52 12.95 12.69
C GLY B 284 25.98 11.82 13.54
N GLN B 285 25.24 10.89 12.96
CA GLN B 285 24.71 9.76 13.73
C GLN B 285 24.38 8.58 12.86
N LYS B 286 24.23 7.41 13.48
CA LYS B 286 23.90 6.19 12.77
C LYS B 286 22.58 6.45 12.08
N ILE B 287 22.51 6.14 10.79
CA ILE B 287 21.29 6.36 10.04
C ILE B 287 20.08 5.69 10.72
N GLY B 288 20.34 4.60 11.43
CA GLY B 288 19.27 3.88 12.10
C GLY B 288 18.67 4.62 13.29
N HIS B 289 19.15 5.82 13.54
CA HIS B 289 18.63 6.61 14.67
C HIS B 289 17.60 7.64 14.21
N PHE B 290 17.47 7.78 12.90
CA PHE B 290 16.51 8.71 12.31
C PHE B 290 15.19 7.99 12.28
N GLN B 291 14.11 8.70 12.59
CA GLN B 291 12.77 8.12 12.62
C GLN B 291 12.40 7.31 11.41
N LEU B 292 12.57 7.90 10.22
CA LEU B 292 12.23 7.21 8.98
C LEU B 292 12.88 5.84 8.88
N MET B 293 14.10 5.72 9.39
CA MET B 293 14.84 4.45 9.39
C MET B 293 14.31 3.52 10.46
N GLN B 294 13.95 4.07 11.61
CA GLN B 294 13.40 3.27 12.70
C GLN B 294 12.04 2.72 12.28
N GLY B 295 11.34 3.47 11.42
CA GLY B 295 10.06 3.05 10.93
C GLY B 295 10.29 1.87 10.01
N LYS B 296 11.28 1.99 9.14
CA LYS B 296 11.63 0.93 8.19
C LYS B 296 11.91 -0.40 8.91
N MET B 297 12.71 -0.35 9.97
CA MET B 297 13.05 -1.55 10.73
C MET B 297 11.78 -2.18 11.24
N ALA B 298 10.96 -1.36 11.89
CA ALA B 298 9.69 -1.78 12.47
C ALA B 298 8.82 -2.55 11.46
N ASP B 299 8.65 -1.97 10.27
CA ASP B 299 7.85 -2.59 9.21
C ASP B 299 8.42 -3.89 8.68
N MET B 300 9.72 -3.92 8.45
CA MET B 300 10.40 -5.12 7.93
C MET B 300 10.31 -6.20 8.98
N TYR B 301 10.52 -5.79 10.22
CA TYR B 301 10.48 -6.71 11.34
C TYR B 301 9.09 -7.33 11.55
N THR B 302 8.07 -6.49 11.67
CA THR B 302 6.71 -6.98 11.89
C THR B 302 6.21 -7.88 10.75
N ARG B 303 6.51 -7.49 9.51
CA ARG B 303 6.10 -8.28 8.37
C ARG B 303 6.72 -9.68 8.43
N LEU B 304 8.00 -9.75 8.79
CA LEU B 304 8.69 -11.03 8.88
C LEU B 304 8.08 -11.84 10.04
N MET B 305 7.91 -11.19 11.20
CA MET B 305 7.33 -11.85 12.37
C MET B 305 5.92 -12.38 12.18
N ALA B 306 5.08 -11.60 11.50
CA ALA B 306 3.69 -12.00 11.28
C ALA B 306 3.60 -13.19 10.32
N CYS B 307 4.36 -13.12 9.23
CA CYS B 307 4.36 -14.21 8.25
C CYS B 307 4.92 -15.48 8.84
N ARG B 308 5.93 -15.34 9.71
CA ARG B 308 6.57 -16.46 10.37
C ARG B 308 5.54 -17.22 11.22
N GLN B 309 4.85 -16.49 12.11
CA GLN B 309 3.86 -17.13 12.96
C GLN B 309 2.73 -17.73 12.12
N TYR B 310 2.37 -17.04 11.05
CA TYR B 310 1.31 -17.50 10.14
C TYR B 310 1.69 -18.84 9.52
N VAL B 311 2.85 -18.90 8.87
CA VAL B 311 3.30 -20.14 8.24
C VAL B 311 3.57 -21.26 9.22
N TYR B 312 4.17 -20.95 10.36
CA TYR B 312 4.48 -21.99 11.34
C TYR B 312 3.25 -22.64 11.92
N ASN B 313 2.27 -21.82 12.30
CA ASN B 313 1.04 -22.36 12.88
C ASN B 313 0.28 -23.22 11.89
N VAL B 314 0.18 -22.74 10.65
CA VAL B 314 -0.51 -23.49 9.61
C VAL B 314 0.18 -24.85 9.42
N ALA B 315 1.51 -24.84 9.41
CA ALA B 315 2.27 -26.08 9.25
C ALA B 315 2.07 -27.02 10.43
N LYS B 316 2.05 -26.47 11.65
CA LYS B 316 1.84 -27.28 12.85
C LYS B 316 0.50 -28.01 12.72
N ALA B 317 -0.52 -27.28 12.29
CA ALA B 317 -1.87 -27.82 12.11
C ALA B 317 -1.90 -28.90 11.04
N CYS B 318 -1.13 -28.71 9.98
CA CYS B 318 -1.05 -29.69 8.90
C CYS B 318 -0.44 -31.00 9.43
N ASP B 319 0.55 -30.88 10.32
CA ASP B 319 1.19 -32.05 10.91
C ASP B 319 0.22 -32.74 11.86
N GLU B 320 -0.83 -32.03 12.25
CA GLU B 320 -1.84 -32.57 13.13
C GLU B 320 -2.99 -33.14 12.29
N GLY B 321 -2.79 -33.13 10.98
CA GLY B 321 -3.80 -33.65 10.07
C GLY B 321 -4.81 -32.63 9.57
N HIS B 322 -4.54 -31.36 9.79
CA HIS B 322 -5.47 -30.33 9.34
C HIS B 322 -4.88 -29.36 8.32
N CYS B 323 -5.05 -29.70 7.05
CA CYS B 323 -4.56 -28.90 5.94
C CYS B 323 -5.74 -28.54 5.04
N THR B 324 -5.71 -27.33 4.48
CA THR B 324 -6.75 -26.85 3.58
C THR B 324 -6.11 -26.07 2.44
N ALA B 325 -6.67 -26.19 1.25
CA ALA B 325 -6.14 -25.49 0.09
C ALA B 325 -6.06 -23.98 0.30
N LYS B 326 -7.10 -23.39 0.89
CA LYS B 326 -7.08 -21.95 1.08
C LYS B 326 -6.04 -21.49 2.07
N ASP B 327 -5.78 -22.29 3.09
CA ASP B 327 -4.79 -21.93 4.10
C ASP B 327 -3.34 -22.13 3.64
N CYS B 328 -3.14 -23.11 2.76
CA CYS B 328 -1.80 -23.36 2.21
C CYS B 328 -1.51 -22.25 1.21
N ALA B 329 -2.52 -21.86 0.44
CA ALA B 329 -2.36 -20.79 -0.54
C ALA B 329 -2.28 -19.45 0.20
N GLY B 330 -2.99 -19.33 1.30
CA GLY B 330 -2.98 -18.09 2.06
C GLY B 330 -1.62 -17.74 2.63
N VAL B 331 -0.98 -18.75 3.22
CA VAL B 331 0.33 -18.64 3.84
C VAL B 331 1.38 -18.12 2.89
N ILE B 332 1.45 -18.70 1.68
CA ILE B 332 2.45 -18.26 0.72
C ILE B 332 2.05 -17.00 -0.04
N LEU B 333 0.75 -16.76 -0.19
CA LEU B 333 0.29 -15.55 -0.88
C LEU B 333 0.76 -14.35 -0.08
N TYR B 334 0.49 -14.38 1.22
CA TYR B 334 0.86 -13.30 2.13
C TYR B 334 2.37 -13.16 2.27
N SER B 335 3.05 -14.27 2.57
CA SER B 335 4.50 -14.25 2.73
C SER B 335 5.25 -13.78 1.49
N ALA B 336 4.89 -14.30 0.33
CA ALA B 336 5.55 -13.94 -0.92
C ALA B 336 5.53 -12.45 -1.21
N GLU B 337 4.39 -11.81 -0.96
CA GLU B 337 4.28 -10.38 -1.20
C GLU B 337 4.98 -9.54 -0.15
N CYS B 338 5.07 -10.05 1.07
CA CYS B 338 5.78 -9.32 2.11
C CYS B 338 7.27 -9.37 1.81
N ALA B 339 7.74 -10.55 1.41
CA ALA B 339 9.14 -10.80 1.06
C ALA B 339 9.65 -9.75 0.08
N THR B 340 8.95 -9.58 -1.03
CA THR B 340 9.34 -8.62 -2.04
C THR B 340 9.44 -7.18 -1.54
N GLN B 341 8.43 -6.71 -0.82
CA GLN B 341 8.47 -5.33 -0.33
C GLN B 341 9.59 -5.15 0.68
N VAL B 342 9.78 -6.14 1.55
CA VAL B 342 10.85 -6.11 2.56
C VAL B 342 12.18 -5.99 1.81
N ALA B 343 12.37 -6.86 0.82
CA ALA B 343 13.57 -6.90 0.00
C ALA B 343 13.84 -5.55 -0.65
N LEU B 344 12.76 -4.86 -0.98
CA LEU B 344 12.83 -3.56 -1.64
C LEU B 344 13.29 -2.50 -0.64
N ASP B 345 12.91 -2.68 0.62
CA ASP B 345 13.29 -1.76 1.68
C ASP B 345 14.76 -1.95 2.04
N GLY B 346 15.23 -3.20 1.94
CA GLY B 346 16.62 -3.53 2.23
C GLY B 346 17.55 -2.73 1.35
N ILE B 347 17.28 -2.73 0.05
CA ILE B 347 18.09 -1.97 -0.88
C ILE B 347 18.05 -0.51 -0.47
N GLN B 348 16.85 0.00 -0.21
CA GLN B 348 16.68 1.40 0.20
C GLN B 348 17.55 1.80 1.39
N CYS B 349 17.60 0.92 2.39
CA CYS B 349 18.38 1.17 3.60
C CYS B 349 19.88 1.30 3.35
N PHE B 350 20.36 0.63 2.31
CA PHE B 350 21.76 0.66 1.97
C PHE B 350 22.14 1.79 1.02
N GLY B 351 21.17 2.53 0.51
CA GLY B 351 21.45 3.62 -0.40
C GLY B 351 22.19 3.06 -1.61
N GLY B 352 23.08 3.87 -2.19
CA GLY B 352 23.84 3.43 -3.35
C GLY B 352 24.44 2.05 -3.23
N ASN B 353 24.83 1.67 -2.00
CA ASN B 353 25.42 0.36 -1.75
C ASN B 353 24.44 -0.77 -2.02
N GLY B 354 23.18 -0.53 -1.72
CA GLY B 354 22.18 -1.55 -1.97
C GLY B 354 21.97 -1.77 -3.45
N TYR B 355 22.36 -0.77 -4.25
CA TYR B 355 22.20 -0.80 -5.69
C TYR B 355 23.35 -1.44 -6.48
N ILE B 356 24.40 -1.90 -5.80
CA ILE B 356 25.52 -2.53 -6.50
C ILE B 356 25.56 -4.04 -6.19
N ASN B 357 25.97 -4.83 -7.18
CA ASN B 357 26.02 -6.27 -7.04
C ASN B 357 27.05 -6.81 -6.05
N ASP B 358 27.85 -5.90 -5.50
CA ASP B 358 28.85 -6.26 -4.50
C ASP B 358 28.12 -6.66 -3.23
N PHE B 359 26.93 -6.09 -3.06
CA PHE B 359 26.07 -6.39 -1.91
C PHE B 359 24.95 -7.34 -2.38
N PRO B 360 24.41 -8.14 -1.46
CA PRO B 360 23.34 -9.07 -1.83
C PRO B 360 21.92 -8.52 -1.71
N MET B 361 21.79 -7.22 -1.42
CA MET B 361 20.49 -6.60 -1.27
C MET B 361 19.66 -6.75 -2.54
N GLY B 362 20.32 -6.52 -3.68
CA GLY B 362 19.66 -6.65 -4.96
C GLY B 362 19.31 -8.09 -5.27
N ARG B 363 20.07 -9.04 -4.75
CA ARG B 363 19.79 -10.44 -5.01
C ARG B 363 18.51 -10.86 -4.30
N PHE B 364 18.38 -10.43 -3.05
CA PHE B 364 17.20 -10.74 -2.24
C PHE B 364 15.92 -10.32 -2.98
N LEU B 365 15.96 -9.16 -3.62
CA LEU B 365 14.84 -8.64 -4.40
C LEU B 365 14.53 -9.56 -5.58
N ARG B 366 15.52 -9.77 -6.42
CA ARG B 366 15.37 -10.61 -7.60
C ARG B 366 15.00 -12.06 -7.31
N ASP B 367 15.33 -12.54 -6.11
CA ASP B 367 14.98 -13.91 -5.73
C ASP B 367 13.52 -13.91 -5.20
N ALA B 368 13.22 -12.99 -4.29
CA ALA B 368 11.89 -12.86 -3.66
C ALA B 368 10.69 -12.83 -4.63
N LYS B 369 10.84 -12.05 -5.71
CA LYS B 369 9.79 -11.92 -6.71
C LYS B 369 9.34 -13.24 -7.31
N LEU B 370 10.23 -14.23 -7.38
CA LEU B 370 9.87 -15.51 -7.93
C LEU B 370 8.69 -16.10 -7.18
N TYR B 371 8.68 -15.95 -5.86
CA TYR B 371 7.62 -16.52 -5.03
C TYR B 371 6.20 -16.02 -5.27
N GLU B 372 6.05 -14.95 -6.04
CA GLU B 372 4.74 -14.42 -6.35
C GLU B 372 4.33 -15.00 -7.70
N ILE B 373 5.17 -15.86 -8.25
CA ILE B 373 4.95 -16.47 -9.55
C ILE B 373 4.94 -18.00 -9.44
N GLY B 374 6.04 -18.53 -8.91
CA GLY B 374 6.16 -19.97 -8.76
C GLY B 374 5.21 -20.48 -7.70
N ALA B 375 4.82 -21.75 -7.82
CA ALA B 375 3.88 -22.35 -6.88
C ALA B 375 2.51 -21.71 -7.07
N GLY B 376 2.31 -21.10 -8.24
CA GLY B 376 1.05 -20.43 -8.53
C GLY B 376 1.21 -18.95 -8.28
N THR B 377 0.81 -18.13 -9.25
CA THR B 377 0.89 -16.68 -9.11
C THR B 377 -0.02 -16.15 -7.98
N SER B 378 0.20 -14.91 -7.57
CA SER B 378 -0.60 -14.30 -6.51
C SER B 378 -2.09 -14.32 -6.89
N GLU B 379 -2.36 -14.13 -8.18
CA GLU B 379 -3.72 -14.13 -8.72
C GLU B 379 -4.39 -15.49 -8.53
N VAL B 380 -3.73 -16.55 -8.99
CA VAL B 380 -4.25 -17.91 -8.85
C VAL B 380 -4.48 -18.28 -7.38
N ARG B 381 -3.69 -17.71 -6.49
CA ARG B 381 -3.82 -17.98 -5.06
C ARG B 381 -5.05 -17.30 -4.49
N ARG B 382 -5.30 -16.08 -4.95
CA ARG B 382 -6.48 -15.34 -4.50
C ARG B 382 -7.73 -16.09 -4.95
N LEU B 383 -7.69 -16.63 -6.17
CA LEU B 383 -8.80 -17.38 -6.70
C LEU B 383 -9.08 -18.60 -5.81
N VAL B 384 -8.02 -19.31 -5.43
CA VAL B 384 -8.14 -20.49 -4.58
C VAL B 384 -8.83 -20.18 -3.26
N ILE B 385 -8.45 -19.07 -2.64
CA ILE B 385 -9.06 -18.67 -1.37
C ILE B 385 -10.51 -18.25 -1.56
N GLY B 386 -10.74 -17.31 -2.48
CA GLY B 386 -12.09 -16.84 -2.75
C GLY B 386 -13.03 -17.98 -3.11
N ARG B 387 -12.53 -18.92 -3.92
CA ARG B 387 -13.30 -20.08 -4.33
C ARG B 387 -13.67 -20.97 -3.14
N ALA B 388 -12.78 -21.06 -2.17
CA ALA B 388 -13.03 -21.89 -1.00
C ALA B 388 -14.24 -21.34 -0.26
N PHE B 389 -14.33 -20.02 -0.17
CA PHE B 389 -15.45 -19.37 0.49
C PHE B 389 -16.69 -19.51 -0.39
N ASN B 390 -16.48 -19.56 -1.70
CA ASN B 390 -17.55 -19.71 -2.66
C ASN B 390 -18.25 -21.02 -2.43
N ALA B 391 -17.47 -22.05 -2.13
CA ALA B 391 -18.01 -23.37 -1.89
C ALA B 391 -18.56 -23.51 -0.48
N ASP B 392 -18.13 -22.63 0.42
CA ASP B 392 -18.56 -22.68 1.81
C ASP B 392 -20.06 -22.36 2.00
N VAL C 6 -16.97 -19.53 11.61
CA VAL C 6 -16.27 -20.30 12.63
C VAL C 6 -14.74 -20.09 12.60
N ASP C 7 -14.14 -19.70 13.73
CA ASP C 7 -12.70 -19.48 13.81
C ASP C 7 -11.96 -20.79 13.72
N ASP C 8 -11.11 -20.94 12.71
CA ASP C 8 -10.36 -22.20 12.57
C ASP C 8 -9.36 -22.23 13.69
N ALA C 9 -9.54 -23.14 14.63
CA ALA C 9 -8.58 -23.21 15.70
C ALA C 9 -7.30 -23.96 15.30
N ILE C 10 -6.66 -23.32 14.33
CA ILE C 10 -5.38 -23.66 13.68
C ILE C 10 -4.44 -22.77 14.53
N ASN C 11 -5.09 -21.86 15.25
CA ASN C 11 -4.47 -20.92 16.15
C ASN C 11 -3.73 -21.65 17.25
N GLY C 12 -3.91 -22.97 17.32
CA GLY C 12 -3.26 -23.78 18.33
C GLY C 12 -3.82 -23.56 19.71
N LEU C 13 -5.14 -23.55 19.83
CA LEU C 13 -5.77 -23.35 21.11
C LEU C 13 -6.13 -24.71 21.69
N SER C 14 -5.98 -24.84 23.01
CA SER C 14 -6.28 -26.10 23.68
C SER C 14 -7.79 -26.22 23.79
N GLU C 15 -8.25 -27.43 24.09
CA GLU C 15 -9.66 -27.71 24.24
C GLU C 15 -10.33 -26.68 25.14
N GLU C 16 -9.75 -26.45 26.30
CA GLU C 16 -10.28 -25.51 27.27
C GLU C 16 -10.38 -24.09 26.74
N GLN C 17 -9.41 -23.70 25.93
CA GLN C 17 -9.40 -22.36 25.36
C GLN C 17 -10.46 -22.24 24.25
N ARG C 18 -10.70 -23.34 23.55
CA ARG C 18 -11.69 -23.36 22.50
C ARG C 18 -13.06 -23.26 23.16
N GLN C 19 -13.19 -23.88 24.32
CA GLN C 19 -14.42 -23.83 25.08
C GLN C 19 -14.68 -22.42 25.57
N LEU C 20 -13.64 -21.73 26.01
CA LEU C 20 -13.77 -20.36 26.49
C LEU C 20 -14.30 -19.49 25.36
N ARG C 21 -13.75 -19.69 24.17
CA ARG C 21 -14.17 -18.97 22.98
C ARG C 21 -15.66 -19.21 22.74
N GLN C 22 -16.04 -20.48 22.71
CA GLN C 22 -17.42 -20.86 22.48
C GLN C 22 -18.34 -20.24 23.51
N THR C 23 -18.02 -20.41 24.78
CA THR C 23 -18.82 -19.85 25.84
C THR C 23 -19.05 -18.36 25.58
N MET C 24 -17.96 -17.63 25.35
CA MET C 24 -18.05 -16.19 25.11
C MET C 24 -18.88 -15.86 23.89
N ALA C 25 -18.63 -16.57 22.79
CA ALA C 25 -19.34 -16.35 21.54
C ALA C 25 -20.85 -16.45 21.73
N LYS C 26 -21.29 -17.58 22.27
CA LYS C 26 -22.70 -17.86 22.51
C LYS C 26 -23.33 -16.78 23.39
N PHE C 27 -22.74 -16.59 24.57
CA PHE C 27 -23.23 -15.60 25.51
C PHE C 27 -23.38 -14.23 24.87
N LEU C 28 -22.29 -13.74 24.29
CA LEU C 28 -22.24 -12.44 23.64
C LEU C 28 -23.24 -12.34 22.50
N GLN C 29 -23.41 -13.45 21.79
CA GLN C 29 -24.33 -13.54 20.64
C GLN C 29 -25.74 -13.07 21.00
N GLU C 30 -26.20 -13.44 22.18
CA GLU C 30 -27.52 -13.06 22.63
C GLU C 30 -27.58 -11.89 23.61
N HIS C 31 -26.51 -11.67 24.37
CA HIS C 31 -26.51 -10.59 25.36
C HIS C 31 -25.92 -9.26 24.98
N LEU C 32 -25.05 -9.24 23.98
CA LEU C 32 -24.42 -7.98 23.59
C LEU C 32 -24.52 -7.65 22.11
N ALA C 33 -24.32 -8.65 21.26
CA ALA C 33 -24.38 -8.44 19.81
C ALA C 33 -25.59 -7.66 19.33
N PRO C 34 -26.81 -8.09 19.74
CA PRO C 34 -28.01 -7.37 19.30
C PRO C 34 -28.10 -5.89 19.72
N LYS C 35 -27.52 -5.57 20.89
CA LYS C 35 -27.53 -4.20 21.42
C LYS C 35 -26.45 -3.28 20.86
N ALA C 36 -25.45 -3.88 20.23
CA ALA C 36 -24.31 -3.17 19.66
C ALA C 36 -24.67 -1.91 18.88
N GLN C 37 -25.55 -2.05 17.89
CA GLN C 37 -25.95 -0.89 17.08
C GLN C 37 -26.52 0.24 17.93
N GLU C 38 -27.39 -0.11 18.87
CA GLU C 38 -28.02 0.86 19.73
C GLU C 38 -26.99 1.59 20.57
N ILE C 39 -26.09 0.82 21.18
CA ILE C 39 -25.02 1.36 22.02
C ILE C 39 -24.26 2.46 21.29
N ASP C 40 -23.78 2.11 20.10
CA ASP C 40 -23.03 3.03 19.24
C ASP C 40 -23.86 4.27 18.93
N ARG C 41 -25.07 4.06 18.41
CA ARG C 41 -25.98 5.15 18.05
C ARG C 41 -26.27 6.09 19.21
N SER C 42 -26.63 5.51 20.35
CA SER C 42 -26.92 6.30 21.52
C SER C 42 -25.70 6.80 22.29
N ASN C 43 -24.52 6.30 21.92
CA ASN C 43 -23.25 6.69 22.57
C ASN C 43 -23.41 6.38 24.06
N GLU C 44 -24.03 5.25 24.35
CA GLU C 44 -24.31 4.87 25.72
C GLU C 44 -24.62 3.39 25.84
N PHE C 45 -24.12 2.77 26.91
CA PHE C 45 -24.39 1.35 27.18
C PHE C 45 -25.29 1.39 28.42
N LYS C 46 -26.60 1.30 28.18
CA LYS C 46 -27.64 1.36 29.23
C LYS C 46 -27.47 0.33 30.33
N ASN C 47 -27.19 -0.92 29.98
CA ASN C 47 -27.02 -1.93 31.02
C ASN C 47 -25.58 -2.35 31.28
N LEU C 48 -24.69 -1.36 31.29
CA LEU C 48 -23.26 -1.56 31.56
C LEU C 48 -23.08 -2.29 32.89
N ARG C 49 -23.56 -1.66 33.96
CA ARG C 49 -23.46 -2.21 35.32
C ARG C 49 -23.88 -3.65 35.38
N GLU C 50 -25.03 -3.92 34.80
CA GLU C 50 -25.60 -5.25 34.78
C GLU C 50 -24.75 -6.24 33.99
N PHE C 51 -24.25 -5.78 32.85
CA PHE C 51 -23.42 -6.61 31.98
C PHE C 51 -22.13 -7.01 32.68
N TRP C 52 -21.54 -6.07 33.39
CA TRP C 52 -20.32 -6.31 34.13
C TRP C 52 -20.50 -7.44 35.12
N LYS C 53 -21.63 -7.43 35.81
CA LYS C 53 -21.93 -8.46 36.78
C LYS C 53 -21.93 -9.82 36.10
N GLN C 54 -22.47 -9.88 34.89
CA GLN C 54 -22.57 -11.12 34.12
C GLN C 54 -21.19 -11.59 33.68
N LEU C 55 -20.39 -10.64 33.23
CA LEU C 55 -19.03 -10.90 32.80
C LEU C 55 -18.25 -11.46 34.01
N GLY C 56 -18.51 -10.88 35.17
CA GLY C 56 -17.85 -11.31 36.38
C GLY C 56 -18.24 -12.72 36.74
N ASN C 57 -19.51 -13.03 36.51
CA ASN C 57 -20.06 -14.35 36.79
C ASN C 57 -19.44 -15.40 35.89
N LEU C 58 -19.11 -14.99 34.67
CA LEU C 58 -18.45 -15.87 33.70
C LEU C 58 -16.98 -16.01 34.11
N GLY C 59 -16.51 -15.05 34.90
CA GLY C 59 -15.14 -15.05 35.37
C GLY C 59 -14.15 -14.44 34.38
N VAL C 60 -14.65 -13.67 33.42
CA VAL C 60 -13.78 -13.09 32.42
C VAL C 60 -13.22 -11.71 32.78
N LEU C 61 -13.69 -11.11 33.86
CA LEU C 61 -13.20 -9.80 34.28
C LEU C 61 -11.81 -9.91 34.93
N GLY C 62 -11.66 -10.84 35.88
CA GLY C 62 -10.38 -11.05 36.52
C GLY C 62 -9.76 -12.30 35.92
N ILE C 63 -9.81 -12.37 34.59
CA ILE C 63 -9.29 -13.49 33.81
C ILE C 63 -7.86 -13.89 34.17
N THR C 64 -6.97 -12.90 34.25
CA THR C 64 -5.57 -13.14 34.59
C THR C 64 -5.28 -12.84 36.07
N ALA C 65 -6.34 -12.71 36.87
CA ALA C 65 -6.19 -12.41 38.28
C ALA C 65 -6.12 -13.68 39.09
N PRO C 66 -5.36 -13.66 40.20
CA PRO C 66 -5.21 -14.82 41.08
C PRO C 66 -6.52 -15.34 41.66
N VAL C 67 -6.70 -16.65 41.56
CA VAL C 67 -7.89 -17.34 42.07
C VAL C 67 -8.19 -16.93 43.50
N GLN C 68 -7.15 -16.54 44.20
CA GLN C 68 -7.26 -16.12 45.58
C GLN C 68 -8.32 -15.04 45.76
N TYR C 69 -8.36 -14.07 44.85
CA TYR C 69 -9.33 -12.98 44.92
C TYR C 69 -10.55 -13.24 44.01
N GLY C 70 -10.79 -14.52 43.71
CA GLY C 70 -11.91 -14.91 42.87
C GLY C 70 -11.61 -14.78 41.39
N GLY C 71 -10.33 -14.63 41.04
CA GLY C 71 -9.94 -14.52 39.65
C GLY C 71 -9.88 -15.89 39.01
N SER C 72 -9.71 -15.93 37.69
CA SER C 72 -9.63 -17.19 36.98
C SER C 72 -8.21 -17.77 37.02
N GLY C 73 -7.22 -16.90 37.20
CA GLY C 73 -5.84 -17.34 37.25
C GLY C 73 -5.38 -17.94 35.94
N LEU C 74 -5.71 -17.28 34.84
CA LEU C 74 -5.31 -17.72 33.51
C LEU C 74 -4.37 -16.68 32.93
N GLY C 75 -3.92 -16.89 31.70
CA GLY C 75 -2.99 -15.96 31.09
C GLY C 75 -3.50 -15.07 29.99
N TYR C 76 -2.58 -14.24 29.48
CA TYR C 76 -2.85 -13.28 28.42
C TYR C 76 -3.44 -13.85 27.14
N LEU C 77 -3.10 -15.09 26.78
CA LEU C 77 -3.69 -15.67 25.57
C LEU C 77 -5.22 -15.75 25.71
N GLU C 78 -5.66 -16.20 26.89
CA GLU C 78 -7.09 -16.31 27.18
C GLU C 78 -7.72 -14.93 27.22
N HIS C 79 -6.99 -13.98 27.80
CA HIS C 79 -7.46 -12.62 27.91
C HIS C 79 -7.58 -11.95 26.53
N VAL C 80 -6.77 -12.39 25.58
CA VAL C 80 -6.80 -11.84 24.23
C VAL C 80 -8.03 -12.44 23.54
N LEU C 81 -8.32 -13.70 23.86
CA LEU C 81 -9.46 -14.40 23.30
C LEU C 81 -10.71 -13.67 23.71
N VAL C 82 -10.91 -13.51 25.02
CA VAL C 82 -12.07 -12.83 25.56
C VAL C 82 -12.20 -11.42 24.97
N MET C 83 -11.10 -10.66 24.98
CA MET C 83 -11.08 -9.32 24.43
C MET C 83 -11.56 -9.32 22.99
N GLU C 84 -11.05 -10.28 22.23
CA GLU C 84 -11.38 -10.47 20.82
C GLU C 84 -12.86 -10.73 20.61
N GLU C 85 -13.43 -11.66 21.37
CA GLU C 85 -14.83 -12.00 21.26
C GLU C 85 -15.77 -10.84 21.58
N ILE C 86 -15.49 -10.15 22.68
CA ILE C 86 -16.30 -9.02 23.08
C ILE C 86 -16.21 -7.92 22.03
N SER C 87 -15.03 -7.71 21.45
CA SER C 87 -14.86 -6.70 20.42
C SER C 87 -15.60 -7.10 19.14
N ARG C 88 -15.77 -8.41 18.95
CA ARG C 88 -16.46 -8.95 17.80
C ARG C 88 -17.94 -8.58 17.91
N ALA C 89 -18.44 -8.60 19.14
CA ALA C 89 -19.83 -8.27 19.43
C ALA C 89 -20.01 -6.76 19.47
N SER C 90 -19.12 -6.06 20.15
CA SER C 90 -19.18 -4.60 20.26
C SER C 90 -17.79 -4.02 20.50
N GLY C 91 -17.38 -3.11 19.62
CA GLY C 91 -16.09 -2.50 19.75
C GLY C 91 -15.99 -1.66 21.02
N ALA C 92 -17.02 -0.85 21.27
CA ALA C 92 -17.05 0.02 22.43
C ALA C 92 -16.97 -0.74 23.74
N VAL C 93 -17.71 -1.85 23.85
CA VAL C 93 -17.70 -2.64 25.07
C VAL C 93 -16.39 -3.41 25.20
N GLY C 94 -15.79 -3.74 24.07
CA GLY C 94 -14.52 -4.45 24.08
C GLY C 94 -13.47 -3.55 24.72
N LEU C 95 -13.46 -2.28 24.29
CA LEU C 95 -12.53 -1.29 24.82
C LEU C 95 -12.75 -1.11 26.33
N SER C 96 -14.00 -0.92 26.72
CA SER C 96 -14.34 -0.73 28.12
C SER C 96 -13.86 -1.93 28.91
N TYR C 97 -14.08 -3.12 28.37
CA TYR C 97 -13.65 -4.35 29.03
C TYR C 97 -12.13 -4.33 29.16
N GLY C 98 -11.46 -3.93 28.10
CA GLY C 98 -10.01 -3.86 28.08
C GLY C 98 -9.45 -2.94 29.15
N ALA C 99 -10.07 -1.75 29.31
CA ALA C 99 -9.63 -0.80 30.33
C ALA C 99 -9.84 -1.35 31.73
N HIS C 100 -10.93 -2.07 31.94
CA HIS C 100 -11.23 -2.64 33.25
C HIS C 100 -10.36 -3.85 33.61
N SER C 101 -10.43 -4.89 32.80
CA SER C 101 -9.69 -6.13 33.04
C SER C 101 -8.16 -6.07 32.95
N ASN C 102 -7.63 -5.26 32.04
CA ASN C 102 -6.19 -5.15 31.90
C ASN C 102 -5.61 -3.89 32.53
N LEU C 103 -5.93 -2.74 31.96
CA LEU C 103 -5.40 -1.48 32.47
C LEU C 103 -5.50 -1.36 33.97
N CYS C 104 -6.70 -1.57 34.51
CA CYS C 104 -6.91 -1.47 35.93
C CYS C 104 -6.56 -2.73 36.71
N ILE C 105 -7.37 -3.77 36.55
CA ILE C 105 -7.16 -5.01 37.28
C ILE C 105 -5.75 -5.60 37.19
N ASN C 106 -5.29 -5.93 35.99
CA ASN C 106 -3.97 -6.53 35.82
C ASN C 106 -2.89 -5.70 36.51
N GLN C 107 -3.00 -4.38 36.43
CA GLN C 107 -2.01 -3.53 37.09
C GLN C 107 -2.08 -3.68 38.60
N LEU C 108 -3.28 -3.84 39.13
CA LEU C 108 -3.47 -4.01 40.56
C LEU C 108 -2.84 -5.30 41.07
N VAL C 109 -3.01 -6.36 40.32
CA VAL C 109 -2.46 -7.66 40.70
C VAL C 109 -0.95 -7.68 40.59
N ARG C 110 -0.41 -6.80 39.75
CA ARG C 110 1.03 -6.73 39.52
C ARG C 110 1.80 -5.83 40.47
N ASN C 111 1.21 -4.69 40.84
CA ASN C 111 1.91 -3.76 41.73
C ASN C 111 1.24 -3.51 43.08
N GLY C 112 0.03 -4.02 43.27
CA GLY C 112 -0.65 -3.79 44.53
C GLY C 112 -0.19 -4.75 45.60
N ASN C 113 -0.15 -4.29 46.84
CA ASN C 113 0.24 -5.15 47.94
C ASN C 113 -0.98 -5.94 48.42
N GLU C 114 -0.77 -6.89 49.33
CA GLU C 114 -1.87 -7.72 49.84
C GLU C 114 -3.13 -6.98 50.27
N ALA C 115 -2.95 -5.81 50.88
CA ALA C 115 -4.08 -5.01 51.34
C ALA C 115 -4.88 -4.42 50.18
N GLN C 116 -4.18 -3.73 49.28
CA GLN C 116 -4.83 -3.11 48.14
C GLN C 116 -5.57 -4.15 47.32
N LYS C 117 -4.92 -5.27 47.05
CA LYS C 117 -5.54 -6.36 46.29
C LYS C 117 -6.78 -6.94 46.98
N GLU C 118 -6.71 -7.09 48.29
CA GLU C 118 -7.82 -7.63 49.05
C GLU C 118 -9.00 -6.64 49.10
N LYS C 119 -8.67 -5.35 49.17
CA LYS C 119 -9.68 -4.30 49.25
C LYS C 119 -10.38 -3.99 47.93
N TYR C 120 -9.64 -3.97 46.83
CA TYR C 120 -10.24 -3.65 45.54
C TYR C 120 -10.49 -4.82 44.59
N LEU C 121 -9.51 -5.71 44.43
CA LEU C 121 -9.66 -6.83 43.51
C LEU C 121 -10.98 -7.60 43.46
N PRO C 122 -11.47 -8.08 44.61
CA PRO C 122 -12.74 -8.83 44.60
C PRO C 122 -13.95 -8.17 43.92
N LYS C 123 -14.20 -6.89 44.18
CA LYS C 123 -15.33 -6.22 43.55
C LYS C 123 -15.05 -5.85 42.10
N LEU C 124 -13.77 -5.70 41.74
CA LEU C 124 -13.39 -5.38 40.38
C LEU C 124 -13.60 -6.64 39.56
N ILE C 125 -13.26 -7.77 40.17
CA ILE C 125 -13.36 -9.07 39.54
C ILE C 125 -14.81 -9.56 39.39
N SER C 126 -15.67 -9.17 40.32
CA SER C 126 -17.08 -9.56 40.28
C SER C 126 -17.88 -8.70 39.29
N GLY C 127 -17.48 -7.44 39.15
CA GLY C 127 -18.18 -6.54 38.25
C GLY C 127 -18.88 -5.44 39.05
N GLU C 128 -18.87 -5.60 40.37
CA GLU C 128 -19.48 -4.64 41.28
C GLU C 128 -18.84 -3.27 41.15
N TYR C 129 -17.57 -3.27 40.76
CA TYR C 129 -16.82 -2.03 40.58
C TYR C 129 -16.36 -1.99 39.15
N ILE C 130 -16.21 -0.78 38.61
CA ILE C 130 -15.71 -0.61 37.25
C ILE C 130 -14.38 0.11 37.44
N GLY C 131 -13.38 -0.33 36.69
CA GLY C 131 -12.06 0.28 36.83
C GLY C 131 -11.58 0.99 35.59
N ALA C 132 -10.70 1.95 35.80
CA ALA C 132 -10.11 2.73 34.72
C ALA C 132 -8.66 3.10 35.05
N LEU C 133 -7.91 3.51 34.04
CA LEU C 133 -6.52 3.89 34.19
C LEU C 133 -6.31 5.28 33.60
N ALA C 134 -5.80 6.20 34.41
CA ALA C 134 -5.57 7.56 33.95
C ALA C 134 -4.08 7.90 33.91
N MET C 135 -3.58 8.29 32.75
CA MET C 135 -2.20 8.69 32.60
C MET C 135 -2.13 9.84 31.58
N SER C 136 -3.00 9.78 30.58
CA SER C 136 -3.07 10.81 29.53
C SER C 136 -3.62 12.12 30.07
N GLU C 137 -3.20 13.22 29.45
CA GLU C 137 -3.64 14.56 29.81
C GLU C 137 -3.79 15.35 28.52
N PRO C 138 -4.45 16.52 28.59
CA PRO C 138 -4.65 17.38 27.42
C PRO C 138 -3.35 17.73 26.69
N ASN C 139 -2.24 17.72 27.42
CA ASN C 139 -0.95 18.04 26.82
C ASN C 139 0.08 17.00 27.25
N ALA C 140 -0.35 15.74 27.18
CA ALA C 140 0.49 14.61 27.53
C ALA C 140 -0.21 13.34 27.04
N GLY C 141 -0.06 13.05 25.75
CA GLY C 141 -0.67 11.87 25.19
C GLY C 141 0.46 10.91 24.89
N SER C 142 1.11 11.12 23.75
CA SER C 142 2.23 10.29 23.35
C SER C 142 3.34 10.60 24.37
N ASP C 143 3.56 11.88 24.63
CA ASP C 143 4.55 12.31 25.59
C ASP C 143 3.91 12.22 26.97
N VAL C 144 3.70 10.99 27.44
CA VAL C 144 3.07 10.80 28.72
C VAL C 144 3.91 11.27 29.92
N VAL C 145 5.23 11.20 29.80
CA VAL C 145 6.12 11.62 30.90
C VAL C 145 5.99 13.12 31.24
N SER C 146 5.50 13.92 30.29
CA SER C 146 5.34 15.34 30.53
C SER C 146 4.02 15.68 31.22
N MET C 147 3.39 14.71 31.86
CA MET C 147 2.13 14.94 32.57
C MET C 147 2.38 15.96 33.66
N LYS C 148 1.40 16.79 33.97
CA LYS C 148 1.58 17.81 34.98
C LYS C 148 0.60 17.76 36.17
N LEU C 149 0.04 16.60 36.46
CA LEU C 149 -0.88 16.47 37.58
C LEU C 149 -0.01 16.50 38.85
N LYS C 150 -0.10 17.58 39.61
CA LYS C 150 0.70 17.74 40.81
C LYS C 150 0.11 17.02 42.03
N ALA C 151 0.98 16.30 42.75
CA ALA C 151 0.58 15.58 43.96
C ALA C 151 1.42 16.01 45.18
N GLU C 152 0.98 17.04 45.89
CA GLU C 152 1.71 17.54 47.06
C GLU C 152 1.59 16.61 48.25
N LYS C 153 2.72 16.26 48.86
CA LYS C 153 2.71 15.39 50.02
C LYS C 153 2.48 16.23 51.29
N LYS C 154 1.31 16.04 51.92
CA LYS C 154 0.97 16.75 53.15
C LYS C 154 0.82 15.69 54.23
N GLY C 155 1.90 15.43 54.94
CA GLY C 155 1.87 14.43 55.99
C GLY C 155 1.62 13.06 55.37
N ASN C 156 0.62 12.37 55.90
CA ASN C 156 0.27 11.03 55.46
C ASN C 156 -0.65 11.02 54.23
N HIS C 157 -0.75 12.18 53.55
CA HIS C 157 -1.59 12.30 52.37
C HIS C 157 -0.94 13.07 51.24
N TYR C 158 -1.60 13.03 50.10
CA TYR C 158 -1.14 13.72 48.93
C TYR C 158 -2.33 14.53 48.46
N ILE C 159 -2.07 15.74 47.99
CA ILE C 159 -3.10 16.62 47.50
C ILE C 159 -2.94 16.68 45.99
N LEU C 160 -3.89 16.09 45.28
CA LEU C 160 -3.83 16.10 43.83
C LEU C 160 -4.50 17.35 43.28
N ASN C 161 -3.85 17.96 42.29
CA ASN C 161 -4.36 19.16 41.64
C ASN C 161 -4.07 19.05 40.16
N GLY C 162 -5.08 19.27 39.32
CA GLY C 162 -4.92 19.18 37.88
C GLY C 162 -5.99 18.29 37.26
N ASN C 163 -5.78 17.87 36.02
CA ASN C 163 -6.77 17.02 35.35
C ASN C 163 -6.17 15.98 34.42
N LYS C 164 -6.97 14.96 34.13
CA LYS C 164 -6.58 13.88 33.24
C LYS C 164 -7.55 13.95 32.07
N PHE C 165 -7.18 13.34 30.96
CA PHE C 165 -8.06 13.40 29.81
C PHE C 165 -8.06 12.09 29.04
N TRP C 166 -9.10 11.90 28.23
CA TRP C 166 -9.23 10.70 27.41
C TRP C 166 -9.43 9.42 28.22
N ILE C 167 -9.96 9.51 29.42
CA ILE C 167 -10.12 8.33 30.26
C ILE C 167 -11.33 7.42 29.99
N THR C 168 -11.07 6.24 29.44
CA THR C 168 -12.12 5.26 29.16
C THR C 168 -12.67 4.78 30.50
N ASN C 169 -14.00 4.61 30.55
CA ASN C 169 -14.69 4.20 31.77
C ASN C 169 -14.58 5.26 32.85
N GLY C 170 -14.07 6.43 32.47
CA GLY C 170 -13.90 7.52 33.41
C GLY C 170 -15.09 7.85 34.30
N PRO C 171 -16.26 8.13 33.71
CA PRO C 171 -17.47 8.46 34.48
C PRO C 171 -18.07 7.32 35.28
N ASP C 172 -17.63 6.09 35.02
CA ASP C 172 -18.18 4.91 35.69
C ASP C 172 -17.25 4.25 36.70
N ALA C 173 -15.96 4.51 36.57
CA ALA C 173 -14.96 3.92 37.45
C ALA C 173 -15.15 4.22 38.93
N ASP C 174 -15.24 3.16 39.73
CA ASP C 174 -15.40 3.28 41.16
C ASP C 174 -14.00 3.35 41.76
N VAL C 175 -13.05 2.79 41.03
CA VAL C 175 -11.64 2.77 41.41
C VAL C 175 -10.84 3.08 40.16
N LEU C 176 -9.85 3.96 40.30
CA LEU C 176 -9.01 4.38 39.17
C LEU C 176 -7.54 4.46 39.57
N ILE C 177 -6.67 4.12 38.62
CA ILE C 177 -5.24 4.18 38.85
C ILE C 177 -4.76 5.41 38.10
N VAL C 178 -4.38 6.42 38.89
CA VAL C 178 -3.93 7.70 38.36
C VAL C 178 -2.43 7.91 38.55
N TYR C 179 -1.78 8.50 37.55
CA TYR C 179 -0.36 8.78 37.62
C TYR C 179 -0.22 10.28 37.80
N ALA C 180 0.54 10.70 38.80
CA ALA C 180 0.71 12.13 39.05
C ALA C 180 2.14 12.44 39.44
N LYS C 181 2.56 13.66 39.09
CA LYS C 181 3.90 14.14 39.37
C LYS C 181 4.09 14.48 40.85
N THR C 182 4.83 13.62 41.55
CA THR C 182 5.15 13.81 42.97
C THR C 182 6.42 14.67 43.08
N ASP C 183 7.30 14.53 42.10
CA ASP C 183 8.56 15.27 42.07
C ASP C 183 8.62 16.01 40.74
N LEU C 184 8.08 17.23 40.75
CA LEU C 184 8.06 18.07 39.56
C LEU C 184 9.43 18.57 39.14
N ALA C 185 10.40 18.45 40.04
CA ALA C 185 11.75 18.92 39.77
C ALA C 185 12.78 17.77 39.61
N ALA C 186 12.28 16.55 39.44
CA ALA C 186 13.13 15.37 39.28
C ALA C 186 14.10 15.65 38.12
N VAL C 187 15.36 15.22 38.28
CA VAL C 187 16.38 15.44 37.24
C VAL C 187 15.76 14.85 35.98
N PRO C 188 15.64 13.51 35.89
CA PRO C 188 14.99 13.03 34.66
C PRO C 188 13.52 13.08 35.11
N ALA C 189 12.68 13.82 34.39
CA ALA C 189 11.28 13.93 34.77
C ALA C 189 10.62 12.60 35.13
N SER C 190 11.03 11.53 34.47
CA SER C 190 10.49 10.19 34.72
C SER C 190 10.60 9.75 36.17
N ARG C 191 11.49 10.41 36.92
CA ARG C 191 11.73 10.12 38.34
C ARG C 191 10.86 10.97 39.27
N GLY C 192 9.80 11.58 38.73
CA GLY C 192 8.92 12.39 39.55
C GLY C 192 7.46 11.97 39.45
N ILE C 193 7.24 10.70 39.12
CA ILE C 193 5.90 10.15 38.93
C ILE C 193 5.50 9.09 39.95
N THR C 194 4.27 9.16 40.42
CA THR C 194 3.74 8.19 41.37
C THR C 194 2.32 7.82 40.94
N ALA C 195 1.99 6.54 41.05
CA ALA C 195 0.67 6.07 40.70
C ALA C 195 -0.13 5.99 41.98
N PHE C 196 -1.38 6.44 41.93
CA PHE C 196 -2.28 6.45 43.07
C PHE C 196 -3.53 5.67 42.73
N ILE C 197 -4.23 5.22 43.74
CA ILE C 197 -5.49 4.48 43.56
C ILE C 197 -6.62 5.38 44.06
N VAL C 198 -7.25 6.14 43.17
CA VAL C 198 -8.34 7.01 43.59
C VAL C 198 -9.65 6.25 43.49
N GLU C 199 -10.62 6.66 44.31
CA GLU C 199 -11.93 6.03 44.33
C GLU C 199 -12.99 7.06 43.99
N LYS C 200 -14.16 6.58 43.57
CA LYS C 200 -15.26 7.48 43.23
C LYS C 200 -15.80 8.03 44.55
N GLY C 201 -16.03 9.34 44.61
CA GLY C 201 -16.54 9.93 45.84
C GLY C 201 -15.53 10.67 46.68
N MET C 202 -14.24 10.57 46.33
CA MET C 202 -13.18 11.26 47.06
C MET C 202 -13.31 12.75 46.82
N PRO C 203 -13.45 13.53 47.90
CA PRO C 203 -13.58 14.98 47.79
C PRO C 203 -12.50 15.61 46.92
N GLY C 204 -12.91 16.43 45.96
CA GLY C 204 -11.96 17.09 45.08
C GLY C 204 -11.87 16.44 43.70
N PHE C 205 -12.19 15.14 43.66
CA PHE C 205 -12.18 14.38 42.42
C PHE C 205 -13.57 14.41 41.76
N SER C 206 -13.62 14.89 40.52
CA SER C 206 -14.85 14.95 39.75
C SER C 206 -14.56 14.61 38.29
N THR C 207 -15.59 14.30 37.51
CA THR C 207 -15.41 13.95 36.10
C THR C 207 -16.28 14.84 35.23
N SER C 208 -15.88 15.04 33.97
CA SER C 208 -16.65 15.85 33.05
C SER C 208 -17.59 15.01 32.23
N LYS C 209 -18.23 15.62 31.24
CA LYS C 209 -19.17 14.89 30.39
C LYS C 209 -18.50 14.06 29.32
N LYS C 210 -19.11 12.91 29.03
CA LYS C 210 -18.57 11.99 28.03
C LYS C 210 -18.29 12.68 26.70
N LEU C 211 -17.36 12.12 25.94
CA LEU C 211 -16.97 12.69 24.66
C LEU C 211 -17.78 12.16 23.49
N ASP C 212 -17.95 13.02 22.50
CA ASP C 212 -18.68 12.66 21.28
C ASP C 212 -17.56 12.20 20.33
N LYS C 213 -17.38 10.89 20.25
CA LYS C 213 -16.31 10.33 19.43
C LYS C 213 -16.77 9.73 18.10
N LEU C 214 -15.81 9.58 17.18
CA LEU C 214 -16.07 9.02 15.86
C LEU C 214 -16.43 7.54 15.92
N GLY C 215 -15.89 6.84 16.91
CA GLY C 215 -16.17 5.42 17.06
C GLY C 215 -16.07 5.13 18.54
N MET C 216 -16.21 3.85 18.90
CA MET C 216 -16.16 3.40 20.28
C MET C 216 -17.24 4.07 21.13
N ARG C 217 -18.27 4.57 20.47
CA ARG C 217 -19.38 5.23 21.11
C ARG C 217 -20.06 4.20 22.01
N GLY C 218 -20.17 4.52 23.28
CA GLY C 218 -20.75 3.58 24.22
C GLY C 218 -19.72 3.20 25.26
N SER C 219 -18.48 3.58 24.98
CA SER C 219 -17.34 3.36 25.87
C SER C 219 -17.12 4.78 26.37
N ASN C 220 -17.48 5.02 27.62
CA ASN C 220 -17.40 6.36 28.16
C ASN C 220 -16.03 6.93 28.40
N THR C 221 -15.75 8.03 27.71
CA THR C 221 -14.46 8.69 27.80
C THR C 221 -14.69 10.11 28.30
N CYS C 222 -14.03 10.50 29.39
CA CYS C 222 -14.19 11.84 29.95
C CYS C 222 -12.91 12.40 30.56
N GLU C 223 -13.00 13.61 31.07
CA GLU C 223 -11.88 14.29 31.69
C GLU C 223 -11.95 14.14 33.22
N LEU C 224 -10.82 13.86 33.85
CA LEU C 224 -10.78 13.74 35.31
C LEU C 224 -10.33 15.08 35.88
N ILE C 225 -10.96 15.50 36.98
CA ILE C 225 -10.64 16.78 37.58
C ILE C 225 -10.33 16.59 39.06
N PHE C 226 -9.13 17.02 39.46
CA PHE C 226 -8.70 16.92 40.84
C PHE C 226 -8.43 18.31 41.38
N GLU C 227 -9.13 18.66 42.45
CA GLU C 227 -8.98 19.96 43.11
C GLU C 227 -8.79 19.76 44.61
N ASP C 228 -7.52 19.67 45.02
CA ASP C 228 -7.16 19.45 46.42
C ASP C 228 -7.72 18.10 46.87
N CYS C 229 -7.68 17.13 45.95
CA CYS C 229 -8.18 15.80 46.24
C CYS C 229 -7.16 15.18 47.19
N LYS C 230 -7.61 14.86 48.39
CA LYS C 230 -6.74 14.29 49.40
C LYS C 230 -6.68 12.75 49.32
N ILE C 231 -5.52 12.25 48.91
CA ILE C 231 -5.30 10.82 48.80
C ILE C 231 -4.32 10.34 49.85
N PRO C 232 -4.72 9.33 50.64
CA PRO C 232 -3.85 8.79 51.69
C PRO C 232 -2.60 8.12 51.11
N ALA C 233 -1.46 8.30 51.78
CA ALA C 233 -0.20 7.71 51.35
C ALA C 233 -0.34 6.21 51.06
N ALA C 234 -1.26 5.57 51.78
CA ALA C 234 -1.52 4.14 51.64
C ALA C 234 -2.15 3.74 50.31
N ASN C 235 -2.51 4.72 49.51
CA ASN C 235 -3.15 4.44 48.23
C ASN C 235 -2.24 4.54 47.02
N ILE C 236 -0.92 4.65 47.24
CA ILE C 236 -0.01 4.72 46.11
C ILE C 236 0.22 3.30 45.62
N LEU C 237 0.17 3.14 44.31
CA LEU C 237 0.40 1.85 43.70
C LEU C 237 1.92 1.68 43.63
N GLY C 238 2.45 0.61 44.20
CA GLY C 238 3.88 0.39 44.14
C GLY C 238 4.64 1.32 45.07
N HIS C 239 5.48 2.18 44.50
CA HIS C 239 6.28 3.10 45.31
C HIS C 239 6.28 4.53 44.77
N GLU C 240 6.50 5.47 45.68
CA GLU C 240 6.56 6.87 45.34
C GLU C 240 7.72 7.13 44.37
N ASN C 241 7.44 7.92 43.34
CA ASN C 241 8.42 8.29 42.32
C ASN C 241 8.90 7.15 41.41
N LYS C 242 8.52 5.93 41.77
CA LYS C 242 8.88 4.77 40.98
C LYS C 242 7.59 4.32 40.26
N GLY C 243 6.89 5.32 39.73
CA GLY C 243 5.64 5.07 39.03
C GLY C 243 5.78 4.96 37.53
N VAL C 244 6.76 5.68 36.95
CA VAL C 244 6.96 5.62 35.50
C VAL C 244 7.19 4.15 35.12
N TYR C 245 7.69 3.42 36.09
CA TYR C 245 7.97 2.03 35.94
C TYR C 245 6.73 1.13 35.85
N VAL C 246 5.75 1.36 36.72
CA VAL C 246 4.52 0.56 36.70
C VAL C 246 3.74 0.94 35.45
N LEU C 247 3.92 2.20 35.04
CA LEU C 247 3.30 2.77 33.87
C LEU C 247 3.83 2.05 32.64
N MET C 248 5.14 2.11 32.47
CA MET C 248 5.84 1.52 31.33
C MET C 248 5.67 0.02 31.21
N SER C 249 5.68 -0.68 32.35
CA SER C 249 5.51 -2.14 32.33
C SER C 249 4.07 -2.49 31.91
N GLY C 250 3.10 -1.71 32.41
CA GLY C 250 1.71 -1.93 32.07
C GLY C 250 1.45 -1.75 30.58
N LEU C 251 2.12 -0.76 29.99
CA LEU C 251 2.03 -0.44 28.56
C LEU C 251 2.22 -1.64 27.63
N ASP C 252 3.16 -2.52 27.95
CA ASP C 252 3.41 -3.68 27.09
C ASP C 252 2.25 -4.66 27.12
N LEU C 253 1.76 -4.92 28.33
CA LEU C 253 0.65 -5.84 28.50
C LEU C 253 -0.62 -5.26 27.90
N GLU C 254 -0.73 -3.95 27.99
CA GLU C 254 -1.83 -3.17 27.44
C GLU C 254 -1.88 -3.47 25.95
N ARG C 255 -0.78 -3.16 25.28
CA ARG C 255 -0.66 -3.35 23.84
C ARG C 255 -0.91 -4.79 23.43
N LEU C 256 -0.42 -5.72 24.23
CA LEU C 256 -0.60 -7.14 23.92
C LEU C 256 -2.08 -7.52 23.93
N VAL C 257 -2.73 -7.27 25.06
CA VAL C 257 -4.15 -7.60 25.24
C VAL C 257 -5.09 -6.82 24.33
N LEU C 258 -4.85 -5.52 24.19
CA LEU C 258 -5.68 -4.67 23.35
C LEU C 258 -5.63 -5.07 21.89
N ALA C 259 -4.64 -5.88 21.50
CA ALA C 259 -4.51 -6.33 20.12
C ALA C 259 -5.66 -7.25 19.77
N GLY C 260 -6.42 -7.66 20.79
CA GLY C 260 -7.58 -8.51 20.59
C GLY C 260 -8.69 -7.69 19.95
N GLY C 261 -8.69 -6.38 20.22
CA GLY C 261 -9.69 -5.50 19.66
C GLY C 261 -9.69 -5.59 18.13
N PRO C 262 -8.59 -5.22 17.47
CA PRO C 262 -8.50 -5.29 16.01
C PRO C 262 -8.79 -6.68 15.46
N LEU C 263 -8.51 -7.71 16.26
CA LEU C 263 -8.77 -9.07 15.84
C LEU C 263 -10.27 -9.33 15.79
N GLY C 264 -10.97 -8.88 16.83
CA GLY C 264 -12.41 -9.06 16.90
C GLY C 264 -13.08 -8.27 15.79
N LEU C 265 -12.62 -7.05 15.58
CA LEU C 265 -13.17 -6.18 14.55
C LEU C 265 -12.98 -6.75 13.15
N MET C 266 -11.82 -7.34 12.89
CA MET C 266 -11.55 -7.94 11.58
C MET C 266 -12.38 -9.21 11.39
N GLN C 267 -12.69 -9.88 12.49
CA GLN C 267 -13.50 -11.09 12.42
C GLN C 267 -14.93 -10.65 12.15
N ALA C 268 -15.36 -9.58 12.81
CA ALA C 268 -16.69 -9.01 12.68
C ALA C 268 -17.00 -8.67 11.23
N VAL C 269 -16.09 -7.97 10.54
CA VAL C 269 -16.35 -7.63 9.15
C VAL C 269 -16.48 -8.88 8.30
N LEU C 270 -15.64 -9.88 8.56
CA LEU C 270 -15.71 -11.12 7.79
C LEU C 270 -17.04 -11.81 8.03
N ASP C 271 -17.52 -11.72 9.26
CA ASP C 271 -18.79 -12.32 9.63
C ASP C 271 -19.95 -11.81 8.79
N HIS C 272 -19.80 -10.60 8.25
CA HIS C 272 -20.84 -9.97 7.45
C HIS C 272 -20.57 -10.00 5.96
N THR C 273 -19.34 -9.66 5.58
CA THR C 273 -18.92 -9.62 4.20
C THR C 273 -18.96 -10.97 3.48
N ILE C 274 -18.49 -12.02 4.11
CA ILE C 274 -18.48 -13.33 3.47
C ILE C 274 -19.87 -13.79 3.03
N PRO C 275 -20.85 -13.84 3.97
CA PRO C 275 -22.20 -14.27 3.57
C PRO C 275 -22.89 -13.32 2.59
N TYR C 276 -22.68 -12.00 2.76
CA TYR C 276 -23.28 -11.02 1.87
C TYR C 276 -22.80 -11.17 0.44
N LEU C 277 -21.52 -11.47 0.27
CA LEU C 277 -20.95 -11.64 -1.05
C LEU C 277 -21.53 -12.83 -1.79
N HIS C 278 -22.14 -13.74 -1.05
CA HIS C 278 -22.73 -14.93 -1.64
C HIS C 278 -24.25 -14.88 -1.65
N VAL C 279 -24.79 -13.67 -1.49
CA VAL C 279 -26.23 -13.47 -1.50
C VAL C 279 -26.55 -12.38 -2.51
N ARG C 280 -25.85 -11.25 -2.42
CA ARG C 280 -26.08 -10.18 -3.36
C ARG C 280 -25.62 -10.70 -4.69
N GLU C 281 -26.39 -10.42 -5.72
CA GLU C 281 -26.08 -10.85 -7.06
C GLU C 281 -26.09 -9.65 -8.01
N ALA C 282 -25.17 -9.67 -8.96
CA ALA C 282 -25.08 -8.61 -9.93
C ALA C 282 -24.63 -9.29 -11.21
N PHE C 283 -25.13 -8.80 -12.32
CA PHE C 283 -24.80 -9.34 -13.63
C PHE C 283 -25.06 -10.83 -13.79
N GLY C 284 -25.99 -11.35 -12.98
CA GLY C 284 -26.36 -12.75 -13.07
C GLY C 284 -25.76 -13.74 -12.09
N GLN C 285 -24.92 -13.27 -11.18
CA GLN C 285 -24.30 -14.19 -10.21
C GLN C 285 -24.00 -13.50 -8.91
N LYS C 286 -23.67 -14.27 -7.89
CA LYS C 286 -23.31 -13.69 -6.61
C LYS C 286 -22.06 -12.87 -6.83
N ILE C 287 -22.04 -11.67 -6.28
CA ILE C 287 -20.90 -10.76 -6.43
C ILE C 287 -19.59 -11.41 -6.00
N GLY C 288 -19.68 -12.35 -5.07
CA GLY C 288 -18.51 -13.05 -4.58
C GLY C 288 -17.92 -14.07 -5.55
N HIS C 289 -18.44 -14.10 -6.77
CA HIS C 289 -17.95 -15.02 -7.79
C HIS C 289 -17.12 -14.26 -8.83
N PHE C 290 -16.96 -12.97 -8.61
CA PHE C 290 -16.16 -12.12 -9.49
C PHE C 290 -14.76 -12.08 -8.88
N GLN C 291 -13.74 -12.22 -9.73
CA GLN C 291 -12.35 -12.23 -9.27
C GLN C 291 -11.98 -11.09 -8.30
N LEU C 292 -12.40 -9.87 -8.64
CA LEU C 292 -12.13 -8.71 -7.80
C LEU C 292 -12.66 -8.90 -6.39
N MET C 293 -13.79 -9.60 -6.27
CA MET C 293 -14.40 -9.86 -4.98
C MET C 293 -13.75 -11.05 -4.27
N GLN C 294 -13.29 -12.03 -5.04
CA GLN C 294 -12.62 -13.20 -4.48
C GLN C 294 -11.29 -12.70 -3.91
N GLY C 295 -10.67 -11.76 -4.62
CA GLY C 295 -9.42 -11.18 -4.19
C GLY C 295 -9.59 -10.45 -2.89
N LYS C 296 -10.72 -9.76 -2.74
CA LYS C 296 -11.02 -9.01 -1.52
C LYS C 296 -11.11 -9.93 -0.33
N MET C 297 -11.79 -11.06 -0.51
CA MET C 297 -11.97 -12.04 0.56
C MET C 297 -10.62 -12.57 0.99
N ALA C 298 -9.82 -12.98 0.01
CA ALA C 298 -8.48 -13.49 0.25
C ALA C 298 -7.70 -12.50 1.11
N ASP C 299 -7.65 -11.25 0.66
CA ASP C 299 -6.93 -10.20 1.37
C ASP C 299 -7.39 -10.00 2.80
N MET C 300 -8.68 -9.84 3.01
CA MET C 300 -9.13 -9.64 4.38
C MET C 300 -9.00 -10.90 5.22
N TYR C 301 -9.06 -12.05 4.57
CA TYR C 301 -8.91 -13.32 5.26
C TYR C 301 -7.48 -13.57 5.73
N THR C 302 -6.49 -13.38 4.86
CA THR C 302 -5.10 -13.60 5.23
C THR C 302 -4.59 -12.61 6.26
N ARG C 303 -4.99 -11.34 6.14
CA ARG C 303 -4.60 -10.31 7.08
C ARG C 303 -5.13 -10.63 8.49
N LEU C 304 -6.33 -11.19 8.55
CA LEU C 304 -6.95 -11.56 9.80
C LEU C 304 -6.21 -12.77 10.36
N MET C 305 -5.89 -13.73 9.49
CA MET C 305 -5.20 -14.92 9.92
C MET C 305 -3.77 -14.65 10.39
N ALA C 306 -3.04 -13.85 9.64
CA ALA C 306 -1.67 -13.49 9.98
C ALA C 306 -1.63 -12.83 11.34
N CYS C 307 -2.40 -11.77 11.49
CA CYS C 307 -2.45 -11.04 12.76
C CYS C 307 -2.88 -11.92 13.92
N ARG C 308 -3.79 -12.85 13.67
CA ARG C 308 -4.26 -13.74 14.71
C ARG C 308 -3.10 -14.57 15.24
N GLN C 309 -2.38 -15.23 14.34
CA GLN C 309 -1.24 -16.07 14.71
C GLN C 309 -0.12 -15.24 15.37
N TYR C 310 0.10 -14.03 14.85
CA TYR C 310 1.09 -13.12 15.38
C TYR C 310 0.79 -12.88 16.86
N VAL C 311 -0.34 -12.23 17.15
CA VAL C 311 -0.70 -11.92 18.53
C VAL C 311 -0.87 -13.14 19.44
N TYR C 312 -1.39 -14.26 18.91
CA TYR C 312 -1.58 -15.46 19.72
C TYR C 312 -0.25 -16.01 20.23
N ASN C 313 0.70 -16.17 19.31
CA ASN C 313 2.02 -16.70 19.66
C ASN C 313 2.77 -15.81 20.64
N VAL C 314 2.73 -14.50 20.42
CA VAL C 314 3.38 -13.55 21.32
C VAL C 314 2.75 -13.64 22.71
N ALA C 315 1.43 -13.83 22.75
CA ALA C 315 0.70 -13.95 24.01
C ALA C 315 1.09 -15.24 24.74
N LYS C 316 1.22 -16.33 23.97
CA LYS C 316 1.59 -17.62 24.53
C LYS C 316 2.96 -17.49 25.20
N ALA C 317 3.88 -16.85 24.47
CA ALA C 317 5.25 -16.65 24.93
C ALA C 317 5.28 -15.79 26.19
N CYS C 318 4.44 -14.77 26.24
CA CYS C 318 4.38 -13.90 27.39
C CYS C 318 3.91 -14.68 28.61
N ASP C 319 3.03 -15.65 28.41
CA ASP C 319 2.53 -16.47 29.51
C ASP C 319 3.66 -17.37 29.99
N GLU C 320 4.61 -17.63 29.11
CA GLU C 320 5.77 -18.45 29.44
C GLU C 320 6.84 -17.62 30.14
N GLY C 321 6.59 -16.32 30.25
CA GLY C 321 7.53 -15.42 30.90
C GLY C 321 8.41 -14.68 29.91
N HIS C 322 8.06 -14.71 28.63
CA HIS C 322 8.86 -14.02 27.63
C HIS C 322 8.11 -12.88 26.94
N CYS C 323 8.22 -11.69 27.50
CA CYS C 323 7.59 -10.51 26.94
C CYS C 323 8.65 -9.50 26.59
N THR C 324 8.36 -8.63 25.63
CA THR C 324 9.29 -7.60 25.22
C THR C 324 8.51 -6.40 24.73
N ALA C 325 9.01 -5.20 25.00
CA ALA C 325 8.36 -3.99 24.56
C ALA C 325 8.17 -3.94 23.04
N LYS C 326 9.19 -4.33 22.28
CA LYS C 326 9.11 -4.30 20.83
C LYS C 326 8.15 -5.31 20.24
N ASP C 327 7.95 -6.43 20.91
CA ASP C 327 7.03 -7.43 20.40
C ASP C 327 5.59 -7.15 20.78
N CYS C 328 5.38 -6.53 21.93
CA CYS C 328 4.03 -6.18 22.37
C CYS C 328 3.56 -5.02 21.50
N ALA C 329 4.47 -4.10 21.21
CA ALA C 329 4.16 -2.97 20.36
C ALA C 329 3.96 -3.47 18.95
N GLY C 330 4.79 -4.43 18.55
CA GLY C 330 4.70 -5.01 17.22
C GLY C 330 3.35 -5.58 16.86
N VAL C 331 2.83 -6.51 17.68
CA VAL C 331 1.54 -7.12 17.41
C VAL C 331 0.39 -6.14 17.27
N ILE C 332 0.32 -5.14 18.14
CA ILE C 332 -0.76 -4.18 18.04
C ILE C 332 -0.54 -3.23 16.87
N LEU C 333 0.70 -2.83 16.61
CA LEU C 333 0.98 -1.94 15.49
C LEU C 333 0.45 -2.54 14.20
N TYR C 334 0.82 -3.79 13.96
CA TYR C 334 0.44 -4.54 12.78
C TYR C 334 -1.07 -4.82 12.72
N SER C 335 -1.61 -5.36 13.80
CA SER C 335 -3.04 -5.67 13.85
C SER C 335 -3.91 -4.42 13.64
N ALA C 336 -3.59 -3.33 14.33
CA ALA C 336 -4.34 -2.09 14.24
C ALA C 336 -4.47 -1.59 12.81
N GLU C 337 -3.35 -1.54 12.10
CA GLU C 337 -3.35 -1.07 10.73
C GLU C 337 -4.10 -2.00 9.77
N CYS C 338 -4.09 -3.30 10.07
CA CYS C 338 -4.78 -4.28 9.22
C CYS C 338 -6.29 -4.20 9.43
N ALA C 339 -6.71 -4.01 10.69
CA ALA C 339 -8.11 -3.91 11.04
C ALA C 339 -8.79 -2.77 10.30
N THR C 340 -8.15 -1.61 10.26
CA THR C 340 -8.70 -0.44 9.57
C THR C 340 -8.88 -0.66 8.06
N GLN C 341 -7.87 -1.20 7.38
CA GLN C 341 -7.97 -1.44 5.94
C GLN C 341 -8.95 -2.56 5.61
N VAL C 342 -9.09 -3.52 6.52
CA VAL C 342 -10.02 -4.61 6.32
C VAL C 342 -11.44 -4.05 6.47
N ALA C 343 -11.66 -3.23 7.49
CA ALA C 343 -12.95 -2.60 7.74
C ALA C 343 -13.34 -1.76 6.55
N LEU C 344 -12.35 -1.12 5.94
CA LEU C 344 -12.54 -0.27 4.78
C LEU C 344 -13.08 -1.11 3.62
N ASP C 345 -12.55 -2.32 3.48
CA ASP C 345 -12.98 -3.23 2.43
C ASP C 345 -14.36 -3.81 2.69
N GLY C 346 -14.74 -3.92 3.96
CA GLY C 346 -16.04 -4.45 4.31
C GLY C 346 -17.11 -3.53 3.74
N ILE C 347 -16.93 -2.22 3.96
CA ILE C 347 -17.83 -1.20 3.46
C ILE C 347 -17.95 -1.33 1.95
N GLN C 348 -16.80 -1.46 1.30
CA GLN C 348 -16.73 -1.58 -0.16
C GLN C 348 -17.53 -2.76 -0.72
N CYS C 349 -17.39 -3.92 -0.08
CA CYS C 349 -18.09 -5.12 -0.52
C CYS C 349 -19.61 -5.03 -0.44
N PHE C 350 -20.11 -4.12 0.40
CA PHE C 350 -21.54 -3.92 0.59
C PHE C 350 -22.11 -2.88 -0.35
N GLY C 351 -21.24 -2.14 -1.03
CA GLY C 351 -21.70 -1.09 -1.92
C GLY C 351 -22.40 -0.01 -1.10
N GLY C 352 -23.49 0.53 -1.64
CA GLY C 352 -24.23 1.57 -0.96
C GLY C 352 -24.70 1.13 0.41
N ASN C 353 -24.99 -0.15 0.55
CA ASN C 353 -25.44 -0.70 1.83
C ASN C 353 -24.38 -0.54 2.93
N GLY C 354 -23.12 -0.64 2.56
CA GLY C 354 -22.06 -0.49 3.54
C GLY C 354 -21.94 0.95 3.99
N TYR C 355 -22.48 1.87 3.19
CA TYR C 355 -22.39 3.29 3.51
C TYR C 355 -23.52 3.84 4.37
N ILE C 356 -24.50 3.02 4.73
CA ILE C 356 -25.58 3.49 5.59
C ILE C 356 -25.42 2.95 7.01
N ASN C 357 -25.96 3.69 7.97
CA ASN C 357 -25.84 3.28 9.36
C ASN C 357 -26.77 2.17 9.80
N ASP C 358 -27.58 1.67 8.86
CA ASP C 358 -28.49 0.57 9.14
C ASP C 358 -27.64 -0.72 9.17
N PHE C 359 -26.48 -0.66 8.53
CA PHE C 359 -25.52 -1.77 8.50
C PHE C 359 -24.35 -1.37 9.39
N PRO C 360 -23.70 -2.35 10.04
CA PRO C 360 -22.56 -2.12 10.93
C PRO C 360 -21.20 -1.94 10.24
N MET C 361 -21.16 -2.10 8.92
CA MET C 361 -19.91 -1.98 8.19
C MET C 361 -19.16 -0.66 8.43
N GLY C 362 -19.92 0.42 8.60
CA GLY C 362 -19.31 1.71 8.86
C GLY C 362 -18.87 1.83 10.30
N ARG C 363 -19.52 1.08 11.19
CA ARG C 363 -19.18 1.11 12.61
C ARG C 363 -17.83 0.47 12.82
N PHE C 364 -17.62 -0.64 12.11
CA PHE C 364 -16.36 -1.37 12.18
C PHE C 364 -15.20 -0.46 11.84
N LEU C 365 -15.36 0.35 10.80
CA LEU C 365 -14.33 1.28 10.38
C LEU C 365 -14.06 2.33 11.46
N ARG C 366 -15.12 2.96 11.94
CA ARG C 366 -14.99 3.99 12.96
C ARG C 366 -14.33 3.47 14.24
N ASP C 367 -14.69 2.25 14.66
CA ASP C 367 -14.12 1.64 15.85
C ASP C 367 -12.63 1.32 15.62
N ALA C 368 -12.36 0.60 14.53
CA ALA C 368 -11.02 0.17 14.14
C ALA C 368 -9.94 1.25 14.25
N LYS C 369 -10.24 2.41 13.69
CA LYS C 369 -9.32 3.55 13.67
C LYS C 369 -8.79 3.95 15.05
N LEU C 370 -9.55 3.67 16.10
CA LEU C 370 -9.10 4.03 17.44
C LEU C 370 -7.80 3.32 17.79
N TYR C 371 -7.70 2.05 17.43
CA TYR C 371 -6.52 1.27 17.76
C TYR C 371 -5.19 1.74 17.16
N GLU C 372 -5.23 2.67 16.22
CA GLU C 372 -4.03 3.23 15.62
C GLU C 372 -3.66 4.49 16.40
N ILE C 373 -4.42 4.77 17.46
CA ILE C 373 -4.23 5.95 18.29
C ILE C 373 -4.14 5.60 19.77
N GLY C 374 -5.08 4.81 20.24
CA GLY C 374 -5.11 4.42 21.64
C GLY C 374 -4.04 3.38 21.91
N ALA C 375 -3.50 3.39 23.13
CA ALA C 375 -2.45 2.46 23.53
C ALA C 375 -1.14 2.87 22.87
N GLY C 376 -1.10 4.10 22.37
CA GLY C 376 0.08 4.61 21.71
C GLY C 376 -0.15 4.63 20.21
N THR C 377 0.05 5.78 19.59
CA THR C 377 -0.15 5.91 18.15
C THR C 377 0.81 5.01 17.38
N SER C 378 0.47 4.70 16.13
CA SER C 378 1.32 3.87 15.28
C SER C 378 2.76 4.38 15.24
N GLU C 379 2.91 5.71 15.25
CA GLU C 379 4.21 6.37 15.22
C GLU C 379 5.03 6.01 16.46
N VAL C 380 4.44 6.23 17.65
CA VAL C 380 5.14 5.93 18.90
C VAL C 380 5.47 4.44 18.99
N ARG C 381 4.68 3.60 18.32
CA ARG C 381 4.93 2.17 18.34
C ARG C 381 6.11 1.80 17.45
N ARG C 382 6.29 2.55 16.36
CA ARG C 382 7.40 2.30 15.43
C ARG C 382 8.70 2.74 16.07
N LEU C 383 8.61 3.78 16.89
CA LEU C 383 9.75 4.31 17.61
C LEU C 383 10.20 3.28 18.66
N VAL C 384 9.23 2.68 19.34
CA VAL C 384 9.51 1.68 20.37
C VAL C 384 10.26 0.48 19.78
N ILE C 385 9.86 0.04 18.60
CA ILE C 385 10.49 -1.09 17.95
C ILE C 385 11.89 -0.70 17.43
N GLY C 386 11.96 0.41 16.72
CA GLY C 386 13.22 0.88 16.19
C GLY C 386 14.25 1.09 17.28
N ARG C 387 13.82 1.72 18.38
CA ARG C 387 14.69 1.98 19.53
C ARG C 387 15.20 0.69 20.15
N ALA C 388 14.36 -0.34 20.20
CA ALA C 388 14.78 -1.61 20.76
C ALA C 388 15.99 -2.11 19.98
N PHE C 389 15.91 -1.97 18.66
CA PHE C 389 17.00 -2.36 17.79
C PHE C 389 18.19 -1.45 18.03
N ASN C 390 17.92 -0.17 18.30
CA ASN C 390 18.97 0.80 18.59
C ASN C 390 19.78 0.41 19.82
N ALA C 391 19.08 -0.11 20.81
CA ALA C 391 19.69 -0.52 22.07
C ALA C 391 20.59 -1.74 21.96
N ASP C 392 20.19 -2.76 21.21
CA ASP C 392 21.07 -3.92 21.09
C ASP C 392 22.15 -3.70 20.01
N VAL D 6 -3.39 28.14 1.38
CA VAL D 6 -2.85 28.65 0.13
C VAL D 6 -2.89 27.54 -0.94
N ASP D 7 -3.30 27.91 -2.15
CA ASP D 7 -3.44 26.98 -3.27
C ASP D 7 -2.61 27.50 -4.43
N ASP D 8 -1.53 26.77 -4.75
CA ASP D 8 -0.63 27.16 -5.82
C ASP D 8 -1.20 26.81 -7.17
N ALA D 9 -1.55 27.83 -7.95
CA ALA D 9 -2.07 27.56 -9.27
C ALA D 9 -0.98 27.34 -10.31
N ILE D 10 -0.22 26.29 -9.98
CA ILE D 10 0.89 25.66 -10.70
C ILE D 10 0.10 24.67 -11.58
N ASN D 11 -1.20 24.60 -11.29
CA ASN D 11 -2.19 23.77 -11.95
C ASN D 11 -2.39 24.25 -13.37
N GLY D 12 -1.85 25.44 -13.65
CA GLY D 12 -1.95 26.02 -14.96
C GLY D 12 -3.28 26.67 -15.23
N LEU D 13 -3.81 27.35 -14.21
CA LEU D 13 -5.10 28.03 -14.33
C LEU D 13 -4.88 29.45 -14.85
N SER D 14 -5.83 29.93 -15.63
CA SER D 14 -5.76 31.27 -16.19
C SER D 14 -6.10 32.26 -15.08
N GLU D 15 -5.92 33.54 -15.37
CA GLU D 15 -6.22 34.59 -14.40
C GLU D 15 -7.70 34.53 -13.98
N GLU D 16 -8.57 34.33 -14.98
CA GLU D 16 -10.00 34.25 -14.75
C GLU D 16 -10.30 33.09 -13.80
N GLN D 17 -9.80 31.90 -14.13
CA GLN D 17 -10.02 30.71 -13.34
C GLN D 17 -9.56 30.87 -11.88
N ARG D 18 -8.45 31.58 -11.70
CA ARG D 18 -7.90 31.83 -10.37
C ARG D 18 -8.87 32.75 -9.65
N GLN D 19 -9.46 33.66 -10.44
CA GLN D 19 -10.43 34.63 -9.95
C GLN D 19 -11.64 33.85 -9.45
N LEU D 20 -12.08 32.88 -10.25
CA LEU D 20 -13.24 32.06 -9.93
C LEU D 20 -13.03 31.34 -8.61
N ARG D 21 -11.86 30.70 -8.47
CA ARG D 21 -11.53 29.97 -7.26
C ARG D 21 -11.45 30.89 -6.05
N GLN D 22 -11.01 32.12 -6.27
CA GLN D 22 -10.89 33.08 -5.19
C GLN D 22 -12.26 33.48 -4.69
N THR D 23 -13.11 33.84 -5.65
CA THR D 23 -14.48 34.25 -5.40
C THR D 23 -15.21 33.18 -4.61
N MET D 24 -15.10 31.94 -5.09
CA MET D 24 -15.76 30.82 -4.44
C MET D 24 -15.25 30.60 -3.02
N ALA D 25 -13.93 30.56 -2.87
CA ALA D 25 -13.31 30.35 -1.56
C ALA D 25 -13.74 31.37 -0.55
N LYS D 26 -13.69 32.64 -0.92
CA LYS D 26 -14.09 33.70 -0.01
C LYS D 26 -15.57 33.57 0.37
N PHE D 27 -16.44 33.38 -0.63
CA PHE D 27 -17.89 33.23 -0.41
C PHE D 27 -18.19 32.03 0.50
N LEU D 28 -17.69 30.87 0.11
CA LEU D 28 -17.89 29.63 0.86
C LEU D 28 -17.37 29.72 2.28
N GLN D 29 -16.27 30.45 2.46
CA GLN D 29 -15.66 30.60 3.78
C GLN D 29 -16.62 31.16 4.81
N GLU D 30 -17.43 32.14 4.42
CA GLU D 30 -18.35 32.74 5.37
C GLU D 30 -19.78 32.20 5.30
N HIS D 31 -20.19 31.72 4.13
CA HIS D 31 -21.56 31.23 3.96
C HIS D 31 -21.80 29.74 4.12
N LEU D 32 -20.79 28.91 3.92
CA LEU D 32 -21.00 27.48 4.04
C LEU D 32 -20.09 26.78 5.05
N ALA D 33 -18.80 27.13 5.01
CA ALA D 33 -17.80 26.54 5.90
C ALA D 33 -18.21 26.48 7.38
N PRO D 34 -18.70 27.60 7.94
CA PRO D 34 -19.10 27.61 9.35
C PRO D 34 -20.23 26.62 9.68
N LYS D 35 -21.15 26.47 8.73
CA LYS D 35 -22.31 25.60 8.91
C LYS D 35 -22.01 24.12 8.77
N ALA D 36 -21.01 23.79 7.94
CA ALA D 36 -20.63 22.42 7.64
C ALA D 36 -20.72 21.38 8.76
N GLN D 37 -20.25 21.71 9.96
CA GLN D 37 -20.30 20.76 11.07
C GLN D 37 -21.75 20.48 11.42
N GLU D 38 -22.53 21.54 11.52
CA GLU D 38 -23.95 21.42 11.85
C GLU D 38 -24.70 20.60 10.81
N ILE D 39 -24.45 20.90 9.54
CA ILE D 39 -25.07 20.19 8.42
C ILE D 39 -24.89 18.67 8.55
N ASP D 40 -23.65 18.27 8.83
CA ASP D 40 -23.29 16.88 8.98
C ASP D 40 -23.98 16.28 10.19
N ARG D 41 -23.83 16.94 11.33
CA ARG D 41 -24.41 16.49 12.58
C ARG D 41 -25.92 16.33 12.52
N SER D 42 -26.61 17.35 12.00
CA SER D 42 -28.07 17.30 11.91
C SER D 42 -28.57 16.44 10.73
N ASN D 43 -27.68 16.13 9.80
CA ASN D 43 -28.01 15.34 8.60
C ASN D 43 -29.01 16.16 7.82
N GLU D 44 -28.82 17.48 7.81
CA GLU D 44 -29.75 18.37 7.14
C GLU D 44 -29.20 19.76 6.89
N PHE D 45 -29.39 20.25 5.66
CA PHE D 45 -28.96 21.58 5.28
C PHE D 45 -30.22 22.46 5.33
N LYS D 46 -30.34 23.23 6.40
CA LYS D 46 -31.50 24.08 6.62
C LYS D 46 -31.67 25.32 5.75
N ASN D 47 -30.62 25.71 5.04
CA ASN D 47 -30.71 26.88 4.16
C ASN D 47 -30.58 26.50 2.70
N LEU D 48 -30.61 25.20 2.43
CA LEU D 48 -30.44 24.70 1.07
C LEU D 48 -31.02 25.59 -0.05
N ARG D 49 -32.34 25.76 -0.04
CA ARG D 49 -33.03 26.59 -1.04
C ARG D 49 -32.42 27.98 -1.18
N GLU D 50 -32.12 28.58 -0.03
CA GLU D 50 -31.55 29.92 0.02
C GLU D 50 -30.14 29.90 -0.56
N PHE D 51 -29.38 28.89 -0.18
CA PHE D 51 -28.01 28.72 -0.62
C PHE D 51 -27.98 28.57 -2.14
N TRP D 52 -28.88 27.73 -2.66
CA TRP D 52 -28.93 27.51 -4.10
C TRP D 52 -29.14 28.80 -4.90
N LYS D 53 -29.96 29.69 -4.38
CA LYS D 53 -30.20 30.95 -5.08
C LYS D 53 -28.98 31.86 -5.06
N GLN D 54 -28.15 31.70 -4.03
CA GLN D 54 -26.91 32.48 -3.94
C GLN D 54 -25.91 31.90 -4.93
N LEU D 55 -25.89 30.56 -5.01
CA LEU D 55 -25.02 29.87 -5.94
C LEU D 55 -25.40 30.27 -7.36
N GLY D 56 -26.71 30.39 -7.58
CA GLY D 56 -27.23 30.78 -8.88
C GLY D 56 -26.85 32.20 -9.21
N ASN D 57 -26.85 33.05 -8.19
CA ASN D 57 -26.47 34.46 -8.37
C ASN D 57 -25.00 34.57 -8.74
N LEU D 58 -24.17 33.69 -8.18
CA LEU D 58 -22.75 33.67 -8.47
C LEU D 58 -22.54 33.11 -9.89
N GLY D 59 -23.54 32.38 -10.38
CA GLY D 59 -23.49 31.80 -11.72
C GLY D 59 -22.83 30.45 -11.82
N VAL D 60 -22.62 29.81 -10.68
CA VAL D 60 -21.96 28.52 -10.64
C VAL D 60 -22.85 27.30 -10.79
N LEU D 61 -24.16 27.48 -10.75
CA LEU D 61 -25.10 26.36 -10.91
C LEU D 61 -25.12 25.88 -12.35
N GLY D 62 -25.27 26.82 -13.28
CA GLY D 62 -25.30 26.47 -14.69
C GLY D 62 -23.96 26.84 -15.30
N ILE D 63 -22.90 26.54 -14.58
CA ILE D 63 -21.54 26.85 -14.97
C ILE D 63 -21.16 26.38 -16.39
N THR D 64 -21.61 25.18 -16.76
CA THR D 64 -21.33 24.64 -18.08
C THR D 64 -22.52 24.80 -19.04
N ALA D 65 -23.56 25.51 -18.60
CA ALA D 65 -24.78 25.71 -19.40
C ALA D 65 -24.71 26.96 -20.27
N PRO D 66 -25.28 26.90 -21.49
CA PRO D 66 -25.29 28.03 -22.43
C PRO D 66 -25.77 29.34 -21.81
N VAL D 67 -25.08 30.42 -22.17
CA VAL D 67 -25.40 31.75 -21.65
C VAL D 67 -26.85 32.11 -22.03
N GLN D 68 -27.33 31.51 -23.11
CA GLN D 68 -28.68 31.70 -23.60
C GLN D 68 -29.71 31.49 -22.49
N TYR D 69 -29.53 30.44 -21.69
CA TYR D 69 -30.46 30.16 -20.61
C TYR D 69 -29.99 30.76 -19.29
N GLY D 70 -29.10 31.74 -19.37
CA GLY D 70 -28.56 32.36 -18.18
C GLY D 70 -27.38 31.59 -17.58
N GLY D 71 -26.83 30.68 -18.37
CA GLY D 71 -25.67 29.91 -17.93
C GLY D 71 -24.38 30.67 -18.14
N SER D 72 -23.30 30.21 -17.51
CA SER D 72 -22.00 30.87 -17.65
C SER D 72 -21.30 30.52 -18.96
N GLY D 73 -21.66 29.38 -19.54
CA GLY D 73 -21.04 28.96 -20.78
C GLY D 73 -19.56 28.66 -20.63
N LEU D 74 -19.18 28.05 -19.50
CA LEU D 74 -17.79 27.71 -19.25
C LEU D 74 -17.59 26.21 -19.44
N GLY D 75 -16.43 25.70 -19.03
CA GLY D 75 -16.16 24.28 -19.21
C GLY D 75 -16.07 23.45 -17.96
N TYR D 76 -15.79 22.17 -18.13
CA TYR D 76 -15.66 21.23 -17.02
C TYR D 76 -14.49 21.53 -16.07
N LEU D 77 -13.45 22.19 -16.59
CA LEU D 77 -12.31 22.54 -15.74
C LEU D 77 -12.79 23.53 -14.67
N GLU D 78 -13.59 24.49 -15.10
CA GLU D 78 -14.14 25.50 -14.21
C GLU D 78 -15.17 24.86 -13.28
N HIS D 79 -15.84 23.83 -13.77
CA HIS D 79 -16.83 23.15 -12.97
C HIS D 79 -16.12 22.39 -11.85
N VAL D 80 -15.03 21.70 -12.20
CA VAL D 80 -14.25 20.93 -11.22
C VAL D 80 -13.73 21.88 -10.13
N LEU D 81 -13.34 23.08 -10.54
CA LEU D 81 -12.85 24.08 -9.59
C LEU D 81 -13.89 24.38 -8.53
N VAL D 82 -15.11 24.70 -8.99
CA VAL D 82 -16.21 25.03 -8.09
C VAL D 82 -16.61 23.82 -7.25
N MET D 83 -16.68 22.66 -7.89
CA MET D 83 -17.03 21.42 -7.20
C MET D 83 -16.04 21.19 -6.07
N GLU D 84 -14.76 21.39 -6.38
CA GLU D 84 -13.67 21.23 -5.43
C GLU D 84 -13.81 22.18 -4.25
N GLU D 85 -14.02 23.47 -4.55
CA GLU D 85 -14.19 24.48 -3.52
C GLU D 85 -15.42 24.32 -2.63
N ILE D 86 -16.51 23.80 -3.19
CA ILE D 86 -17.70 23.59 -2.37
C ILE D 86 -17.44 22.38 -1.49
N SER D 87 -16.79 21.36 -2.04
CA SER D 87 -16.47 20.13 -1.31
C SER D 87 -15.46 20.38 -0.19
N ARG D 88 -14.64 21.40 -0.39
CA ARG D 88 -13.64 21.79 0.58
C ARG D 88 -14.38 22.37 1.79
N ALA D 89 -15.42 23.17 1.53
CA ALA D 89 -16.24 23.79 2.58
C ALA D 89 -17.16 22.77 3.24
N SER D 90 -17.78 21.91 2.44
CA SER D 90 -18.66 20.87 2.95
C SER D 90 -18.83 19.76 1.89
N GLY D 91 -18.53 18.53 2.30
CA GLY D 91 -18.64 17.41 1.39
C GLY D 91 -20.08 17.16 0.96
N ALA D 92 -20.99 17.23 1.94
CA ALA D 92 -22.41 17.00 1.70
C ALA D 92 -22.96 17.95 0.62
N VAL D 93 -22.73 19.25 0.80
CA VAL D 93 -23.18 20.26 -0.14
C VAL D 93 -22.47 20.15 -1.49
N GLY D 94 -21.24 19.68 -1.50
CA GLY D 94 -20.52 19.52 -2.75
C GLY D 94 -21.21 18.45 -3.57
N LEU D 95 -21.59 17.36 -2.91
CA LEU D 95 -22.27 16.25 -3.57
C LEU D 95 -23.59 16.77 -4.15
N SER D 96 -24.38 17.41 -3.32
CA SER D 96 -25.66 17.96 -3.74
C SER D 96 -25.45 18.86 -4.97
N TYR D 97 -24.43 19.71 -4.91
CA TYR D 97 -24.15 20.61 -6.01
C TYR D 97 -23.77 19.83 -7.26
N GLY D 98 -23.07 18.73 -7.07
CA GLY D 98 -22.66 17.91 -8.19
C GLY D 98 -23.87 17.29 -8.89
N ALA D 99 -24.79 16.75 -8.10
CA ALA D 99 -25.99 16.12 -8.65
C ALA D 99 -26.79 17.14 -9.46
N HIS D 100 -26.94 18.33 -8.89
CA HIS D 100 -27.67 19.41 -9.52
C HIS D 100 -27.04 19.93 -10.81
N SER D 101 -25.87 20.55 -10.69
CA SER D 101 -25.15 21.15 -11.81
C SER D 101 -24.62 20.24 -12.92
N ASN D 102 -24.33 18.99 -12.60
CA ASN D 102 -23.82 18.09 -13.63
C ASN D 102 -24.79 16.97 -13.99
N LEU D 103 -25.16 16.15 -13.01
CA LEU D 103 -26.07 15.03 -13.25
C LEU D 103 -27.36 15.49 -13.93
N CYS D 104 -27.93 16.57 -13.40
CA CYS D 104 -29.16 17.10 -13.95
C CYS D 104 -28.92 18.13 -15.04
N ILE D 105 -28.52 19.34 -14.65
CA ILE D 105 -28.30 20.41 -15.62
C ILE D 105 -27.50 20.09 -16.88
N ASN D 106 -26.29 19.54 -16.71
CA ASN D 106 -25.46 19.22 -17.87
C ASN D 106 -26.12 18.22 -18.81
N GLN D 107 -26.85 17.27 -18.22
CA GLN D 107 -27.54 16.24 -18.99
C GLN D 107 -28.68 16.88 -19.80
N LEU D 108 -29.30 17.91 -19.22
CA LEU D 108 -30.37 18.62 -19.91
C LEU D 108 -29.82 19.40 -21.10
N VAL D 109 -28.72 20.13 -20.91
CA VAL D 109 -28.13 20.91 -22.00
C VAL D 109 -27.64 20.02 -23.14
N ARG D 110 -27.24 18.80 -22.79
CA ARG D 110 -26.70 17.86 -23.77
C ARG D 110 -27.74 17.10 -24.59
N ASN D 111 -28.83 16.67 -23.97
CA ASN D 111 -29.84 15.90 -24.68
C ASN D 111 -31.25 16.51 -24.79
N GLY D 112 -31.47 17.62 -24.09
CA GLY D 112 -32.76 18.27 -24.13
C GLY D 112 -32.95 19.10 -25.38
N ASN D 113 -34.17 19.14 -25.90
CA ASN D 113 -34.44 19.94 -27.08
C ASN D 113 -34.66 21.39 -26.64
N GLU D 114 -34.86 22.28 -27.60
CA GLU D 114 -35.06 23.70 -27.31
C GLU D 114 -36.16 23.98 -26.30
N ALA D 115 -37.24 23.21 -26.38
CA ALA D 115 -38.39 23.36 -25.48
C ALA D 115 -38.07 22.97 -24.04
N GLN D 116 -37.51 21.78 -23.87
CA GLN D 116 -37.15 21.26 -22.56
C GLN D 116 -36.13 22.17 -21.89
N LYS D 117 -35.15 22.63 -22.66
CA LYS D 117 -34.11 23.52 -22.14
C LYS D 117 -34.69 24.84 -21.65
N GLU D 118 -35.55 25.43 -22.47
CA GLU D 118 -36.18 26.70 -22.15
C GLU D 118 -37.12 26.60 -20.93
N LYS D 119 -37.81 25.48 -20.84
CA LYS D 119 -38.75 25.24 -19.75
C LYS D 119 -38.09 24.92 -18.41
N TYR D 120 -37.00 24.16 -18.44
CA TYR D 120 -36.34 23.77 -17.21
C TYR D 120 -35.04 24.47 -16.83
N LEU D 121 -34.13 24.60 -17.78
CA LEU D 121 -32.83 25.22 -17.53
C LEU D 121 -32.78 26.52 -16.74
N PRO D 122 -33.55 27.54 -17.14
CA PRO D 122 -33.51 28.80 -16.39
C PRO D 122 -33.74 28.72 -14.87
N LYS D 123 -34.70 27.92 -14.43
CA LYS D 123 -34.97 27.80 -13.00
C LYS D 123 -33.93 26.92 -12.30
N LEU D 124 -33.35 26.00 -13.06
CA LEU D 124 -32.31 25.10 -12.56
C LEU D 124 -31.03 25.92 -12.37
N ILE D 125 -30.75 26.78 -13.34
CA ILE D 125 -29.56 27.63 -13.34
C ILE D 125 -29.61 28.73 -12.28
N SER D 126 -30.81 29.21 -11.98
CA SER D 126 -30.97 30.26 -10.98
C SER D 126 -30.94 29.75 -9.55
N GLY D 127 -31.31 28.49 -9.36
CA GLY D 127 -31.33 27.91 -8.03
C GLY D 127 -32.72 27.78 -7.48
N GLU D 128 -33.72 28.23 -8.25
CA GLU D 128 -35.13 28.17 -7.87
C GLU D 128 -35.54 26.69 -7.86
N TYR D 129 -35.02 25.95 -8.82
CA TYR D 129 -35.32 24.54 -8.90
C TYR D 129 -34.09 23.78 -8.43
N ILE D 130 -34.32 22.57 -7.95
CA ILE D 130 -33.24 21.70 -7.52
C ILE D 130 -33.38 20.48 -8.43
N GLY D 131 -32.26 20.04 -9.00
CA GLY D 131 -32.29 18.91 -9.91
C GLY D 131 -31.72 17.65 -9.31
N ALA D 132 -32.00 16.51 -9.94
CA ALA D 132 -31.52 15.22 -9.49
C ALA D 132 -31.54 14.26 -10.67
N LEU D 133 -30.82 13.17 -10.55
CA LEU D 133 -30.76 12.16 -11.59
C LEU D 133 -30.92 10.79 -10.95
N ALA D 134 -31.92 10.05 -11.43
CA ALA D 134 -32.24 8.72 -10.92
C ALA D 134 -32.00 7.64 -11.95
N MET D 135 -31.17 6.67 -11.60
CA MET D 135 -30.84 5.54 -12.47
C MET D 135 -30.62 4.28 -11.63
N SER D 136 -30.11 4.47 -10.42
CA SER D 136 -29.85 3.35 -9.51
C SER D 136 -31.11 2.89 -8.80
N GLU D 137 -31.21 1.59 -8.57
CA GLU D 137 -32.36 0.97 -7.91
C GLU D 137 -31.86 0.02 -6.82
N PRO D 138 -32.79 -0.53 -6.00
CA PRO D 138 -32.43 -1.47 -4.93
C PRO D 138 -31.66 -2.68 -5.42
N ASN D 139 -31.86 -3.05 -6.67
CA ASN D 139 -31.19 -4.20 -7.26
C ASN D 139 -30.46 -3.84 -8.56
N ALA D 140 -30.07 -2.58 -8.70
CA ALA D 140 -29.40 -2.15 -9.90
C ALA D 140 -28.53 -0.95 -9.56
N GLY D 141 -27.34 -1.23 -9.05
CA GLY D 141 -26.43 -0.16 -8.70
C GLY D 141 -25.31 -0.18 -9.72
N SER D 142 -24.40 -1.13 -9.56
CA SER D 142 -23.28 -1.31 -10.48
C SER D 142 -23.88 -1.80 -11.79
N ASP D 143 -24.80 -2.76 -11.67
CA ASP D 143 -25.51 -3.33 -12.82
C ASP D 143 -26.71 -2.43 -13.07
N VAL D 144 -26.46 -1.23 -13.57
CA VAL D 144 -27.51 -0.27 -13.83
C VAL D 144 -28.48 -0.69 -14.93
N VAL D 145 -27.96 -1.39 -15.94
CA VAL D 145 -28.77 -1.84 -17.07
C VAL D 145 -29.90 -2.79 -16.68
N SER D 146 -29.78 -3.42 -15.51
CA SER D 146 -30.81 -4.34 -15.06
C SER D 146 -31.95 -3.64 -14.31
N MET D 147 -32.03 -2.31 -14.47
CA MET D 147 -33.08 -1.54 -13.83
C MET D 147 -34.45 -2.08 -14.27
N LYS D 148 -35.43 -2.11 -13.37
CA LYS D 148 -36.74 -2.64 -13.71
C LYS D 148 -37.92 -1.70 -13.55
N LEU D 149 -37.67 -0.38 -13.57
CA LEU D 149 -38.75 0.58 -13.46
C LEU D 149 -39.41 0.51 -14.83
N LYS D 150 -40.66 0.06 -14.83
CA LYS D 150 -41.45 -0.11 -16.04
C LYS D 150 -42.11 1.18 -16.51
N ALA D 151 -42.05 1.45 -17.81
CA ALA D 151 -42.66 2.65 -18.39
C ALA D 151 -43.61 2.24 -19.52
N GLU D 152 -44.89 2.07 -19.18
CA GLU D 152 -45.90 1.64 -20.16
C GLU D 152 -46.35 2.80 -21.03
N LYS D 153 -46.33 2.62 -22.34
CA LYS D 153 -46.78 3.69 -23.22
C LYS D 153 -48.31 3.59 -23.43
N LYS D 154 -49.03 4.59 -22.94
CA LYS D 154 -50.48 4.65 -23.08
C LYS D 154 -50.79 5.89 -23.90
N GLY D 155 -50.79 5.71 -25.21
CA GLY D 155 -51.05 6.83 -26.09
C GLY D 155 -49.90 7.84 -26.12
N ASN D 156 -50.19 9.06 -25.70
CA ASN D 156 -49.22 10.16 -25.68
C ASN D 156 -48.58 10.27 -24.30
N HIS D 157 -48.69 9.21 -23.51
CA HIS D 157 -48.17 9.21 -22.17
C HIS D 157 -47.50 7.89 -21.87
N TYR D 158 -46.76 7.88 -20.77
CA TYR D 158 -46.07 6.69 -20.30
C TYR D 158 -46.49 6.59 -18.86
N ILE D 159 -46.67 5.37 -18.39
CA ILE D 159 -47.11 5.12 -17.03
C ILE D 159 -45.97 4.41 -16.32
N LEU D 160 -45.28 5.15 -15.47
CA LEU D 160 -44.15 4.62 -14.72
C LEU D 160 -44.62 3.90 -13.47
N ASN D 161 -44.06 2.72 -13.24
CA ASN D 161 -44.39 1.93 -12.06
C ASN D 161 -43.13 1.26 -11.55
N GLY D 162 -42.79 1.53 -10.30
CA GLY D 162 -41.60 0.94 -9.72
C GLY D 162 -40.95 1.90 -8.75
N ASN D 163 -39.64 1.73 -8.52
CA ASN D 163 -38.92 2.59 -7.59
C ASN D 163 -37.47 2.84 -7.99
N LYS D 164 -36.91 3.90 -7.43
CA LYS D 164 -35.51 4.25 -7.66
C LYS D 164 -34.92 4.35 -6.26
N PHE D 165 -33.63 4.10 -6.14
CA PHE D 165 -32.98 4.16 -4.83
C PHE D 165 -31.66 4.92 -4.88
N TRP D 166 -31.23 5.40 -3.71
CA TRP D 166 -29.99 6.14 -3.55
C TRP D 166 -29.98 7.47 -4.31
N ILE D 167 -31.10 8.18 -4.40
CA ILE D 167 -31.11 9.43 -5.17
C ILE D 167 -30.77 10.71 -4.39
N THR D 168 -29.62 11.28 -4.73
CA THR D 168 -29.15 12.51 -4.10
C THR D 168 -30.08 13.63 -4.52
N ASN D 169 -30.40 14.51 -3.57
CA ASN D 169 -31.30 15.64 -3.82
C ASN D 169 -32.72 15.11 -4.08
N GLY D 170 -32.92 13.82 -3.86
CA GLY D 170 -34.21 13.18 -4.09
C GLY D 170 -35.42 13.92 -3.57
N PRO D 171 -35.53 14.08 -2.25
CA PRO D 171 -36.68 14.79 -1.68
C PRO D 171 -36.64 16.33 -1.81
N ASP D 172 -35.85 16.87 -2.75
CA ASP D 172 -35.79 18.31 -2.92
C ASP D 172 -35.94 18.66 -4.38
N ALA D 173 -35.59 17.71 -5.24
CA ALA D 173 -35.65 17.93 -6.67
C ALA D 173 -37.03 18.29 -7.17
N ASP D 174 -37.09 19.41 -7.89
CA ASP D 174 -38.32 19.90 -8.49
C ASP D 174 -38.42 19.26 -9.87
N VAL D 175 -37.25 18.93 -10.44
CA VAL D 175 -37.17 18.30 -11.74
C VAL D 175 -36.14 17.17 -11.57
N LEU D 176 -36.44 16.01 -12.16
CA LEU D 176 -35.56 14.85 -12.04
C LEU D 176 -35.49 14.09 -13.34
N ILE D 177 -34.31 13.59 -13.67
CA ILE D 177 -34.11 12.80 -14.89
C ILE D 177 -34.12 11.35 -14.45
N VAL D 178 -35.13 10.61 -14.86
CA VAL D 178 -35.26 9.21 -14.47
C VAL D 178 -35.21 8.26 -15.66
N TYR D 179 -34.47 7.18 -15.50
CA TYR D 179 -34.32 6.18 -16.54
C TYR D 179 -35.29 5.05 -16.25
N ALA D 180 -36.02 4.62 -17.27
CA ALA D 180 -36.98 3.54 -17.10
C ALA D 180 -36.92 2.59 -18.27
N LYS D 181 -37.35 1.35 -18.02
CA LYS D 181 -37.38 0.31 -19.04
C LYS D 181 -38.66 0.41 -19.87
N THR D 182 -38.55 0.99 -21.06
CA THR D 182 -39.70 1.12 -21.93
C THR D 182 -39.89 -0.15 -22.74
N ASP D 183 -38.82 -0.92 -22.92
CA ASP D 183 -38.87 -2.15 -23.70
C ASP D 183 -38.25 -3.32 -22.92
N LEU D 184 -38.97 -3.77 -21.90
CA LEU D 184 -38.53 -4.87 -21.05
C LEU D 184 -38.23 -6.20 -21.75
N ALA D 185 -38.40 -6.25 -23.06
CA ALA D 185 -38.13 -7.48 -23.81
C ALA D 185 -37.04 -7.26 -24.86
N ALA D 186 -36.40 -6.09 -24.80
CA ALA D 186 -35.33 -5.72 -25.74
C ALA D 186 -34.31 -6.84 -25.82
N VAL D 187 -33.87 -7.18 -27.04
CA VAL D 187 -32.89 -8.24 -27.25
C VAL D 187 -31.74 -7.93 -26.28
N PRO D 188 -30.99 -6.83 -26.51
CA PRO D 188 -29.94 -6.57 -25.54
C PRO D 188 -30.68 -5.61 -24.61
N ALA D 189 -30.84 -5.96 -23.35
CA ALA D 189 -31.57 -5.12 -22.41
C ALA D 189 -31.33 -3.62 -22.57
N SER D 190 -30.09 -3.25 -22.88
CA SER D 190 -29.72 -1.85 -23.05
C SER D 190 -30.58 -1.10 -24.07
N ARG D 191 -31.26 -1.86 -24.92
CA ARG D 191 -32.11 -1.25 -25.94
C ARG D 191 -33.54 -1.02 -25.47
N GLY D 192 -33.79 -1.18 -24.17
CA GLY D 192 -35.13 -0.97 -23.67
C GLY D 192 -35.24 0.09 -22.60
N ILE D 193 -34.33 1.05 -22.61
CA ILE D 193 -34.35 2.10 -21.60
C ILE D 193 -34.54 3.48 -22.21
N THR D 194 -35.31 4.31 -21.52
CA THR D 194 -35.61 5.67 -21.95
C THR D 194 -35.47 6.58 -20.73
N ALA D 195 -35.03 7.82 -20.96
CA ALA D 195 -34.87 8.79 -19.88
C ALA D 195 -36.10 9.69 -19.94
N PHE D 196 -36.62 10.05 -18.78
CA PHE D 196 -37.80 10.90 -18.70
C PHE D 196 -37.57 12.02 -17.70
N ILE D 197 -38.13 13.19 -17.97
CA ILE D 197 -37.99 14.33 -17.07
C ILE D 197 -39.25 14.32 -16.19
N VAL D 198 -39.10 13.91 -14.93
CA VAL D 198 -40.23 13.91 -14.00
C VAL D 198 -40.15 15.20 -13.18
N GLU D 199 -41.28 15.68 -12.69
CA GLU D 199 -41.32 16.91 -11.92
C GLU D 199 -42.04 16.68 -10.60
N LYS D 200 -41.67 17.47 -9.60
CA LYS D 200 -42.25 17.39 -8.26
C LYS D 200 -43.75 17.68 -8.38
N GLY D 201 -44.58 16.81 -7.79
CA GLY D 201 -46.00 17.05 -7.85
C GLY D 201 -46.78 16.16 -8.81
N MET D 202 -46.09 15.51 -9.74
CA MET D 202 -46.76 14.63 -10.69
C MET D 202 -47.43 13.50 -9.91
N PRO D 203 -48.73 13.30 -10.13
CA PRO D 203 -49.48 12.24 -9.45
C PRO D 203 -48.82 10.89 -9.66
N GLY D 204 -48.69 10.14 -8.57
CA GLY D 204 -48.07 8.82 -8.65
C GLY D 204 -46.63 8.85 -8.15
N PHE D 205 -45.96 9.96 -8.40
CA PHE D 205 -44.56 10.15 -8.00
C PHE D 205 -44.41 10.65 -6.56
N SER D 206 -43.83 9.81 -5.71
CA SER D 206 -43.58 10.15 -4.31
C SER D 206 -42.12 9.84 -3.91
N THR D 207 -41.73 10.29 -2.73
CA THR D 207 -40.37 10.05 -2.25
C THR D 207 -40.38 9.55 -0.82
N SER D 208 -39.42 8.71 -0.49
CA SER D 208 -39.31 8.16 0.86
C SER D 208 -38.54 9.10 1.80
N LYS D 209 -38.24 8.58 2.99
CA LYS D 209 -37.50 9.33 4.01
C LYS D 209 -35.99 9.36 3.68
N LYS D 210 -35.32 10.43 4.11
CA LYS D 210 -33.86 10.58 3.96
C LYS D 210 -33.16 9.34 4.50
N LEU D 211 -31.95 9.09 4.02
CA LEU D 211 -31.18 7.96 4.52
C LEU D 211 -30.21 8.45 5.60
N ASP D 212 -29.93 7.57 6.56
CA ASP D 212 -29.00 7.84 7.66
C ASP D 212 -27.66 7.25 7.19
N LYS D 213 -26.86 8.06 6.51
CA LYS D 213 -25.57 7.61 5.99
C LYS D 213 -24.37 7.92 6.86
N LEU D 214 -23.27 7.20 6.59
CA LEU D 214 -22.01 7.35 7.30
C LEU D 214 -21.45 8.75 7.10
N GLY D 215 -21.46 9.20 5.84
CA GLY D 215 -20.96 10.51 5.53
C GLY D 215 -21.89 11.18 4.52
N MET D 216 -21.54 12.38 4.10
CA MET D 216 -22.35 13.16 3.16
C MET D 216 -23.71 13.49 3.76
N ARG D 217 -23.74 13.52 5.09
CA ARG D 217 -24.97 13.82 5.84
C ARG D 217 -25.28 15.28 5.51
N GLY D 218 -26.51 15.55 5.11
CA GLY D 218 -26.88 16.91 4.74
C GLY D 218 -27.20 16.93 3.26
N SER D 219 -26.75 15.88 2.57
CA SER D 219 -27.01 15.70 1.15
C SER D 219 -28.13 14.67 1.23
N ASN D 220 -29.35 15.10 0.89
CA ASN D 220 -30.53 14.27 0.97
C ASN D 220 -30.65 13.17 -0.09
N THR D 221 -30.63 11.94 0.40
CA THR D 221 -30.72 10.76 -0.43
C THR D 221 -31.96 9.96 -0.01
N CYS D 222 -32.80 9.61 -0.97
CA CYS D 222 -34.00 8.86 -0.66
C CYS D 222 -34.45 7.98 -1.81
N GLU D 223 -35.55 7.27 -1.58
CA GLU D 223 -36.15 6.38 -2.56
C GLU D 223 -37.27 7.06 -3.34
N LEU D 224 -37.29 6.86 -4.65
CA LEU D 224 -38.31 7.43 -5.51
C LEU D 224 -39.35 6.33 -5.76
N ILE D 225 -40.62 6.68 -5.58
CA ILE D 225 -41.71 5.73 -5.78
C ILE D 225 -42.60 6.22 -6.89
N PHE D 226 -42.87 5.35 -7.86
CA PHE D 226 -43.71 5.69 -8.98
C PHE D 226 -44.83 4.67 -9.05
N GLU D 227 -46.06 5.16 -8.95
CA GLU D 227 -47.24 4.32 -9.01
C GLU D 227 -48.23 4.92 -9.99
N ASP D 228 -48.25 4.35 -11.19
CA ASP D 228 -49.12 4.82 -12.26
C ASP D 228 -48.87 6.32 -12.51
N CYS D 229 -47.59 6.70 -12.44
CA CYS D 229 -47.23 8.08 -12.67
C CYS D 229 -47.34 8.26 -14.17
N LYS D 230 -48.12 9.24 -14.59
CA LYS D 230 -48.34 9.49 -16.00
C LYS D 230 -47.46 10.61 -16.52
N ILE D 231 -46.47 10.24 -17.34
CA ILE D 231 -45.54 11.20 -17.90
C ILE D 231 -45.79 11.37 -19.39
N PRO D 232 -45.96 12.62 -19.84
CA PRO D 232 -46.21 12.92 -21.26
C PRO D 232 -45.02 12.53 -22.12
N ALA D 233 -45.30 11.97 -23.30
CA ALA D 233 -44.26 11.56 -24.22
C ALA D 233 -43.29 12.71 -24.49
N ALA D 234 -43.77 13.93 -24.34
CA ALA D 234 -42.94 15.11 -24.56
C ALA D 234 -41.81 15.25 -23.54
N ASN D 235 -41.90 14.53 -22.44
CA ASN D 235 -40.89 14.59 -21.39
C ASN D 235 -39.74 13.61 -21.50
N ILE D 236 -39.67 12.83 -22.57
CA ILE D 236 -38.57 11.90 -22.71
C ILE D 236 -37.33 12.68 -23.11
N LEU D 237 -36.23 12.44 -22.41
CA LEU D 237 -34.97 13.10 -22.69
C LEU D 237 -34.34 12.35 -23.86
N GLY D 238 -34.06 13.08 -24.93
CA GLY D 238 -33.44 12.45 -26.07
C GLY D 238 -34.42 11.62 -26.90
N HIS D 239 -34.27 10.30 -26.91
CA HIS D 239 -35.15 9.45 -27.70
C HIS D 239 -35.53 8.20 -26.95
N GLU D 240 -36.70 7.66 -27.29
CA GLU D 240 -37.22 6.45 -26.69
C GLU D 240 -36.30 5.28 -27.00
N ASN D 241 -36.01 4.48 -25.97
CA ASN D 241 -35.13 3.30 -26.09
C ASN D 241 -33.65 3.60 -26.35
N LYS D 242 -33.36 4.87 -26.63
CA LYS D 242 -32.01 5.33 -26.86
C LYS D 242 -31.61 6.11 -25.62
N GLY D 243 -31.94 5.54 -24.47
CA GLY D 243 -31.63 6.16 -23.21
C GLY D 243 -30.37 5.65 -22.55
N VAL D 244 -30.00 4.39 -22.79
CA VAL D 244 -28.79 3.80 -22.20
C VAL D 244 -27.64 4.69 -22.57
N TYR D 245 -27.76 5.25 -23.76
CA TYR D 245 -26.81 6.13 -24.32
C TYR D 245 -26.62 7.42 -23.53
N VAL D 246 -27.70 8.15 -23.27
CA VAL D 246 -27.63 9.40 -22.51
C VAL D 246 -27.04 9.11 -21.13
N LEU D 247 -27.35 7.93 -20.63
CA LEU D 247 -26.91 7.46 -19.32
C LEU D 247 -25.39 7.26 -19.32
N MET D 248 -24.91 6.49 -20.29
CA MET D 248 -23.50 6.17 -20.42
C MET D 248 -22.68 7.42 -20.67
N SER D 249 -23.12 8.23 -21.63
CA SER D 249 -22.41 9.46 -21.96
C SER D 249 -22.34 10.42 -20.78
N GLY D 250 -23.41 10.46 -19.99
CA GLY D 250 -23.43 11.34 -18.83
C GLY D 250 -22.50 10.84 -17.75
N LEU D 251 -22.39 9.51 -17.64
CA LEU D 251 -21.53 8.85 -16.66
C LEU D 251 -20.08 9.36 -16.66
N ASP D 252 -19.49 9.51 -17.85
CA ASP D 252 -18.11 9.98 -17.99
C ASP D 252 -17.96 11.39 -17.40
N LEU D 253 -18.80 12.32 -17.85
CA LEU D 253 -18.77 13.69 -17.35
C LEU D 253 -19.03 13.75 -15.85
N GLU D 254 -19.81 12.79 -15.36
CA GLU D 254 -20.14 12.71 -13.93
C GLU D 254 -18.89 12.36 -13.14
N ARG D 255 -18.15 11.37 -13.64
CA ARG D 255 -16.92 10.91 -13.00
C ARG D 255 -15.86 12.01 -13.04
N LEU D 256 -15.77 12.69 -14.18
CA LEU D 256 -14.81 13.76 -14.37
C LEU D 256 -15.06 14.95 -13.44
N VAL D 257 -16.31 15.39 -13.38
CA VAL D 257 -16.65 16.52 -12.55
C VAL D 257 -16.71 16.20 -11.07
N LEU D 258 -17.13 14.98 -10.75
CA LEU D 258 -17.23 14.57 -9.35
C LEU D 258 -15.86 14.29 -8.71
N ALA D 259 -14.81 14.27 -9.55
CA ALA D 259 -13.46 14.05 -9.08
C ALA D 259 -13.05 15.25 -8.23
N GLY D 260 -13.76 16.36 -8.39
CA GLY D 260 -13.47 17.55 -7.62
C GLY D 260 -13.79 17.34 -6.16
N GLY D 261 -14.71 16.41 -5.87
CA GLY D 261 -15.07 16.12 -4.49
C GLY D 261 -13.84 15.69 -3.72
N PRO D 262 -13.20 14.59 -4.13
CA PRO D 262 -11.99 14.07 -3.48
C PRO D 262 -10.90 15.15 -3.36
N LEU D 263 -10.79 16.01 -4.36
CA LEU D 263 -9.81 17.08 -4.37
C LEU D 263 -10.08 18.13 -3.30
N GLY D 264 -11.34 18.48 -3.14
CA GLY D 264 -11.71 19.47 -2.15
C GLY D 264 -11.54 18.88 -0.77
N LEU D 265 -11.83 17.58 -0.63
CA LEU D 265 -11.72 16.89 0.64
C LEU D 265 -10.25 16.81 1.06
N MET D 266 -9.38 16.38 0.15
CA MET D 266 -7.95 16.30 0.45
C MET D 266 -7.42 17.68 0.84
N GLN D 267 -7.84 18.71 0.12
CA GLN D 267 -7.40 20.07 0.41
C GLN D 267 -7.87 20.52 1.79
N ALA D 268 -9.05 20.04 2.19
CA ALA D 268 -9.64 20.36 3.48
C ALA D 268 -8.86 19.71 4.65
N VAL D 269 -8.35 18.50 4.45
CA VAL D 269 -7.59 17.86 5.52
C VAL D 269 -6.27 18.61 5.66
N LEU D 270 -5.68 19.00 4.53
CA LEU D 270 -4.43 19.75 4.56
C LEU D 270 -4.63 21.07 5.29
N ASP D 271 -5.75 21.75 5.01
CA ASP D 271 -6.09 23.02 5.64
C ASP D 271 -6.06 22.92 7.17
N HIS D 272 -6.29 21.73 7.68
CA HIS D 272 -6.32 21.52 9.12
C HIS D 272 -5.05 20.89 9.70
N THR D 273 -4.56 19.87 9.03
CA THR D 273 -3.38 19.13 9.45
C THR D 273 -2.11 20.00 9.51
N ILE D 274 -1.77 20.63 8.38
CA ILE D 274 -0.56 21.46 8.27
C ILE D 274 -0.41 22.45 9.43
N PRO D 275 -1.40 23.33 9.66
CA PRO D 275 -1.21 24.26 10.77
C PRO D 275 -1.22 23.60 12.15
N TYR D 276 -1.95 22.49 12.31
CA TYR D 276 -2.00 21.80 13.60
C TYR D 276 -0.63 21.24 13.97
N LEU D 277 0.00 20.59 13.01
CA LEU D 277 1.32 20.00 13.18
C LEU D 277 2.35 21.04 13.61
N HIS D 278 2.07 22.31 13.35
CA HIS D 278 2.99 23.37 13.70
C HIS D 278 2.53 24.15 14.93
N VAL D 279 1.58 23.58 15.67
CA VAL D 279 1.04 24.21 16.89
C VAL D 279 1.12 23.22 18.05
N ARG D 280 0.67 22.00 17.82
CA ARG D 280 0.72 20.97 18.84
C ARG D 280 2.19 20.60 19.00
N GLU D 281 2.65 20.54 20.25
CA GLU D 281 4.04 20.23 20.53
C GLU D 281 4.17 19.08 21.51
N ALA D 282 5.03 18.12 21.17
CA ALA D 282 5.28 16.97 22.03
C ALA D 282 6.78 16.79 22.13
N PHE D 283 7.25 16.39 23.30
CA PHE D 283 8.67 16.16 23.53
C PHE D 283 9.53 17.41 23.29
N GLY D 284 8.96 18.57 23.60
CA GLY D 284 9.68 19.81 23.43
C GLY D 284 9.59 20.52 22.09
N GLN D 285 8.88 19.96 21.11
CA GLN D 285 8.80 20.61 19.82
C GLN D 285 7.52 20.32 19.07
N LYS D 286 7.25 21.14 18.07
CA LYS D 286 6.08 21.00 17.22
C LYS D 286 6.16 19.62 16.62
N ILE D 287 5.11 18.84 16.80
CA ILE D 287 5.09 17.48 16.26
C ILE D 287 5.43 17.41 14.77
N GLY D 288 5.24 18.53 14.08
CA GLY D 288 5.54 18.58 12.65
C GLY D 288 7.02 18.61 12.33
N HIS D 289 7.86 18.60 13.37
CA HIS D 289 9.31 18.63 13.17
C HIS D 289 9.89 17.21 13.20
N PHE D 290 9.09 16.26 13.67
CA PHE D 290 9.53 14.88 13.73
C PHE D 290 9.44 14.28 12.32
N GLN D 291 10.43 13.48 11.95
CA GLN D 291 10.51 12.86 10.63
C GLN D 291 9.24 12.16 10.17
N LEU D 292 8.67 11.35 11.06
CA LEU D 292 7.45 10.62 10.75
C LEU D 292 6.32 11.57 10.35
N MET D 293 6.25 12.72 11.02
CA MET D 293 5.22 13.69 10.69
C MET D 293 5.54 14.40 9.38
N GLN D 294 6.81 14.75 9.18
CA GLN D 294 7.22 15.40 7.94
C GLN D 294 6.97 14.48 6.75
N GLY D 295 7.02 13.19 6.99
CA GLY D 295 6.76 12.23 5.94
C GLY D 295 5.29 12.21 5.62
N LYS D 296 4.44 12.36 6.65
CA LYS D 296 2.99 12.37 6.49
C LYS D 296 2.63 13.53 5.57
N MET D 297 3.11 14.72 5.91
CA MET D 297 2.87 15.92 5.14
C MET D 297 3.24 15.72 3.69
N ALA D 298 4.42 15.19 3.45
CA ALA D 298 4.91 14.97 2.11
C ALA D 298 4.00 14.06 1.32
N ASP D 299 3.51 12.99 1.95
CA ASP D 299 2.63 12.03 1.31
C ASP D 299 1.21 12.56 1.01
N MET D 300 0.66 13.30 1.96
CA MET D 300 -0.66 13.87 1.77
C MET D 300 -0.56 14.92 0.68
N TYR D 301 0.48 15.75 0.77
CA TYR D 301 0.72 16.81 -0.20
C TYR D 301 0.99 16.34 -1.62
N THR D 302 1.75 15.28 -1.79
CA THR D 302 2.03 14.81 -3.13
C THR D 302 0.82 14.12 -3.74
N ARG D 303 0.07 13.38 -2.94
CA ARG D 303 -1.13 12.71 -3.43
C ARG D 303 -2.13 13.74 -3.91
N LEU D 304 -2.28 14.82 -3.13
CA LEU D 304 -3.19 15.90 -3.48
C LEU D 304 -2.76 16.59 -4.77
N MET D 305 -1.47 16.90 -4.87
CA MET D 305 -0.95 17.57 -6.05
C MET D 305 -1.05 16.73 -7.31
N ALA D 306 -0.73 15.45 -7.19
CA ALA D 306 -0.76 14.53 -8.32
C ALA D 306 -2.17 14.39 -8.88
N CYS D 307 -3.12 14.18 -7.98
CA CYS D 307 -4.51 14.04 -8.35
C CYS D 307 -5.05 15.32 -8.95
N ARG D 308 -4.64 16.45 -8.38
CA ARG D 308 -5.05 17.75 -8.85
C ARG D 308 -4.65 17.97 -10.31
N GLN D 309 -3.38 17.70 -10.63
CA GLN D 309 -2.90 17.86 -12.00
C GLN D 309 -3.57 16.85 -12.94
N TYR D 310 -3.74 15.62 -12.47
CA TYR D 310 -4.36 14.56 -13.24
C TYR D 310 -5.77 14.95 -13.69
N VAL D 311 -6.62 15.32 -12.75
CA VAL D 311 -7.98 15.69 -13.07
C VAL D 311 -8.10 17.00 -13.85
N TYR D 312 -7.27 17.99 -13.53
CA TYR D 312 -7.30 19.27 -14.23
C TYR D 312 -6.94 19.15 -15.70
N ASN D 313 -5.89 18.39 -15.98
CA ASN D 313 -5.46 18.20 -17.36
C ASN D 313 -6.46 17.40 -18.18
N VAL D 314 -7.07 16.38 -17.58
CA VAL D 314 -8.09 15.60 -18.28
C VAL D 314 -9.32 16.48 -18.56
N ALA D 315 -9.67 17.33 -17.60
CA ALA D 315 -10.78 18.25 -17.77
C ALA D 315 -10.48 19.24 -18.91
N LYS D 316 -9.27 19.79 -18.94
CA LYS D 316 -8.87 20.74 -19.99
C LYS D 316 -9.02 20.09 -21.36
N ALA D 317 -8.58 18.83 -21.45
CA ALA D 317 -8.65 18.06 -22.69
C ALA D 317 -10.11 17.78 -23.09
N CYS D 318 -10.97 17.63 -22.10
CA CYS D 318 -12.38 17.39 -22.35
C CYS D 318 -12.98 18.65 -22.97
N ASP D 319 -12.62 19.81 -22.43
CA ASP D 319 -13.10 21.09 -22.95
C ASP D 319 -12.61 21.34 -24.37
N GLU D 320 -11.59 20.59 -24.79
CA GLU D 320 -11.05 20.71 -26.13
C GLU D 320 -11.78 19.74 -27.05
N GLY D 321 -12.64 18.93 -26.46
CA GLY D 321 -13.39 17.96 -27.23
C GLY D 321 -12.76 16.59 -27.16
N HIS D 322 -11.88 16.40 -26.18
CA HIS D 322 -11.22 15.11 -26.04
C HIS D 322 -11.54 14.45 -24.72
N CYS D 323 -12.56 13.59 -24.74
CA CYS D 323 -12.99 12.86 -23.56
C CYS D 323 -12.94 11.37 -23.87
N THR D 324 -12.77 10.56 -22.83
CA THR D 324 -12.75 9.12 -22.99
C THR D 324 -13.29 8.52 -21.70
N ALA D 325 -13.92 7.36 -21.82
CA ALA D 325 -14.48 6.68 -20.68
C ALA D 325 -13.37 6.29 -19.72
N LYS D 326 -12.34 5.65 -20.25
CA LYS D 326 -11.22 5.21 -19.40
C LYS D 326 -10.56 6.36 -18.64
N ASP D 327 -10.35 7.48 -19.31
CA ASP D 327 -9.73 8.62 -18.67
C ASP D 327 -10.60 9.32 -17.64
N CYS D 328 -11.92 9.33 -17.86
CA CYS D 328 -12.84 9.95 -16.91
C CYS D 328 -12.97 9.06 -15.69
N ALA D 329 -12.96 7.74 -15.92
CA ALA D 329 -13.05 6.77 -14.86
C ALA D 329 -11.70 6.74 -14.13
N GLY D 330 -10.63 6.95 -14.88
CA GLY D 330 -9.29 6.96 -14.32
C GLY D 330 -9.12 8.03 -13.26
N VAL D 331 -9.35 9.28 -13.63
CA VAL D 331 -9.19 10.39 -12.71
C VAL D 331 -9.93 10.26 -11.39
N ILE D 332 -11.15 9.74 -11.44
CA ILE D 332 -11.89 9.61 -10.20
C ILE D 332 -11.50 8.36 -9.41
N LEU D 333 -11.09 7.30 -10.10
CA LEU D 333 -10.68 6.08 -9.42
C LEU D 333 -9.46 6.40 -8.56
N TYR D 334 -8.52 7.11 -9.17
CA TYR D 334 -7.28 7.53 -8.52
C TYR D 334 -7.54 8.53 -7.40
N SER D 335 -8.22 9.62 -7.71
CA SER D 335 -8.51 10.65 -6.73
C SER D 335 -9.33 10.15 -5.54
N ALA D 336 -10.32 9.28 -5.80
CA ALA D 336 -11.16 8.76 -4.74
C ALA D 336 -10.39 7.94 -3.71
N GLU D 337 -9.53 7.06 -4.18
CA GLU D 337 -8.74 6.23 -3.29
C GLU D 337 -7.68 7.03 -2.52
N CYS D 338 -7.16 8.10 -3.12
CA CYS D 338 -6.17 8.95 -2.45
C CYS D 338 -6.84 9.76 -1.34
N ALA D 339 -8.01 10.31 -1.65
CA ALA D 339 -8.77 11.11 -0.71
C ALA D 339 -9.03 10.41 0.62
N THR D 340 -9.44 9.14 0.53
CA THR D 340 -9.74 8.36 1.72
C THR D 340 -8.50 8.14 2.59
N GLN D 341 -7.39 7.70 1.99
CA GLN D 341 -6.18 7.47 2.75
C GLN D 341 -5.66 8.76 3.35
N VAL D 342 -5.67 9.84 2.58
CA VAL D 342 -5.21 11.13 3.07
C VAL D 342 -6.04 11.52 4.28
N ALA D 343 -7.36 11.35 4.18
CA ALA D 343 -8.30 11.67 5.25
C ALA D 343 -7.98 10.84 6.49
N LEU D 344 -7.53 9.62 6.27
CA LEU D 344 -7.18 8.69 7.33
C LEU D 344 -5.95 9.25 8.07
N ASP D 345 -5.00 9.80 7.31
CA ASP D 345 -3.80 10.40 7.89
C ASP D 345 -4.15 11.65 8.69
N GLY D 346 -5.09 12.44 8.17
CA GLY D 346 -5.49 13.65 8.86
C GLY D 346 -5.94 13.40 10.30
N ILE D 347 -6.67 12.30 10.50
CA ILE D 347 -7.13 11.94 11.84
C ILE D 347 -5.89 11.59 12.67
N GLN D 348 -5.04 10.76 12.07
CA GLN D 348 -3.80 10.29 12.69
C GLN D 348 -2.93 11.42 13.25
N CYS D 349 -2.73 12.46 12.44
CA CYS D 349 -1.94 13.61 12.82
C CYS D 349 -2.53 14.41 13.97
N PHE D 350 -3.84 14.28 14.19
CA PHE D 350 -4.49 14.99 15.28
C PHE D 350 -4.52 14.20 16.57
N GLY D 351 -4.15 12.93 16.50
CA GLY D 351 -4.16 12.10 17.68
C GLY D 351 -5.58 11.97 18.20
N GLY D 352 -5.74 11.96 19.53
CA GLY D 352 -7.05 11.84 20.12
C GLY D 352 -8.03 12.86 19.55
N ASN D 353 -7.54 14.08 19.35
CA ASN D 353 -8.34 15.17 18.83
C ASN D 353 -8.97 14.89 17.45
N GLY D 354 -8.32 14.05 16.66
CA GLY D 354 -8.85 13.73 15.35
C GLY D 354 -9.93 12.69 15.43
N TYR D 355 -10.06 12.07 16.61
CA TYR D 355 -11.06 11.03 16.85
C TYR D 355 -12.35 11.52 17.51
N ILE D 356 -12.45 12.82 17.79
CA ILE D 356 -13.67 13.37 18.39
C ILE D 356 -14.39 14.17 17.33
N ASN D 357 -15.72 14.21 17.42
CA ASN D 357 -16.54 14.91 16.43
C ASN D 357 -16.49 16.43 16.50
N ASP D 358 -15.84 16.94 17.54
CA ASP D 358 -15.67 18.38 17.68
C ASP D 358 -14.74 18.89 16.57
N PHE D 359 -13.92 17.99 16.03
CA PHE D 359 -13.00 18.31 14.93
C PHE D 359 -13.56 17.67 13.66
N PRO D 360 -13.33 18.28 12.50
CA PRO D 360 -13.83 17.75 11.22
C PRO D 360 -13.00 16.67 10.54
N MET D 361 -11.95 16.19 11.20
CA MET D 361 -11.08 15.17 10.61
C MET D 361 -11.84 13.87 10.36
N GLY D 362 -12.74 13.53 11.30
CA GLY D 362 -13.52 12.32 11.16
C GLY D 362 -14.52 12.47 10.02
N ARG D 363 -15.02 13.69 9.85
CA ARG D 363 -15.98 13.96 8.79
C ARG D 363 -15.34 13.73 7.44
N PHE D 364 -14.15 14.29 7.24
CA PHE D 364 -13.42 14.13 5.98
C PHE D 364 -13.31 12.66 5.57
N LEU D 365 -13.05 11.79 6.54
CA LEU D 365 -12.93 10.37 6.25
C LEU D 365 -14.26 9.79 5.79
N ARG D 366 -15.29 10.02 6.60
CA ARG D 366 -16.63 9.53 6.31
C ARG D 366 -17.18 10.02 4.96
N ASP D 367 -16.90 11.27 4.61
CA ASP D 367 -17.33 11.83 3.33
C ASP D 367 -16.55 11.19 2.19
N ALA D 368 -15.23 11.23 2.30
CA ALA D 368 -14.31 10.70 1.30
C ALA D 368 -14.66 9.30 0.80
N LYS D 369 -14.96 8.39 1.72
CA LYS D 369 -15.28 7.02 1.38
C LYS D 369 -16.41 6.89 0.34
N LEU D 370 -17.35 7.82 0.36
CA LEU D 370 -18.44 7.78 -0.60
C LEU D 370 -17.91 7.68 -2.03
N TYR D 371 -16.96 8.54 -2.39
CA TYR D 371 -16.43 8.57 -3.74
C TYR D 371 -15.87 7.26 -4.29
N GLU D 372 -15.66 6.28 -3.42
CA GLU D 372 -15.15 5.00 -3.88
C GLU D 372 -16.32 4.11 -4.26
N ILE D 373 -17.52 4.60 -4.01
CA ILE D 373 -18.76 3.88 -4.30
C ILE D 373 -19.67 4.67 -5.25
N GLY D 374 -19.90 5.95 -4.97
CA GLY D 374 -20.74 6.76 -5.82
C GLY D 374 -20.08 7.06 -7.14
N ALA D 375 -20.87 7.13 -8.21
CA ALA D 375 -20.38 7.37 -9.58
C ALA D 375 -19.66 6.13 -10.08
N GLY D 376 -20.02 4.99 -9.50
CA GLY D 376 -19.41 3.73 -9.87
C GLY D 376 -18.36 3.31 -8.86
N THR D 377 -18.46 2.08 -8.37
CA THR D 377 -17.50 1.59 -7.40
C THR D 377 -16.10 1.52 -8.03
N SER D 378 -15.06 1.48 -7.21
CA SER D 378 -13.69 1.41 -7.73
C SER D 378 -13.60 0.21 -8.67
N GLU D 379 -14.24 -0.88 -8.28
CA GLU D 379 -14.25 -2.12 -9.05
C GLU D 379 -14.82 -1.94 -10.45
N VAL D 380 -15.91 -1.20 -10.54
CA VAL D 380 -16.54 -0.93 -11.84
C VAL D 380 -15.64 -0.03 -12.69
N ARG D 381 -14.93 0.89 -12.03
CA ARG D 381 -14.05 1.81 -12.72
C ARG D 381 -12.81 1.11 -13.27
N ARG D 382 -12.35 0.08 -12.58
CA ARG D 382 -11.18 -0.65 -13.06
C ARG D 382 -11.57 -1.45 -14.29
N LEU D 383 -12.80 -1.97 -14.27
CA LEU D 383 -13.33 -2.75 -15.37
C LEU D 383 -13.50 -1.88 -16.61
N VAL D 384 -13.91 -0.63 -16.41
CA VAL D 384 -14.09 0.33 -17.50
C VAL D 384 -12.76 0.54 -18.23
N ILE D 385 -11.71 0.80 -17.46
CA ILE D 385 -10.37 1.03 -17.99
C ILE D 385 -9.79 -0.23 -18.61
N GLY D 386 -9.89 -1.35 -17.90
CA GLY D 386 -9.38 -2.60 -18.41
C GLY D 386 -10.03 -2.96 -19.74
N ARG D 387 -11.35 -2.78 -19.82
CA ARG D 387 -12.08 -3.09 -21.04
C ARG D 387 -11.70 -2.14 -22.16
N ALA D 388 -11.41 -0.89 -21.82
CA ALA D 388 -11.00 0.08 -22.83
C ALA D 388 -9.81 -0.50 -23.58
N PHE D 389 -8.87 -1.04 -22.81
CA PHE D 389 -7.67 -1.65 -23.38
C PHE D 389 -8.05 -2.91 -24.11
N ASN D 390 -9.01 -3.65 -23.57
CA ASN D 390 -9.47 -4.89 -24.20
C ASN D 390 -9.96 -4.64 -25.62
N ALA D 391 -10.68 -3.54 -25.80
CA ALA D 391 -11.24 -3.20 -27.10
C ALA D 391 -10.21 -2.61 -28.05
N ASP D 392 -9.04 -2.29 -27.51
CA ASP D 392 -7.96 -1.74 -28.32
C ASP D 392 -7.32 -2.87 -29.15
PA FAD E . 23.35 7.20 2.50
O1A FAD E . 23.39 8.67 2.64
O2A FAD E . 24.33 6.34 3.20
O5B FAD E . 21.94 6.78 3.01
C5B FAD E . 21.59 5.44 3.27
C4B FAD E . 20.16 5.29 3.81
O4B FAD E . 19.99 6.15 4.97
C3B FAD E . 19.09 5.72 2.76
O3B FAD E . 17.85 5.04 3.03
C2B FAD E . 18.97 7.19 3.19
O2B FAD E . 17.73 7.67 2.69
C1B FAD E . 18.91 7.04 4.72
N9A FAD E . 19.09 8.34 5.35
C8A FAD E . 20.17 9.18 5.30
N7A FAD E . 20.00 10.30 5.94
C5A FAD E . 18.71 10.20 6.46
C6A FAD E . 17.92 11.08 7.23
N6A FAD E . 18.32 12.29 7.62
N1A FAD E . 16.68 10.68 7.58
C2A FAD E . 16.27 9.49 7.18
N3A FAD E . 16.90 8.58 6.45
C4A FAD E . 18.14 9.01 6.11
N1 FAD E . 26.25 11.46 -7.21
C2 FAD E . 26.76 12.50 -7.90
O2 FAD E . 27.26 13.47 -7.36
N3 FAD E . 26.71 12.46 -9.26
C4 FAD E . 26.18 11.43 -10.03
O4 FAD E . 26.25 11.55 -11.26
C4X FAD E . 25.64 10.34 -9.28
N5 FAD E . 25.17 9.30 -10.04
C5X FAD E . 24.75 8.26 -9.27
C6 FAD E . 24.45 7.09 -9.98
C7 FAD E . 24.18 5.91 -9.36
C7M FAD E . 23.90 4.65 -10.18
C8 FAD E . 24.18 5.84 -7.94
C8M FAD E . 23.93 4.53 -7.18
C9 FAD E . 24.43 6.97 -7.24
C9A FAD E . 24.74 8.19 -7.88
N10 FAD E . 25.20 9.29 -7.17
C10 FAD E . 25.71 10.42 -7.89
C1' FAD E . 25.13 9.24 -5.74
C2' FAD E . 23.76 9.43 -5.08
O2' FAD E . 23.41 10.82 -5.03
C3' FAD E . 23.82 8.85 -3.65
O3' FAD E . 24.11 7.45 -3.68
C4' FAD E . 22.52 9.08 -2.85
O4' FAD E . 22.36 10.47 -2.47
C5' FAD E . 22.50 8.22 -1.59
O5' FAD E . 23.69 8.39 -0.81
P FAD E . 24.39 7.22 -0.05
O1P FAD E . 24.56 6.11 -1.01
O2P FAD E . 25.58 7.86 0.58
O3P FAD E . 23.36 6.76 1.00
N1A COS F . 18.74 26.88 -2.85
C2A COS F . 19.75 27.60 -2.33
N3A COS F . 20.38 27.42 -1.17
C4A COS F . 19.88 26.37 -0.51
C5A COS F . 18.85 25.54 -0.90
C6A COS F . 18.25 25.81 -2.17
N6A COS F . 17.31 25.01 -2.66
N7A COS F . 18.61 24.52 0.05
C8A COS F . 19.49 24.79 0.98
N9A COS F . 20.30 25.89 0.71
C1B COS F . 21.47 26.34 1.47
C2B COS F . 20.98 26.53 2.91
O2B COS F . 20.33 27.80 2.96
C3B COS F . 22.34 26.49 3.63
O3B COS F . 23.13 27.69 3.29
P3B COS F . 23.32 28.91 4.42
O7A COS F . 23.82 28.14 5.60
O8A COS F . 21.97 29.53 4.59
O9A COS F . 24.30 29.79 3.71
C4B COS F . 22.98 25.25 2.95
O4B COS F . 22.47 25.27 1.59
C5B COS F . 22.56 23.95 3.65
O5B COS F . 21.18 23.63 3.54
P1A COS F . 20.37 22.70 4.60
O1A COS F . 20.13 23.55 5.82
O2A COS F . 19.22 22.12 3.83
O3A COS F . 21.47 21.50 4.92
P2A COS F . 21.39 19.89 5.19
O4A COS F . 22.81 19.34 5.27
O5A COS F . 20.38 19.51 6.24
O6A COS F . 20.81 19.49 3.72
CBP COS F . 19.40 17.82 2.60
CCP COS F . 19.46 19.02 3.53
CDP COS F . 19.53 16.56 3.45
CEP COS F . 17.97 17.88 2.06
CAP COS F . 20.53 17.98 1.48
OAP COS F . 21.84 17.61 1.97
C9P COS F . 20.27 17.15 0.21
O9P COS F . 19.58 17.61 -0.70
N8P COS F . 20.83 15.88 0.13
C7P COS F . 20.65 15.01 -1.01
C6P COS F . 21.85 15.06 -1.94
C5P COS F . 21.51 14.62 -3.36
O5P COS F . 20.36 14.71 -3.78
N4P COS F . 22.50 14.12 -4.21
C3P COS F . 22.23 13.74 -5.56
C2P COS F . 23.49 13.63 -6.38
S1P COS F . 23.19 12.96 -8.05
S'P COS F . 22.47 11.10 -7.71
PA FAD G . 0.61 -17.51 -17.20
O1A FAD G . -0.25 -18.62 -16.78
O2A FAD G . 0.78 -17.16 -18.63
O5B FAD G . 0.15 -16.26 -16.40
C5B FAD G . 0.57 -14.96 -16.81
C4B FAD G . -0.15 -13.84 -16.06
O4B FAD G . -1.58 -14.01 -16.26
C3B FAD G . 0.11 -13.93 -14.55
O3B FAD G . -0.10 -12.68 -13.89
C2B FAD G . -1.07 -14.84 -14.19
O2B FAD G . -1.31 -14.77 -12.78
C1B FAD G . -2.21 -14.17 -14.99
N9A FAD G . -3.41 -15.05 -15.04
C8A FAD G . -3.51 -16.32 -15.55
N7A FAD G . -4.65 -16.88 -15.33
C5A FAD G . -5.38 -15.92 -14.62
C6A FAD G . -6.68 -15.93 -14.09
N6A FAD G . -7.50 -16.96 -14.23
N1A FAD G . -7.07 -14.83 -13.44
C2A FAD G . -6.24 -13.81 -13.34
N3A FAD G . -5.01 -13.67 -13.79
C4A FAD G . -4.64 -14.79 -14.44
N1 FAD G . 6.81 -25.57 -12.88
C2 FAD G . 6.94 -26.86 -12.59
O2 FAD G . 6.21 -27.73 -13.06
N3 FAD G . 8.02 -27.22 -11.84
C4 FAD G . 9.02 -26.40 -11.37
O4 FAD G . 9.97 -26.93 -10.77
C4X FAD G . 8.88 -25.03 -11.68
N5 FAD G . 9.91 -24.22 -11.26
C5X FAD G . 9.75 -22.95 -11.71
C6 FAD G . 10.85 -22.10 -11.49
C7 FAD G . 10.93 -20.84 -12.00
C7M FAD G . 12.17 -20.03 -11.76
C8 FAD G . 9.88 -20.32 -12.78
C8M FAD G . 9.93 -18.92 -13.45
C9 FAD G . 8.80 -21.13 -12.97
C9A FAD G . 8.71 -22.43 -12.47
N10 FAD G . 7.65 -23.32 -12.83
C10 FAD G . 7.75 -24.68 -12.45
C1' FAD G . 6.53 -22.83 -13.58
C2' FAD G . 5.55 -21.94 -12.80
O2' FAD G . 4.69 -22.80 -12.08
C3' FAD G . 4.75 -21.07 -13.77
O3' FAD G . 5.63 -20.17 -14.48
C4' FAD G . 3.66 -20.21 -13.07
O4' FAD G . 2.57 -21.04 -12.62
C5' FAD G . 3.14 -19.14 -14.04
O5' FAD G . 2.80 -19.71 -15.33
P FAD G . 3.05 -19.03 -16.74
O1P FAD G . 4.44 -18.50 -16.76
O2P FAD G . 2.59 -19.93 -17.83
O3P FAD G . 2.07 -17.73 -16.63
N1A COS H . -7.21 -31.37 -3.71
C2A COS H . -7.70 -32.36 -4.48
N3A COS H . -8.30 -32.31 -5.67
C4A COS H . -8.38 -31.01 -6.09
C5A COS H . -7.93 -29.90 -5.42
C6A COS H . -7.31 -30.10 -4.17
N6A COS H . -6.77 -29.11 -3.45
N7A COS H . -8.17 -28.75 -6.17
C8A COS H . -8.74 -29.20 -7.25
N9A COS H . -8.89 -30.57 -7.28
C1B COS H . -9.40 -31.43 -8.36
C2B COS H . -10.78 -30.87 -8.76
O2B COS H . -11.77 -31.41 -7.87
C3B COS H . -10.92 -31.47 -10.16
O3B COS H . -11.06 -32.91 -10.00
P3B COS H . -12.52 -33.61 -10.35
O7A COS H . -12.79 -32.99 -11.70
O8A COS H . -13.40 -33.20 -9.19
O9A COS H . -12.18 -35.10 -10.39
C4B COS H . -9.52 -31.13 -10.73
O4B COS H . -8.64 -31.29 -9.58
C5B COS H . -9.49 -29.70 -11.29
O5B COS H . -9.64 -28.64 -10.35
P1A COS H . -10.13 -27.15 -10.73
O1A COS H . -11.61 -27.30 -10.84
O2A COS H . -9.63 -26.22 -9.68
O3A COS H . -9.45 -26.93 -12.18
P2A COS H . -8.82 -25.56 -12.85
O4A COS H . -8.13 -25.93 -14.15
O5A COS H . -9.72 -24.35 -12.86
O6A COS H . -7.62 -25.28 -11.77
CBP COS H . -6.21 -23.56 -10.73
CCP COS H . -7.60 -24.19 -10.84
CDP COS H . -6.11 -22.49 -11.78
CEP COS H . -6.26 -22.90 -9.36
CAP COS H . -5.10 -24.68 -10.87
OAP COS H . -4.85 -25.10 -12.24
C9P COS H . -3.74 -24.27 -10.30
O9P COS H . -3.45 -24.48 -9.12
N8P COS H . -2.85 -23.70 -11.20
C7P COS H . -1.51 -23.28 -10.78
C6P COS H . -0.43 -24.31 -11.10
C5P COS H . 0.79 -24.20 -10.20
O5P COS H . 0.70 -23.78 -9.05
N4P COS H . 1.99 -24.64 -10.70
C3P COS H . 3.20 -24.62 -9.90
C2P COS H . 4.27 -25.59 -10.37
S1P COS H . 5.81 -25.40 -9.43
S'P COS H . 6.31 -23.44 -9.72
PA FAD I . -0.29 13.66 20.46
O1A FAD I . 0.73 13.12 21.42
O2A FAD I . -0.55 15.11 20.37
O5B FAD I . 0.16 13.13 19.04
C5B FAD I . -0.36 13.65 17.85
C4B FAD I . 0.37 13.16 16.61
O4B FAD I . 1.80 13.46 16.72
C3B FAD I . 0.24 11.62 16.46
O3B FAD I . 0.43 11.24 15.10
C2B FAD I . 1.52 11.20 17.20
O2B FAD I . 1.88 9.92 16.78
C1B FAD I . 2.51 12.22 16.62
N9A FAD I . 3.74 12.21 17.44
C8A FAD I . 3.88 12.52 18.78
N7A FAD I . 5.09 12.35 19.23
C5A FAD I . 5.80 11.89 18.11
C6A FAD I . 7.15 11.53 17.95
N6A FAD I . 8.03 11.55 18.97
N1A FAD I . 7.52 11.14 16.71
C2A FAD I . 6.62 11.12 15.71
N3A FAD I . 5.34 11.43 15.74
C4A FAD I . 4.99 11.81 17.01
N1 FAD I . -5.47 7.52 28.01
C2 FAD I . -5.49 7.00 29.25
O2 FAD I . -4.74 7.41 30.13
N3 FAD I . -6.49 6.11 29.54
C4 FAD I . -7.49 5.66 28.72
O4 FAD I . -8.30 4.87 29.19
C4X FAD I . -7.46 6.23 27.42
N5 FAD I . -8.50 5.85 26.61
C5X FAD I . -8.49 6.49 25.43
C6 FAD I . -9.62 6.31 24.63
C7 FAD I . -9.84 7.01 23.48
C7M FAD I . -11.12 6.78 22.70
C8 FAD I . -8.89 7.95 23.05
C8M FAD I . -9.06 8.83 21.79
C9 FAD I . -7.79 8.11 23.80
C9A FAD I . -7.55 7.41 24.99
N10 FAD I . -6.48 7.73 25.85
C10 FAD I . -6.44 7.13 27.13
C1' FAD I . -5.45 8.65 25.41
C2' FAD I . -4.44 8.11 24.39
O2' FAD I . -3.50 7.35 25.13
C3' FAD I . -3.78 9.29 23.64
O3' FAD I . -4.84 9.97 22.91
C4' FAD I . -2.70 8.86 22.61
O4' FAD I . -1.50 8.43 23.24
C5' FAD I . -2.34 10.03 21.67
O5' FAD I . -2.01 11.23 22.39
P FAD I . -2.45 12.71 22.00
O1P FAD I . -3.89 12.71 21.57
O2P FAD I . -2.02 13.64 23.08
O3P FAD I . -1.61 12.84 20.66
N1A COS J . 9.85 -0.88 31.31
C2A COS J . 10.32 -0.20 32.38
N3A COS J . 10.77 1.06 32.47
C4A COS J . 10.70 1.64 31.25
C5A COS J . 10.25 1.08 30.06
C6A COS J . 9.80 -0.25 30.09
N6A COS J . 9.29 -0.86 28.98
N7A COS J . 10.33 2.03 29.00
C8A COS J . 10.80 3.12 29.57
N9A COS J . 11.04 2.94 30.95
C1B COS J . 11.47 3.94 31.92
C2B COS J . 12.74 4.60 31.33
O2B COS J . 13.84 3.70 31.62
C3B COS J . 12.78 5.92 32.13
O3B COS J . 13.00 5.64 33.53
P3B COS J . 14.52 5.98 34.20
O7A COS J . 14.71 7.43 33.77
O8A COS J . 15.45 4.97 33.56
O9A COS J . 14.27 5.79 35.69
C4B COS J . 11.29 6.32 31.96
O4B COS J . 10.53 5.05 32.01
C5B COS J . 11.06 7.06 30.63
O5B COS J . 11.25 6.22 29.47
P1A COS J . 11.60 6.91 28.00
O1A COS J . 13.07 7.30 28.00
O2A COS J . 11.12 5.93 26.96
O3A COS J . 10.62 8.34 28.05
P2A COS J . 9.77 9.24 26.84
O4A COS J . 9.01 10.38 27.52
O5A COS J . 10.50 9.53 25.54
O6A COS J . 8.74 7.97 26.56
CBP COS J . 7.34 7.02 24.75
CCP COS J . 8.77 7.22 25.32
CDP COS J . 7.03 8.21 23.83
CEP COS J . 7.46 5.77 23.84
CAP COS J . 6.33 6.85 25.99
OAP COS J . 6.03 8.16 26.61
C9P COS J . 5.01 6.17 25.60
O9P COS J . 4.89 4.94 25.64
N8P COS J . 3.94 7.03 25.26
C7P COS J . 2.63 6.53 24.84
C6P COS J . 1.64 6.51 26.01
C5P COS J . 0.54 5.47 25.84
O5P COS J . 0.73 4.46 25.15
N4P COS J . -0.66 5.72 26.50
C3P COS J . -1.75 4.76 26.41
C2P COS J . -2.83 4.98 27.47
S1P COS J . -4.32 3.96 27.13
S'P COS J . -4.95 4.68 25.33
PA FAD K . -23.69 -3.47 -5.70
O1A FAD K . -23.71 -3.36 -7.18
O2A FAD K . -24.57 -4.43 -4.98
O5B FAD K . -22.17 -3.79 -5.42
C5B FAD K . -21.68 -4.30 -4.15
C4B FAD K . -20.22 -4.75 -4.21
O4B FAD K . -20.05 -5.71 -5.28
C3B FAD K . -19.28 -3.56 -4.55
O3B FAD K . -17.98 -3.83 -4.06
C2B FAD K . -19.26 -3.70 -6.08
O2B FAD K . -18.15 -3.01 -6.64
C1B FAD K . -19.07 -5.20 -6.20
N9A FAD K . -19.32 -5.59 -7.60
C8A FAD K . -20.48 -5.48 -8.37
N7A FAD K . -20.36 -5.89 -9.60
C5A FAD K . -19.04 -6.31 -9.68
C6A FAD K . -18.26 -6.85 -10.75
N6A FAD K . -18.79 -7.06 -11.97
N1A FAD K . -16.97 -7.15 -10.48
C2A FAD K . -16.48 -6.94 -9.27
N3A FAD K . -17.09 -6.44 -8.20
C4A FAD K . -18.39 -6.14 -8.47
N1 FAD K . -27.52 6.68 -7.82
C2 FAD K . -28.18 7.51 -8.65
O2 FAD K . -28.83 7.13 -9.63
N3 FAD K . -28.18 8.84 -8.35
C4 FAD K . -27.59 9.42 -7.26
O4 FAD K . -27.77 10.64 -7.13
C4X FAD K . -26.91 8.56 -6.39
N5 FAD K . -26.41 9.14 -5.28
C5X FAD K . -25.87 8.25 -4.41
C6 FAD K . -25.53 8.76 -3.14
C7 FAD K . -25.14 7.95 -2.11
C7M FAD K . -24.84 8.52 -0.74
C8 FAD K . -25.05 6.56 -2.31
C8M FAD K . -24.64 5.59 -1.18
C9 FAD K . -25.35 6.07 -3.53
C9A FAD K . -25.78 6.87 -4.59
N10 FAD K . -26.30 6.33 -5.78
C10 FAD K . -26.92 7.20 -6.71
C1' FAD K . -26.18 4.91 -6.04
C2' FAD K . -24.77 4.42 -6.39
O2' FAD K . -24.50 4.70 -7.75
C3' FAD K . -24.67 2.91 -6.10
O3' FAD K . -24.85 2.69 -4.70
C4' FAD K . -23.32 2.29 -6.49
O4' FAD K . -23.17 2.24 -7.92
C5' FAD K . -23.19 0.89 -5.90
O5' FAD K . -24.31 0.07 -6.13
P FAD K . -24.99 -0.94 -5.05
O1P FAD K . -25.13 -0.26 -3.76
O2P FAD K . -26.18 -1.56 -5.70
O3P FAD K . -23.81 -2.04 -4.97
N1A COS L . -21.38 5.53 -24.53
C2A COS L . -22.44 5.01 -25.17
N3A COS L . -22.98 3.79 -25.09
C4A COS L . -22.26 3.03 -24.21
C5A COS L . -21.14 3.42 -23.46
C6A COS L . -20.68 4.76 -23.64
N6A COS L . -19.66 5.27 -22.87
N7A COS L . -20.67 2.36 -22.65
C8A COS L . -21.51 1.37 -22.91
N9A COS L . -22.51 1.71 -23.84
C1B COS L . -23.65 0.90 -24.27
C2B COS L . -23.08 -0.43 -24.80
O2B COS L . -22.65 -0.14 -26.17
C3B COS L . -24.32 -1.33 -24.69
O3B COS L . -25.31 -0.88 -25.67
P3B COS L . -25.61 -1.76 -27.07
O7A COS L . -25.92 -3.13 -26.50
O8A COS L . -24.29 -1.64 -27.84
O9A COS L . -26.78 -1.01 -27.69
C4B COS L . -24.83 -0.88 -23.29
O4B COS L . -24.48 0.51 -23.13
C5B COS L . -24.17 -1.69 -22.16
O5B COS L . -22.74 -1.46 -22.04
P1A COS L . -21.71 -2.57 -21.33
O1A COS L . -21.39 -3.65 -22.36
O2A COS L . -20.62 -1.67 -20.80
O3A COS L . -22.67 -3.26 -20.15
P2A COS L . -22.35 -3.75 -18.55
O4A COS L . -23.69 -4.05 -17.86
O5A COS L . -21.20 -4.77 -18.41
O6A COS L . -21.86 -2.26 -18.05
CBP COS L . -20.37 -1.17 -16.43
CCP COS L . -20.49 -1.94 -17.75
CDP COS L . -20.25 -2.25 -15.31
CEP COS L . -19.05 -0.43 -16.55
CAP COS L . -21.64 -0.19 -16.26
OAP COS L . -22.84 -0.88 -15.83
C9P COS L . -21.39 0.94 -15.27
O9P COS L . -20.86 2.00 -15.62
N8P COS L . -21.84 0.72 -13.93
C7P COS L . -21.64 1.74 -12.92
C6P COS L . -22.89 2.55 -12.68
C5P COS L . -22.57 3.93 -12.11
O5P COS L . -21.51 4.48 -12.38
N4P COS L . -23.54 4.52 -11.32
C3P COS L . -23.35 5.84 -10.76
C2P COS L . -24.67 6.51 -10.43
S1P COS L . -24.41 8.06 -9.53
S'P COS L . -23.65 7.43 -7.74
#